data_4OD5
#
_entry.id   4OD5
#
_cell.length_a   70.104
_cell.length_b   122.829
_cell.length_c   423.416
_cell.angle_alpha   90.00
_cell.angle_beta   90.00
_cell.angle_gamma   90.00
#
_symmetry.space_group_name_H-M   'P 21 21 21'
#
loop_
_entity.id
_entity.type
_entity.pdbx_description
1 polymer '4-hydroxybenzoate octaprenyltransferase'
2 non-polymer 'GERANYL S-THIOLODIPHOSPHATE'
3 non-polymer 'P-HYDROXYBENZOIC ACID'
4 non-polymer 'MAGNESIUM ION'
5 water water
#
_entity_poly.entity_id   1
_entity_poly.type   'polypeptide(L)'
_entity_poly.pdbx_seq_one_letter_code
;MGSSHHHHHHSSGLVPAGSMRLVRIEHTIFSLPFAYVGALLSRYPFTLADAILMAAAVVGLRMAGMAYNNIADLDIDRLN
PRTAKRPLVVGAVSLREAWALVAAGSAIYFASAALLNTYALLLSPLVLAIALTYPHAKRLHPLPHLHLGIVLGSVVFGGA
VAASGDEASSLGEVLRSVPWLYVAAVSLWVAGFDTIYSIMDIDFDRSHGLGSIPALLGPKGALAASLAMHAAAVALFIAG
VEAYGLGAIATVSTALTALVIILVQAMAWLGRVKESFNLNLAVPIIIGAGIIVDMLHHMIRLL
;
_entity_poly.pdbx_strand_id   A,B,C,D,E,F
#
loop_
_chem_comp.id
_chem_comp.type
_chem_comp.name
_chem_comp.formula
GST non-polymer 'GERANYL S-THIOLODIPHOSPHATE' 'C10 H20 O6 P2 S'
MG non-polymer 'MAGNESIUM ION' 'Mg 2'
PHB non-polymer 'P-HYDROXYBENZOIC ACID' 'C7 H6 O3'
#
# COMPACT_ATOMS: atom_id res chain seq x y z
N ARG A 21 33.18 25.94 -36.97
CA ARG A 21 32.27 26.91 -37.59
C ARG A 21 33.01 28.18 -37.98
N LEU A 22 33.54 28.88 -36.98
CA LEU A 22 34.30 30.11 -37.22
C LEU A 22 35.81 29.87 -37.14
N VAL A 23 36.22 29.10 -36.14
CA VAL A 23 37.64 28.79 -35.95
C VAL A 23 37.87 27.29 -35.81
N ARG A 24 38.49 26.69 -36.81
CA ARG A 24 38.84 25.28 -36.76
C ARG A 24 40.19 25.09 -36.08
N ILE A 25 40.18 24.51 -34.89
CA ILE A 25 41.40 24.35 -34.11
C ILE A 25 42.29 23.24 -34.65
N GLU A 26 41.75 22.46 -35.57
CA GLU A 26 42.52 21.40 -36.22
C GLU A 26 43.68 21.98 -37.02
N HIS A 27 43.39 23.06 -37.74
CA HIS A 27 44.39 23.78 -38.55
C HIS A 27 45.68 24.07 -37.79
N THR A 28 45.55 24.27 -36.48
CA THR A 28 46.67 24.61 -35.63
C THR A 28 47.80 23.57 -35.70
N ILE A 29 47.46 22.36 -36.14
CA ILE A 29 48.45 21.30 -36.29
C ILE A 29 49.57 21.70 -37.25
N PHE A 30 49.28 22.66 -38.13
CA PHE A 30 50.25 23.13 -39.10
C PHE A 30 51.11 24.25 -38.55
N SER A 31 50.61 24.93 -37.52
CA SER A 31 51.31 26.08 -36.95
C SER A 31 52.19 25.67 -35.76
N LEU A 32 52.00 24.44 -35.29
CA LEU A 32 52.77 23.92 -34.16
C LEU A 32 54.29 23.80 -34.38
N PRO A 33 54.72 23.13 -35.47
CA PRO A 33 56.16 22.83 -35.56
C PRO A 33 57.07 24.05 -35.64
N PHE A 34 56.49 25.24 -35.88
CA PHE A 34 57.27 26.46 -35.89
C PHE A 34 57.59 26.92 -34.48
N ALA A 35 56.78 26.47 -33.52
CA ALA A 35 57.05 26.73 -32.12
C ALA A 35 58.14 25.79 -31.60
N TYR A 36 58.02 24.52 -31.96
CA TYR A 36 58.98 23.51 -31.52
C TYR A 36 60.35 23.72 -32.13
N VAL A 37 60.39 24.25 -33.35
CA VAL A 37 61.66 24.49 -34.02
C VAL A 37 62.38 25.69 -33.39
N GLY A 38 61.60 26.59 -32.78
CA GLY A 38 62.17 27.73 -32.09
C GLY A 38 62.64 27.34 -30.71
N ALA A 39 62.03 26.30 -30.15
CA ALA A 39 62.37 25.81 -28.82
C ALA A 39 63.66 24.99 -28.86
N LEU A 40 63.78 24.14 -29.87
CA LEU A 40 64.94 23.26 -30.00
C LEU A 40 66.20 24.04 -30.39
N LEU A 41 66.04 25.03 -31.26
CA LEU A 41 67.17 25.82 -31.74
C LEU A 41 67.64 26.84 -30.72
N SER A 42 66.97 26.87 -29.57
CA SER A 42 67.41 27.70 -28.45
C SER A 42 68.37 26.90 -27.58
N ARG A 43 68.34 25.58 -27.75
CA ARG A 43 69.24 24.65 -27.07
C ARG A 43 69.08 24.65 -25.55
N TYR A 44 67.96 25.20 -25.07
CA TYR A 44 67.62 25.08 -23.65
C TYR A 44 66.67 23.91 -23.48
N PRO A 45 66.78 23.19 -22.34
CA PRO A 45 65.94 22.02 -22.08
C PRO A 45 64.52 22.39 -21.63
N PHE A 46 63.55 21.58 -22.06
CA PHE A 46 62.16 21.77 -21.66
C PHE A 46 61.48 20.43 -21.44
N THR A 47 60.39 20.44 -20.68
CA THR A 47 59.68 19.21 -20.35
C THR A 47 58.50 18.94 -21.29
N LEU A 48 57.89 17.77 -21.14
CA LEU A 48 56.70 17.42 -21.89
C LEU A 48 55.56 18.39 -21.55
N ALA A 49 55.48 18.74 -20.26
CA ALA A 49 54.50 19.70 -19.79
C ALA A 49 54.69 21.03 -20.51
N ASP A 50 55.95 21.48 -20.58
CA ASP A 50 56.29 22.70 -21.30
C ASP A 50 55.82 22.65 -22.74
N ALA A 51 56.01 21.49 -23.38
CA ALA A 51 55.61 21.30 -24.77
C ALA A 51 54.10 21.41 -24.94
N ILE A 52 53.35 20.71 -24.09
CA ILE A 52 51.89 20.76 -24.11
C ILE A 52 51.41 22.19 -23.91
N LEU A 53 52.08 22.92 -23.01
CA LEU A 53 51.75 24.31 -22.77
C LEU A 53 52.05 25.18 -23.99
N MET A 54 53.11 24.84 -24.72
CA MET A 54 53.42 25.51 -25.97
C MET A 54 52.28 25.34 -26.96
N ALA A 55 51.88 24.08 -27.15
CA ALA A 55 50.76 23.75 -28.05
C ALA A 55 49.50 24.54 -27.67
N ALA A 56 49.18 24.55 -26.38
CA ALA A 56 48.03 25.30 -25.88
C ALA A 56 48.14 26.78 -26.19
N ALA A 57 49.33 27.34 -25.98
CA ALA A 57 49.59 28.74 -26.29
C ALA A 57 49.32 29.01 -27.77
N VAL A 58 49.75 28.08 -28.61
CA VAL A 58 49.58 28.23 -30.05
C VAL A 58 48.11 28.17 -30.45
N VAL A 59 47.36 27.20 -29.93
CA VAL A 59 45.95 27.09 -30.29
C VAL A 59 45.16 28.28 -29.76
N GLY A 60 45.62 28.84 -28.63
CA GLY A 60 44.98 30.02 -28.08
C GLY A 60 45.21 31.22 -28.97
N LEU A 61 46.47 31.43 -29.34
CA LEU A 61 46.83 32.55 -30.20
C LEU A 61 46.13 32.46 -31.56
N ARG A 62 46.06 31.24 -32.08
CA ARG A 62 45.37 31.00 -33.34
C ARG A 62 43.88 31.33 -33.21
N MET A 63 43.27 30.89 -32.11
CA MET A 63 41.85 31.14 -31.89
C MET A 63 41.58 32.65 -31.85
N ALA A 64 42.34 33.36 -31.03
CA ALA A 64 42.20 34.80 -30.91
C ALA A 64 42.39 35.52 -32.24
N GLY A 65 43.51 35.22 -32.91
CA GLY A 65 43.84 35.84 -34.18
C GLY A 65 42.82 35.61 -35.27
N MET A 66 42.43 34.35 -35.45
CA MET A 66 41.46 33.97 -36.48
C MET A 66 40.08 34.56 -36.21
N ALA A 67 39.66 34.57 -34.95
CA ALA A 67 38.37 35.14 -34.59
C ALA A 67 38.35 36.65 -34.84
N TYR A 68 39.33 37.35 -34.26
CA TYR A 68 39.38 38.80 -34.40
C TYR A 68 39.66 39.22 -35.83
N ASN A 69 40.18 38.29 -36.64
CA ASN A 69 40.29 38.52 -38.07
C ASN A 69 38.90 38.76 -38.66
N ASN A 70 38.03 37.76 -38.54
CA ASN A 70 36.66 37.85 -39.02
C ASN A 70 35.92 39.04 -38.39
N ILE A 71 36.27 39.37 -37.15
CA ILE A 71 35.66 40.52 -36.49
C ILE A 71 36.06 41.85 -37.15
N ALA A 72 37.35 42.11 -37.21
CA ALA A 72 37.87 43.40 -37.69
C ALA A 72 37.51 43.67 -39.14
N ASP A 73 38.05 42.85 -40.05
CA ASP A 73 37.69 42.98 -41.46
C ASP A 73 36.38 42.24 -41.75
N LEU A 74 35.28 42.75 -41.19
CA LEU A 74 33.96 42.20 -41.46
C LEU A 74 33.21 43.09 -42.44
N ASP A 75 33.25 44.40 -42.17
CA ASP A 75 32.58 45.38 -43.01
C ASP A 75 33.09 45.33 -44.45
N ILE A 76 34.37 44.98 -44.61
CA ILE A 76 34.98 44.92 -45.93
C ILE A 76 35.10 43.48 -46.44
N ASP A 77 34.58 42.53 -45.67
CA ASP A 77 34.56 41.13 -46.11
C ASP A 77 33.14 40.75 -46.50
N ARG A 78 32.20 41.66 -46.30
CA ARG A 78 30.83 41.49 -46.76
C ARG A 78 30.70 41.99 -48.20
N LEU A 79 31.53 42.98 -48.52
CA LEU A 79 31.53 43.61 -49.83
C LEU A 79 32.21 42.73 -50.86
N ASN A 80 33.01 41.78 -50.39
CA ASN A 80 33.83 40.95 -51.25
C ASN A 80 33.07 39.75 -51.81
N PRO A 81 33.01 39.65 -53.15
CA PRO A 81 32.48 38.51 -53.89
C PRO A 81 33.05 37.19 -53.40
N ARG A 82 34.35 37.22 -53.20
CA ARG A 82 35.13 36.06 -52.84
C ARG A 82 34.73 35.52 -51.47
N THR A 83 34.43 36.42 -50.54
CA THR A 83 34.15 36.03 -49.17
C THR A 83 32.75 36.42 -48.70
N ALA A 84 31.73 36.11 -49.50
CA ALA A 84 30.35 36.35 -49.11
C ALA A 84 29.76 35.09 -48.48
N LYS A 85 30.54 34.02 -48.50
CA LYS A 85 30.11 32.75 -47.93
C LYS A 85 30.77 32.51 -46.58
N ARG A 86 31.65 33.44 -46.19
CA ARG A 86 32.29 33.40 -44.89
C ARG A 86 31.25 33.46 -43.78
N PRO A 87 31.51 32.74 -42.67
CA PRO A 87 30.65 32.86 -41.49
C PRO A 87 30.72 34.28 -40.93
N LEU A 88 29.82 34.63 -40.02
CA LEU A 88 29.73 35.97 -39.43
C LEU A 88 29.24 37.00 -40.44
N VAL A 89 29.28 36.64 -41.72
CA VAL A 89 28.72 37.47 -42.78
C VAL A 89 27.31 36.98 -43.11
N VAL A 90 27.23 35.70 -43.46
CA VAL A 90 25.95 35.05 -43.74
C VAL A 90 25.11 34.99 -42.47
N GLY A 91 25.80 34.72 -41.35
CA GLY A 91 25.15 34.49 -40.08
C GLY A 91 25.89 33.37 -39.38
N ALA A 92 25.24 32.21 -39.28
CA ALA A 92 25.84 31.02 -38.69
C ALA A 92 26.36 31.26 -37.27
N VAL A 93 27.36 32.13 -37.15
CA VAL A 93 27.88 32.54 -35.86
C VAL A 93 27.51 33.99 -35.57
N SER A 94 27.31 34.31 -34.30
CA SER A 94 27.01 35.68 -33.89
C SER A 94 28.31 36.44 -33.63
N LEU A 95 28.20 37.76 -33.52
CA LEU A 95 29.34 38.58 -33.15
C LEU A 95 29.76 38.23 -31.72
N ARG A 96 28.77 37.83 -30.92
CA ARG A 96 28.98 37.46 -29.54
C ARG A 96 29.84 36.21 -29.40
N GLU A 97 29.51 35.17 -30.16
CA GLU A 97 30.27 33.92 -30.12
C GLU A 97 31.70 34.17 -30.58
N ALA A 98 31.85 35.06 -31.56
CA ALA A 98 33.15 35.41 -32.10
C ALA A 98 34.01 36.12 -31.05
N TRP A 99 33.47 37.17 -30.46
CA TRP A 99 34.17 37.88 -29.39
C TRP A 99 34.48 36.96 -28.22
N ALA A 100 33.59 36.01 -27.98
CA ALA A 100 33.80 34.99 -26.95
C ALA A 100 35.01 34.15 -27.28
N LEU A 101 35.16 33.83 -28.57
CA LEU A 101 36.32 33.06 -29.03
C LEU A 101 37.60 33.89 -28.93
N VAL A 102 37.47 35.20 -29.11
CA VAL A 102 38.61 36.11 -28.94
C VAL A 102 39.08 36.10 -27.50
N ALA A 103 38.15 36.36 -26.59
CA ALA A 103 38.45 36.39 -25.16
C ALA A 103 38.99 35.05 -24.68
N ALA A 104 38.41 33.96 -25.19
CA ALA A 104 38.84 32.63 -24.82
C ALA A 104 40.22 32.31 -25.36
N GLY A 105 40.52 32.79 -26.56
CA GLY A 105 41.84 32.60 -27.15
C GLY A 105 42.89 33.33 -26.33
N SER A 106 42.64 34.61 -26.07
CA SER A 106 43.54 35.42 -25.27
C SER A 106 43.74 34.80 -23.89
N ALA A 107 42.67 34.25 -23.35
CA ALA A 107 42.69 33.65 -22.02
C ALA A 107 43.55 32.38 -22.00
N ILE A 108 43.33 31.50 -22.97
CA ILE A 108 44.11 30.27 -23.08
C ILE A 108 45.59 30.60 -23.27
N TYR A 109 45.86 31.57 -24.13
CA TYR A 109 47.23 31.99 -24.40
C TYR A 109 47.89 32.52 -23.13
N PHE A 110 47.20 33.41 -22.44
CA PHE A 110 47.71 34.00 -21.20
C PHE A 110 47.94 32.93 -20.13
N ALA A 111 47.04 31.96 -20.08
CA ALA A 111 47.14 30.85 -19.15
C ALA A 111 48.40 30.03 -19.41
N SER A 112 48.61 29.67 -20.67
CA SER A 112 49.79 28.91 -21.08
C SER A 112 51.07 29.68 -20.77
N ALA A 113 51.08 30.95 -21.16
CA ALA A 113 52.23 31.83 -20.94
C ALA A 113 52.60 31.95 -19.47
N ALA A 114 51.57 32.09 -18.62
CA ALA A 114 51.78 32.20 -17.19
C ALA A 114 52.26 30.89 -16.58
N LEU A 115 51.68 29.79 -17.05
CA LEU A 115 52.03 28.45 -16.57
C LEU A 115 53.47 28.07 -16.97
N LEU A 116 53.93 28.64 -18.07
CA LEU A 116 55.29 28.36 -18.56
C LEU A 116 56.35 29.06 -17.71
N ASN A 117 56.69 30.29 -18.08
CA ASN A 117 57.70 31.06 -17.37
C ASN A 117 57.22 32.46 -17.04
N THR A 118 58.06 33.23 -16.33
CA THR A 118 57.74 34.60 -15.99
C THR A 118 57.98 35.51 -17.20
N TYR A 119 58.96 35.15 -18.02
CA TYR A 119 59.28 35.93 -19.20
C TYR A 119 58.26 35.70 -20.31
N ALA A 120 57.78 34.46 -20.42
CA ALA A 120 56.72 34.13 -21.36
C ALA A 120 55.47 34.95 -21.06
N LEU A 121 55.11 35.01 -19.77
CA LEU A 121 53.99 35.82 -19.32
C LEU A 121 54.26 37.30 -19.54
N LEU A 122 55.50 37.70 -19.34
CA LEU A 122 55.91 39.10 -19.50
C LEU A 122 55.74 39.57 -20.95
N LEU A 123 56.08 38.70 -21.90
CA LEU A 123 56.07 39.05 -23.31
C LEU A 123 54.75 38.70 -23.97
N SER A 124 53.91 37.93 -23.28
CA SER A 124 52.63 37.49 -23.81
C SER A 124 51.68 38.61 -24.28
N PRO A 125 51.61 39.75 -23.57
CA PRO A 125 50.72 40.77 -24.12
C PRO A 125 51.26 41.39 -25.42
N LEU A 126 52.58 41.47 -25.53
CA LEU A 126 53.20 42.01 -26.74
C LEU A 126 52.96 41.09 -27.94
N VAL A 127 53.14 39.79 -27.72
CA VAL A 127 52.92 38.80 -28.76
C VAL A 127 51.46 38.79 -29.20
N LEU A 128 50.55 38.86 -28.23
CA LEU A 128 49.12 38.89 -28.51
C LEU A 128 48.74 40.18 -29.23
N ALA A 129 49.44 41.27 -28.89
CA ALA A 129 49.22 42.55 -29.54
C ALA A 129 49.52 42.44 -31.04
N ILE A 130 50.64 41.80 -31.37
CA ILE A 130 51.05 41.59 -32.75
C ILE A 130 49.98 40.86 -33.56
N ALA A 131 49.49 39.76 -33.00
CA ALA A 131 48.50 38.92 -33.68
C ALA A 131 47.15 39.62 -33.83
N LEU A 132 46.86 40.55 -32.93
CA LEU A 132 45.58 41.24 -32.94
C LEU A 132 45.63 42.58 -33.67
N THR A 133 46.83 43.01 -34.05
CA THR A 133 47.00 44.29 -34.73
C THR A 133 47.00 44.12 -36.24
N TYR A 134 47.31 42.92 -36.70
CA TYR A 134 47.42 42.63 -38.14
C TYR A 134 46.19 43.02 -38.98
N PRO A 135 44.95 42.65 -38.53
CA PRO A 135 43.82 42.97 -39.40
C PRO A 135 43.61 44.47 -39.64
N HIS A 136 44.30 45.31 -38.88
CA HIS A 136 44.20 46.76 -39.05
C HIS A 136 45.38 47.30 -39.86
N ALA A 137 46.30 46.43 -40.24
CA ALA A 137 47.48 46.83 -41.00
C ALA A 137 47.11 47.26 -42.42
N LYS A 138 45.99 46.74 -42.92
CA LYS A 138 45.51 47.07 -44.26
C LYS A 138 45.15 48.55 -44.37
N ARG A 139 44.44 49.08 -43.38
CA ARG A 139 43.99 50.46 -43.39
C ARG A 139 45.11 51.46 -43.11
N LEU A 140 46.28 50.94 -42.76
CA LEU A 140 47.41 51.81 -42.40
C LEU A 140 48.44 51.90 -43.51
N HIS A 141 49.04 50.76 -43.87
CA HIS A 141 50.14 50.72 -44.82
C HIS A 141 50.03 49.48 -45.72
N PRO A 142 50.56 49.58 -46.95
CA PRO A 142 50.45 48.47 -47.91
C PRO A 142 51.39 47.31 -47.65
N LEU A 143 51.67 46.99 -46.39
CA LEU A 143 52.52 45.84 -46.08
C LEU A 143 51.93 44.94 -44.99
N PRO A 144 50.76 44.34 -45.24
CA PRO A 144 50.17 43.43 -44.24
C PRO A 144 50.91 42.09 -44.21
N HIS A 145 51.51 41.75 -45.35
CA HIS A 145 52.24 40.50 -45.49
C HIS A 145 53.39 40.42 -44.50
N LEU A 146 54.13 41.52 -44.37
CA LEU A 146 55.18 41.62 -43.36
C LEU A 146 54.62 41.40 -41.96
N HIS A 147 53.41 41.90 -41.72
CA HIS A 147 52.77 41.76 -40.42
C HIS A 147 52.47 40.30 -40.13
N LEU A 148 51.92 39.58 -41.11
CA LEU A 148 51.71 38.13 -40.98
C LEU A 148 53.03 37.42 -40.72
N GLY A 149 54.08 37.90 -41.38
CA GLY A 149 55.41 37.38 -41.16
C GLY A 149 55.85 37.49 -39.72
N ILE A 150 55.65 38.68 -39.15
CA ILE A 150 55.94 38.91 -37.74
C ILE A 150 55.06 38.02 -36.85
N VAL A 151 53.83 37.79 -37.28
CA VAL A 151 52.88 36.98 -36.52
C VAL A 151 53.34 35.53 -36.40
N LEU A 152 53.63 34.89 -37.54
CA LEU A 152 54.14 33.51 -37.50
C LEU A 152 55.61 33.53 -37.09
N GLY A 153 56.15 34.71 -36.85
CA GLY A 153 57.47 34.83 -36.27
C GLY A 153 57.37 34.76 -34.77
N SER A 154 56.25 35.25 -34.24
CA SER A 154 56.02 35.35 -32.81
C SER A 154 55.76 33.99 -32.17
N VAL A 155 55.39 33.00 -32.98
CA VAL A 155 55.18 31.65 -32.48
C VAL A 155 56.53 30.94 -32.33
N VAL A 156 57.45 31.23 -33.25
CA VAL A 156 58.83 30.75 -33.14
C VAL A 156 59.50 31.41 -31.93
N PHE A 157 59.42 32.73 -31.89
CA PHE A 157 59.93 33.53 -30.78
C PHE A 157 59.37 33.04 -29.44
N GLY A 158 58.07 32.76 -29.42
CA GLY A 158 57.40 32.28 -28.24
C GLY A 158 57.91 30.92 -27.82
N GLY A 159 58.08 30.03 -28.80
CA GLY A 159 58.62 28.71 -28.53
C GLY A 159 60.01 28.79 -27.91
N ALA A 160 60.82 29.71 -28.43
CA ALA A 160 62.17 29.93 -27.91
C ALA A 160 62.14 30.44 -26.47
N VAL A 161 61.35 31.50 -26.25
CA VAL A 161 61.31 32.12 -24.93
C VAL A 161 60.62 31.21 -23.90
N ALA A 162 59.90 30.21 -24.40
CA ALA A 162 59.22 29.26 -23.51
C ALA A 162 60.01 27.96 -23.37
N ALA A 163 61.07 27.84 -24.16
CA ALA A 163 61.89 26.63 -24.15
C ALA A 163 62.75 26.54 -22.90
N SER A 164 63.15 27.69 -22.37
CA SER A 164 64.09 27.77 -21.25
C SER A 164 63.65 26.96 -20.04
N GLY A 165 62.36 27.01 -19.72
CA GLY A 165 61.88 26.47 -18.46
C GLY A 165 62.29 27.45 -17.38
N ASP A 166 62.41 28.71 -17.78
CA ASP A 166 62.92 29.79 -16.94
C ASP A 166 64.29 29.46 -16.39
N GLU A 167 65.07 28.71 -17.17
CA GLU A 167 66.46 28.41 -16.81
C GLU A 167 67.29 29.68 -16.98
N ALA A 168 66.74 30.64 -17.72
CA ALA A 168 67.41 31.91 -17.98
C ALA A 168 67.59 32.72 -16.70
N SER A 169 68.56 33.62 -16.71
CA SER A 169 68.87 34.46 -15.56
C SER A 169 68.29 35.86 -15.73
N SER A 170 68.29 36.36 -16.95
CA SER A 170 67.75 37.69 -17.24
C SER A 170 67.15 37.76 -18.64
N LEU A 171 66.43 38.84 -18.92
CA LEU A 171 65.77 39.02 -20.21
C LEU A 171 66.80 39.18 -21.33
N GLY A 172 67.99 39.64 -20.98
CA GLY A 172 69.07 39.78 -21.94
C GLY A 172 69.57 38.44 -22.45
N GLU A 173 69.07 37.36 -21.83
CA GLU A 173 69.47 36.01 -22.20
C GLU A 173 68.43 35.34 -23.09
N VAL A 174 67.15 35.59 -22.82
CA VAL A 174 66.09 34.99 -23.62
C VAL A 174 66.03 35.61 -25.00
N LEU A 175 66.40 36.89 -25.10
CA LEU A 175 66.44 37.58 -26.37
C LEU A 175 67.67 37.16 -27.17
N ARG A 176 68.63 36.53 -26.47
CA ARG A 176 69.81 35.97 -27.11
C ARG A 176 69.63 34.46 -27.32
N SER A 177 68.53 33.93 -26.78
CA SER A 177 68.21 32.52 -26.88
C SER A 177 67.44 32.22 -28.17
N VAL A 178 66.82 33.26 -28.73
CA VAL A 178 65.98 33.12 -29.91
C VAL A 178 66.78 32.87 -31.19
N PRO A 179 66.40 31.84 -31.94
CA PRO A 179 66.97 31.62 -33.28
C PRO A 179 66.45 32.67 -34.26
N TRP A 180 67.11 33.82 -34.28
CA TRP A 180 66.60 34.99 -35.01
C TRP A 180 66.59 34.77 -36.53
N LEU A 181 67.53 33.96 -37.02
CA LEU A 181 67.57 33.64 -38.44
C LEU A 181 66.25 33.00 -38.89
N TYR A 182 65.80 31.99 -38.14
CA TYR A 182 64.64 31.21 -38.54
C TYR A 182 63.32 31.97 -38.39
N VAL A 183 63.21 32.83 -37.37
CA VAL A 183 62.01 33.65 -37.24
C VAL A 183 61.99 34.70 -38.35
N ALA A 184 63.14 35.33 -38.60
CA ALA A 184 63.23 36.33 -39.67
C ALA A 184 63.10 35.69 -41.05
N ALA A 185 63.20 34.36 -41.11
CA ALA A 185 63.08 33.63 -42.37
C ALA A 185 61.64 33.18 -42.61
N VAL A 186 61.04 32.53 -41.62
CA VAL A 186 59.65 32.10 -41.72
C VAL A 186 58.76 33.33 -41.90
N SER A 187 59.18 34.45 -41.30
CA SER A 187 58.49 35.72 -41.47
C SER A 187 58.44 36.11 -42.95
N LEU A 188 59.61 36.14 -43.58
CA LEU A 188 59.72 36.52 -45.00
C LEU A 188 59.01 35.54 -45.91
N TRP A 189 58.99 34.26 -45.53
CA TRP A 189 58.28 33.25 -46.28
C TRP A 189 56.78 33.51 -46.27
N VAL A 190 56.23 33.68 -45.06
CA VAL A 190 54.81 33.97 -44.89
C VAL A 190 54.42 35.23 -45.63
N ALA A 191 55.18 36.30 -45.41
CA ALA A 191 54.98 37.55 -46.13
C ALA A 191 55.00 37.32 -47.64
N GLY A 192 55.85 36.40 -48.08
CA GLY A 192 55.96 36.07 -49.49
C GLY A 192 54.70 35.45 -50.05
N PHE A 193 54.32 34.28 -49.55
CA PHE A 193 53.18 33.57 -50.14
C PHE A 193 51.85 34.29 -49.85
N ASP A 194 51.84 35.17 -48.85
CA ASP A 194 50.68 36.03 -48.65
C ASP A 194 50.66 37.14 -49.69
N THR A 195 51.83 37.68 -50.01
CA THR A 195 51.95 38.68 -51.06
C THR A 195 51.46 38.09 -52.38
N ILE A 196 51.76 36.82 -52.61
CA ILE A 196 51.25 36.11 -53.77
C ILE A 196 49.74 35.92 -53.68
N TYR A 197 49.26 35.47 -52.52
CA TYR A 197 47.84 35.19 -52.33
C TYR A 197 46.95 36.43 -52.49
N SER A 198 47.53 37.61 -52.25
CA SER A 198 46.78 38.86 -52.30
C SER A 198 46.63 39.42 -53.72
N ILE A 199 47.05 38.63 -54.71
CA ILE A 199 46.96 39.07 -56.11
C ILE A 199 45.52 39.00 -56.63
N MET A 200 44.77 37.99 -56.20
CA MET A 200 43.37 37.87 -56.61
C MET A 200 42.52 39.00 -56.02
N ASP A 201 43.06 39.69 -55.02
CA ASP A 201 42.35 40.78 -54.36
C ASP A 201 42.80 42.17 -54.83
N ILE A 202 43.66 42.20 -55.85
CA ILE A 202 44.19 43.46 -56.39
C ILE A 202 43.08 44.46 -56.73
N ASP A 203 42.06 43.95 -57.41
CA ASP A 203 40.92 44.78 -57.79
C ASP A 203 40.17 45.29 -56.56
N PHE A 204 39.67 44.36 -55.75
CA PHE A 204 38.88 44.69 -54.57
C PHE A 204 39.61 45.58 -53.57
N ASP A 205 40.88 45.25 -53.29
CA ASP A 205 41.65 45.94 -52.26
C ASP A 205 42.09 47.36 -52.65
N ARG A 206 41.66 47.84 -53.81
CA ARG A 206 42.02 49.20 -54.23
C ARG A 206 40.77 50.01 -54.58
N SER A 207 39.66 49.31 -54.77
CA SER A 207 38.37 49.98 -54.84
C SER A 207 38.15 50.73 -53.55
N HIS A 208 38.39 50.02 -52.45
CA HIS A 208 38.30 50.60 -51.11
C HIS A 208 39.69 51.01 -50.66
N GLY A 209 39.76 51.70 -49.51
CA GLY A 209 41.02 52.23 -49.03
C GLY A 209 42.03 51.20 -48.58
N LEU A 210 41.73 49.93 -48.79
CA LEU A 210 42.61 48.83 -48.38
C LEU A 210 43.98 48.94 -49.04
N GLY A 211 44.97 48.29 -48.43
CA GLY A 211 46.33 48.36 -48.93
C GLY A 211 47.00 47.01 -49.01
N SER A 212 47.85 46.84 -50.01
CA SER A 212 48.64 45.62 -50.17
C SER A 212 49.74 45.87 -51.19
N ILE A 213 50.72 44.98 -51.24
CA ILE A 213 51.79 45.07 -52.22
C ILE A 213 51.30 44.87 -53.66
N PRO A 214 50.49 43.82 -53.92
CA PRO A 214 50.03 43.67 -55.31
C PRO A 214 49.04 44.75 -55.76
N ALA A 215 48.60 45.60 -54.83
CA ALA A 215 47.73 46.71 -55.17
C ALA A 215 48.55 47.96 -55.46
N LEU A 216 49.64 48.13 -54.72
CA LEU A 216 50.56 49.25 -54.94
C LEU A 216 51.18 49.12 -56.33
N LEU A 217 51.89 48.03 -56.54
CA LEU A 217 52.47 47.72 -57.85
C LEU A 217 51.75 46.52 -58.45
N GLY A 218 51.75 46.43 -59.78
CA GLY A 218 50.99 45.41 -60.49
C GLY A 218 51.28 43.98 -60.08
N PRO A 219 50.41 43.05 -60.51
CA PRO A 219 50.54 41.61 -60.22
C PRO A 219 51.91 41.06 -60.64
N LYS A 220 52.45 41.57 -61.74
CA LYS A 220 53.79 41.19 -62.18
C LYS A 220 54.82 41.67 -61.17
N GLY A 221 54.75 42.95 -60.81
CA GLY A 221 55.65 43.53 -59.83
C GLY A 221 55.50 42.89 -58.47
N ALA A 222 54.30 42.41 -58.18
CA ALA A 222 54.03 41.70 -56.93
C ALA A 222 54.83 40.41 -56.87
N LEU A 223 54.75 39.62 -57.95
CA LEU A 223 55.50 38.38 -58.07
C LEU A 223 57.00 38.64 -57.96
N ALA A 224 57.43 39.79 -58.47
CA ALA A 224 58.82 40.21 -58.37
C ALA A 224 59.21 40.45 -56.91
N ALA A 225 58.38 41.20 -56.20
CA ALA A 225 58.60 41.45 -54.78
C ALA A 225 58.49 40.15 -53.99
N SER A 226 57.59 39.27 -54.43
CA SER A 226 57.44 37.96 -53.83
C SER A 226 58.72 37.14 -54.01
N LEU A 227 59.33 37.28 -55.18
CA LEU A 227 60.59 36.60 -55.47
C LEU A 227 61.68 37.06 -54.51
N ALA A 228 61.75 38.37 -54.30
CA ALA A 228 62.76 38.95 -53.42
C ALA A 228 62.59 38.47 -51.99
N MET A 229 61.34 38.29 -51.57
CA MET A 229 61.04 37.81 -50.23
C MET A 229 61.49 36.35 -50.05
N HIS A 230 60.92 35.47 -50.86
CA HIS A 230 61.23 34.04 -50.78
C HIS A 230 62.71 33.74 -51.04
N ALA A 231 63.38 34.61 -51.79
CA ALA A 231 64.81 34.48 -52.00
C ALA A 231 65.54 34.65 -50.68
N ALA A 232 65.27 35.76 -50.00
CA ALA A 232 65.84 36.03 -48.70
C ALA A 232 65.38 35.02 -47.66
N ALA A 233 64.21 34.42 -47.90
CA ALA A 233 63.70 33.38 -47.02
C ALA A 233 64.58 32.12 -47.11
N VAL A 234 64.80 31.65 -48.34
CA VAL A 234 65.65 30.48 -48.57
C VAL A 234 67.09 30.78 -48.14
N ALA A 235 67.52 32.02 -48.36
CA ALA A 235 68.86 32.45 -47.98
C ALA A 235 69.12 32.25 -46.49
N LEU A 236 68.13 32.59 -45.67
CA LEU A 236 68.27 32.49 -44.23
C LEU A 236 68.14 31.04 -43.74
N PHE A 237 67.22 30.29 -44.34
CA PHE A 237 67.04 28.88 -43.99
C PHE A 237 68.35 28.11 -44.19
N ILE A 238 69.09 28.49 -45.22
CA ILE A 238 70.38 27.88 -45.51
C ILE A 238 71.46 28.38 -44.55
N ALA A 239 71.46 29.68 -44.28
CA ALA A 239 72.43 30.27 -43.37
C ALA A 239 72.35 29.64 -41.98
N GLY A 240 71.16 29.19 -41.60
CA GLY A 240 70.96 28.54 -40.32
C GLY A 240 71.64 27.19 -40.23
N VAL A 241 71.76 26.51 -41.37
CA VAL A 241 72.42 25.21 -41.43
C VAL A 241 73.87 25.30 -40.99
N GLU A 242 74.50 26.43 -41.29
CA GLU A 242 75.88 26.66 -40.88
C GLU A 242 75.95 27.31 -39.49
N ALA A 243 75.02 28.22 -39.23
CA ALA A 243 74.98 28.94 -37.96
C ALA A 243 74.77 27.99 -36.78
N TYR A 244 73.99 26.94 -37.02
CA TYR A 244 73.76 25.91 -36.02
C TYR A 244 74.34 24.59 -36.52
N GLY A 245 74.42 23.59 -35.65
CA GLY A 245 74.86 22.28 -36.08
C GLY A 245 73.84 21.69 -37.03
N LEU A 246 72.60 21.62 -36.55
CA LEU A 246 71.45 21.21 -37.35
C LEU A 246 71.56 19.78 -37.92
N GLY A 247 72.54 19.03 -37.45
CA GLY A 247 72.71 17.64 -37.83
C GLY A 247 72.72 17.40 -39.32
N ALA A 248 72.16 16.26 -39.73
CA ALA A 248 72.12 15.88 -41.14
C ALA A 248 70.75 15.37 -41.55
N ILE A 249 69.80 15.39 -40.62
CA ILE A 249 68.43 15.01 -40.93
C ILE A 249 67.55 16.26 -41.00
N ALA A 250 68.09 17.36 -40.49
CA ALA A 250 67.40 18.65 -40.58
C ALA A 250 67.92 19.43 -41.77
N THR A 251 69.03 18.98 -42.32
CA THR A 251 69.61 19.61 -43.51
C THR A 251 68.93 19.09 -44.76
N VAL A 252 68.20 17.98 -44.64
CA VAL A 252 67.36 17.48 -45.72
C VAL A 252 66.00 18.16 -45.62
N SER A 253 65.66 18.58 -44.41
CA SER A 253 64.42 19.30 -44.17
C SER A 253 64.56 20.72 -44.69
N THR A 254 65.75 21.29 -44.53
CA THR A 254 66.04 22.61 -45.06
C THR A 254 66.03 22.57 -46.58
N ALA A 255 66.56 21.49 -47.14
CA ALA A 255 66.62 21.30 -48.59
C ALA A 255 65.21 21.10 -49.16
N LEU A 256 64.48 20.15 -48.58
CA LEU A 256 63.11 19.88 -49.01
C LEU A 256 62.23 21.12 -48.89
N THR A 257 62.47 21.92 -47.86
CA THR A 257 61.73 23.16 -47.67
C THR A 257 62.08 24.19 -48.74
N ALA A 258 63.36 24.47 -48.89
CA ALA A 258 63.85 25.43 -49.88
C ALA A 258 63.40 25.03 -51.28
N LEU A 259 63.27 23.72 -51.49
CA LEU A 259 62.74 23.17 -52.72
C LEU A 259 61.26 23.54 -52.90
N VAL A 260 60.46 23.29 -51.87
CA VAL A 260 59.03 23.60 -51.90
C VAL A 260 58.78 25.09 -52.13
N ILE A 261 59.55 25.93 -51.45
CA ILE A 261 59.45 27.39 -51.59
C ILE A 261 59.64 27.80 -53.06
N ILE A 262 60.42 27.01 -53.78
CA ILE A 262 60.64 27.27 -55.20
C ILE A 262 59.40 26.96 -56.05
N LEU A 263 58.78 25.80 -55.81
CA LEU A 263 57.57 25.42 -56.55
C LEU A 263 56.44 26.43 -56.37
N VAL A 264 56.24 26.88 -55.14
CA VAL A 264 55.18 27.86 -54.87
C VAL A 264 55.50 29.17 -55.56
N GLN A 265 56.78 29.40 -55.85
CA GLN A 265 57.21 30.54 -56.63
C GLN A 265 57.06 30.20 -58.11
N ALA A 266 57.35 28.95 -58.45
CA ALA A 266 57.26 28.46 -59.83
C ALA A 266 55.83 28.46 -60.33
N MET A 267 54.94 27.78 -59.60
CA MET A 267 53.53 27.70 -59.96
C MET A 267 52.89 29.09 -60.01
N ALA A 268 53.43 30.01 -59.22
CA ALA A 268 52.91 31.38 -59.17
C ALA A 268 53.14 32.11 -60.49
N TRP A 269 54.40 32.15 -60.93
CA TRP A 269 54.75 32.80 -62.18
C TRP A 269 54.09 32.14 -63.38
N LEU A 270 53.73 30.86 -63.23
CA LEU A 270 53.05 30.12 -64.27
C LEU A 270 51.53 30.37 -64.27
N GLY A 271 51.11 31.34 -63.45
CA GLY A 271 49.70 31.73 -63.41
C GLY A 271 48.87 30.86 -62.47
N ARG A 272 49.19 29.58 -62.42
CA ARG A 272 48.50 28.66 -61.53
C ARG A 272 48.77 29.01 -60.07
N VAL A 273 48.06 30.02 -59.58
CA VAL A 273 48.32 30.59 -58.27
C VAL A 273 47.61 29.84 -57.15
N LYS A 274 46.51 29.16 -57.48
CA LYS A 274 45.75 28.42 -56.48
C LYS A 274 46.56 27.23 -55.95
N GLU A 275 47.30 26.59 -56.84
CA GLU A 275 48.16 25.47 -56.44
C GLU A 275 49.42 25.98 -55.75
N SER A 276 49.79 27.22 -56.05
CA SER A 276 50.96 27.85 -55.45
C SER A 276 50.73 28.14 -53.96
N PHE A 277 49.48 28.07 -53.53
CA PHE A 277 49.13 28.33 -52.14
C PHE A 277 49.19 27.04 -51.33
N ASN A 278 48.48 26.01 -51.79
CA ASN A 278 48.38 24.75 -51.07
C ASN A 278 49.72 24.03 -50.92
N LEU A 279 50.69 24.40 -51.74
CA LEU A 279 52.02 23.81 -51.67
C LEU A 279 52.78 24.33 -50.45
N ASN A 280 52.37 25.50 -49.94
CA ASN A 280 52.95 26.06 -48.74
C ASN A 280 52.55 25.26 -47.50
N LEU A 281 51.58 24.36 -47.67
CA LEU A 281 51.11 23.52 -46.58
C LEU A 281 52.06 22.35 -46.36
N ALA A 282 52.98 22.16 -47.31
CA ALA A 282 53.92 21.05 -47.26
C ALA A 282 55.05 21.27 -46.25
N VAL A 283 55.62 22.48 -46.25
CA VAL A 283 56.77 22.78 -45.40
C VAL A 283 56.53 22.58 -43.89
N PRO A 284 55.31 22.90 -43.38
CA PRO A 284 55.11 22.51 -41.98
C PRO A 284 55.17 21.00 -41.79
N ILE A 285 54.56 20.25 -42.72
CA ILE A 285 54.63 18.79 -42.69
C ILE A 285 56.06 18.33 -42.87
N ILE A 286 56.81 19.02 -43.71
CA ILE A 286 58.22 18.71 -43.95
C ILE A 286 59.05 18.86 -42.69
N ILE A 287 59.07 20.06 -42.13
CA ILE A 287 59.85 20.33 -40.92
C ILE A 287 59.19 19.72 -39.69
N GLY A 288 57.91 19.42 -39.80
CA GLY A 288 57.18 18.77 -38.71
C GLY A 288 57.65 17.35 -38.55
N ALA A 289 57.67 16.59 -39.64
CA ALA A 289 58.19 15.24 -39.63
C ALA A 289 59.71 15.25 -39.44
N GLY A 290 60.32 16.40 -39.71
CA GLY A 290 61.74 16.59 -39.50
C GLY A 290 62.09 16.73 -38.03
N ILE A 291 61.18 17.31 -37.27
CA ILE A 291 61.33 17.41 -35.82
C ILE A 291 61.10 16.04 -35.19
N ILE A 292 60.10 15.32 -35.71
CA ILE A 292 59.96 13.89 -35.43
C ILE A 292 61.15 13.20 -36.11
N VAL A 293 61.32 11.89 -35.90
CA VAL A 293 62.57 11.18 -36.16
C VAL A 293 63.77 12.10 -35.85
N ASP A 294 63.95 12.33 -34.55
CA ASP A 294 64.89 13.32 -34.02
C ASP A 294 66.29 13.23 -34.64
N ARG B 21 53.39 22.81 -4.71
CA ARG B 21 54.21 23.67 -3.87
C ARG B 21 53.36 24.72 -3.17
N LEU B 22 52.74 25.60 -3.96
CA LEU B 22 51.88 26.64 -3.42
C LEU B 22 50.41 26.29 -3.58
N VAL B 23 50.06 25.76 -4.74
CA VAL B 23 48.67 25.38 -5.02
C VAL B 23 48.58 23.95 -5.55
N ARG B 24 48.04 23.05 -4.73
CA ARG B 24 47.83 21.66 -5.15
C ARG B 24 46.49 21.53 -5.86
N ILE B 25 46.54 21.28 -7.17
CA ILE B 25 45.32 21.22 -7.97
C ILE B 25 44.55 19.92 -7.74
N GLU B 26 45.17 18.99 -7.03
CA GLU B 26 44.52 17.72 -6.70
C GLU B 26 43.33 17.97 -5.77
N HIS B 27 43.52 18.86 -4.80
CA HIS B 27 42.48 19.23 -3.85
C HIS B 27 41.15 19.59 -4.52
N THR B 28 41.24 20.13 -5.73
CA THR B 28 40.07 20.57 -6.47
C THR B 28 39.06 19.44 -6.69
N ILE B 29 39.51 18.19 -6.57
CA ILE B 29 38.64 17.03 -6.71
C ILE B 29 37.50 17.08 -5.68
N PHE B 30 37.71 17.79 -4.58
CA PHE B 30 36.70 17.91 -3.53
C PHE B 30 35.74 19.05 -3.79
N SER B 31 36.16 20.01 -4.61
CA SER B 31 35.33 21.19 -4.87
C SER B 31 34.47 21.01 -6.12
N LEU B 32 34.77 19.96 -6.89
CA LEU B 32 34.04 19.68 -8.13
C LEU B 32 32.55 19.36 -7.95
N PRO B 33 32.20 18.40 -7.08
CA PRO B 33 30.80 17.95 -7.08
C PRO B 33 29.78 19.02 -6.69
N PHE B 34 30.24 20.15 -6.16
CA PHE B 34 29.34 21.25 -5.84
C PHE B 34 28.97 22.02 -7.10
N ALA B 35 29.80 21.91 -8.13
CA ALA B 35 29.49 22.50 -9.42
C ALA B 35 28.48 21.62 -10.16
N TYR B 36 28.72 20.31 -10.14
CA TYR B 36 27.86 19.36 -10.84
C TYR B 36 26.47 19.28 -10.20
N VAL B 37 26.41 19.47 -8.89
CA VAL B 37 25.14 19.41 -8.18
C VAL B 37 24.30 20.66 -8.50
N GLY B 38 24.98 21.75 -8.86
CA GLY B 38 24.29 22.97 -9.24
C GLY B 38 23.83 22.90 -10.68
N ALA B 39 24.54 22.10 -11.47
CA ALA B 39 24.22 21.94 -12.88
C ALA B 39 23.01 21.01 -13.07
N LEU B 40 22.99 19.93 -12.31
CA LEU B 40 21.93 18.94 -12.41
C LEU B 40 20.61 19.46 -11.86
N LEU B 41 20.69 20.21 -10.76
CA LEU B 41 19.48 20.72 -10.10
C LEU B 41 18.91 21.93 -10.83
N SER B 42 19.55 22.32 -11.93
CA SER B 42 19.02 23.36 -12.81
C SER B 42 18.12 22.72 -13.86
N ARG B 43 18.28 21.41 -14.03
CA ARG B 43 17.47 20.60 -14.93
C ARG B 43 17.59 21.02 -16.40
N TYR B 44 18.64 21.76 -16.72
CA TYR B 44 18.97 22.05 -18.11
C TYR B 44 20.03 21.05 -18.58
N PRO B 45 19.98 20.65 -19.85
CA PRO B 45 20.92 19.67 -20.40
C PRO B 45 22.28 20.27 -20.73
N PHE B 46 23.33 19.48 -20.52
CA PHE B 46 24.69 19.90 -20.84
C PHE B 46 25.50 18.73 -21.39
N THR B 47 26.58 19.03 -22.10
CA THR B 47 27.39 18.00 -22.74
C THR B 47 28.60 17.62 -21.90
N LEU B 48 29.32 16.59 -22.33
CA LEU B 48 30.55 16.18 -21.69
C LEU B 48 31.58 17.31 -21.76
N ALA B 49 31.61 17.98 -22.92
CA ALA B 49 32.48 19.13 -23.11
C ALA B 49 32.18 20.21 -22.07
N ASP B 50 30.89 20.50 -21.91
CA ASP B 50 30.44 21.46 -20.90
C ASP B 50 30.94 21.08 -19.51
N ALA B 51 30.88 19.78 -19.20
CA ALA B 51 31.32 19.28 -17.90
C ALA B 51 32.82 19.50 -17.69
N ILE B 52 33.61 19.11 -18.69
CA ILE B 52 35.05 19.30 -18.63
C ILE B 52 35.39 20.77 -18.46
N LEU B 53 34.65 21.63 -19.15
CA LEU B 53 34.83 23.08 -19.03
C LEU B 53 34.48 23.57 -17.63
N MET B 54 33.47 22.94 -17.03
CA MET B 54 33.10 23.25 -15.64
C MET B 54 34.28 22.93 -14.73
N ALA B 55 34.81 21.71 -14.86
CA ALA B 55 35.96 21.28 -14.07
C ALA B 55 37.13 22.25 -14.21
N ALA B 56 37.42 22.62 -15.45
CA ALA B 56 38.49 23.57 -15.74
C ALA B 56 38.25 24.92 -15.06
N ALA B 57 37.00 25.39 -15.13
CA ALA B 57 36.62 26.63 -14.48
C ALA B 57 36.88 26.56 -12.98
N VAL B 58 36.56 25.40 -12.40
CA VAL B 58 36.74 25.19 -10.97
C VAL B 58 38.21 25.17 -10.59
N VAL B 59 39.05 24.45 -11.34
CA VAL B 59 40.47 24.38 -11.00
C VAL B 59 41.13 25.74 -11.20
N GLY B 60 40.61 26.52 -12.15
CA GLY B 60 41.12 27.85 -12.38
C GLY B 60 40.79 28.77 -11.21
N LEU B 61 39.52 28.75 -10.81
CA LEU B 61 39.07 29.58 -9.71
C LEU B 61 39.79 29.21 -8.41
N ARG B 62 40.00 27.91 -8.21
CA ARG B 62 40.73 27.42 -7.04
C ARG B 62 42.16 27.91 -7.08
N MET B 63 42.79 27.82 -8.24
CA MET B 63 44.18 28.26 -8.39
C MET B 63 44.30 29.75 -8.03
N ALA B 64 43.48 30.58 -8.65
CA ALA B 64 43.47 32.01 -8.41
C ALA B 64 43.23 32.33 -6.92
N GLY B 65 42.16 31.77 -6.37
CA GLY B 65 41.80 32.01 -4.99
C GLY B 65 42.86 31.61 -3.99
N MET B 66 43.37 30.39 -4.13
CA MET B 66 44.38 29.86 -3.21
C MET B 66 45.69 30.62 -3.31
N ALA B 67 46.08 31.00 -4.53
CA ALA B 67 47.31 31.75 -4.71
C ALA B 67 47.19 33.15 -4.09
N TYR B 68 46.15 33.88 -4.48
CA TYR B 68 45.96 35.23 -3.98
C TYR B 68 45.66 35.23 -2.48
N ASN B 69 45.25 34.09 -1.95
CA ASN B 69 45.15 33.94 -0.50
C ASN B 69 46.50 34.16 0.14
N ASN B 70 47.46 33.31 -0.22
CA ASN B 70 48.82 33.42 0.27
C ASN B 70 49.43 34.78 -0.03
N ILE B 71 49.04 35.38 -1.15
CA ILE B 71 49.53 36.72 -1.48
C ILE B 71 49.02 37.78 -0.50
N ALA B 72 47.70 37.90 -0.38
CA ALA B 72 47.07 38.95 0.40
C ALA B 72 47.42 38.88 1.87
N ASP B 73 46.99 37.81 2.54
CA ASP B 73 47.35 37.61 3.93
C ASP B 73 48.73 36.95 4.03
N LEU B 74 49.76 37.69 3.63
CA LEU B 74 51.14 37.23 3.76
C LEU B 74 51.81 37.90 4.94
N ASP B 75 51.65 39.22 5.02
CA ASP B 75 52.23 40.02 6.09
C ASP B 75 51.75 39.56 7.46
N ILE B 76 50.51 39.06 7.51
CA ILE B 76 49.94 38.60 8.77
C ILE B 76 49.97 37.08 8.89
N ASP B 77 50.55 36.41 7.90
CA ASP B 77 50.72 34.97 7.98
C ASP B 77 52.17 34.62 8.27
N ARG B 78 53.02 35.65 8.32
CA ARG B 78 54.41 35.49 8.74
C ARG B 78 54.52 35.63 10.25
N LEU B 79 53.61 36.41 10.81
CA LEU B 79 53.57 36.68 12.25
C LEU B 79 52.98 35.50 13.02
N ASN B 80 52.27 34.64 12.30
CA ASN B 80 51.55 33.53 12.91
C ASN B 80 52.44 32.32 13.15
N PRO B 81 52.53 31.89 14.43
CA PRO B 81 53.21 30.66 14.84
C PRO B 81 52.73 29.46 14.06
N ARG B 82 51.41 29.41 13.86
CA ARG B 82 50.76 28.30 13.19
C ARG B 82 51.18 28.17 11.73
N THR B 83 51.37 29.31 11.07
CA THR B 83 51.67 29.30 9.64
C THR B 83 53.02 29.93 9.30
N ALA B 84 54.06 29.53 10.00
CA ALA B 84 55.41 30.00 9.69
C ALA B 84 56.12 29.00 8.78
N LYS B 85 55.45 27.89 8.51
CA LYS B 85 55.99 26.85 7.64
C LYS B 85 55.32 26.90 6.26
N ARG B 86 54.35 27.81 6.12
CA ARG B 86 53.69 28.05 4.84
C ARG B 86 54.71 28.48 3.80
N PRO B 87 54.51 28.05 2.54
CA PRO B 87 55.32 28.56 1.44
C PRO B 87 55.10 30.06 1.25
N LEU B 88 55.96 30.71 0.47
CA LEU B 88 55.91 32.16 0.24
C LEU B 88 56.31 32.95 1.49
N VAL B 89 56.33 32.27 2.64
CA VAL B 89 56.83 32.85 3.88
C VAL B 89 58.28 32.43 4.08
N VAL B 90 58.49 31.11 4.11
CA VAL B 90 59.83 30.55 4.21
C VAL B 90 60.65 30.89 2.97
N GLY B 91 59.98 30.84 1.82
CA GLY B 91 60.62 31.02 0.53
C GLY B 91 59.99 30.04 -0.43
N ALA B 92 60.74 29.01 -0.82
CA ALA B 92 60.24 27.96 -1.70
C ALA B 92 59.68 28.51 -3.02
N VAL B 93 58.60 29.27 -2.92
CA VAL B 93 58.02 29.94 -4.07
C VAL B 93 58.24 31.46 -3.98
N SER B 94 58.39 32.11 -5.12
CA SER B 94 58.55 33.55 -5.16
C SER B 94 57.19 34.23 -5.23
N LEU B 95 57.16 35.53 -4.99
CA LEU B 95 55.94 36.31 -5.16
C LEU B 95 55.54 36.30 -6.63
N ARG B 96 56.55 36.22 -7.50
CA ARG B 96 56.35 36.19 -8.94
C ARG B 96 55.61 34.93 -9.39
N GLU B 97 56.05 33.77 -8.93
CA GLU B 97 55.41 32.51 -9.28
C GLU B 97 53.97 32.49 -8.79
N ALA B 98 53.75 33.09 -7.61
CA ALA B 98 52.44 33.16 -7.01
C ALA B 98 51.49 34.02 -7.85
N TRP B 99 51.93 35.24 -8.16
CA TRP B 99 51.14 36.13 -9.01
C TRP B 99 50.90 35.51 -10.38
N ALA B 100 51.87 34.74 -10.85
CA ALA B 100 51.74 34.01 -12.10
C ALA B 100 50.63 32.99 -12.00
N LEU B 101 50.52 32.34 -10.85
CA LEU B 101 49.46 31.38 -10.61
C LEU B 101 48.10 32.07 -10.49
N VAL B 102 48.10 33.31 -9.99
CA VAL B 102 46.89 34.11 -9.94
C VAL B 102 46.38 34.44 -11.33
N ALA B 103 47.27 35.00 -12.14
CA ALA B 103 46.95 35.37 -13.52
C ALA B 103 46.53 34.13 -14.32
N ALA B 104 47.22 33.02 -14.09
CA ALA B 104 46.93 31.79 -14.80
C ALA B 104 45.58 31.21 -14.39
N GLY B 105 45.26 31.34 -13.10
CA GLY B 105 43.98 30.89 -12.60
C GLY B 105 42.85 31.69 -13.20
N SER B 106 42.98 33.01 -13.13
CA SER B 106 41.98 33.91 -13.70
C SER B 106 41.82 33.66 -15.20
N ALA B 107 42.93 33.36 -15.85
CA ALA B 107 42.94 33.11 -17.29
C ALA B 107 42.22 31.82 -17.64
N ILE B 108 42.54 30.74 -16.92
CA ILE B 108 41.87 29.46 -17.14
C ILE B 108 40.37 29.58 -16.88
N TYR B 109 40.02 30.28 -15.80
CA TYR B 109 38.62 30.48 -15.45
C TYR B 109 37.89 31.25 -16.54
N PHE B 110 38.48 32.36 -16.99
CA PHE B 110 37.90 33.18 -18.04
C PHE B 110 37.75 32.40 -19.34
N ALA B 111 38.74 31.56 -19.62
CA ALA B 111 38.73 30.72 -20.82
C ALA B 111 37.56 29.74 -20.79
N SER B 112 37.41 29.06 -19.66
CA SER B 112 36.32 28.11 -19.47
C SER B 112 34.96 28.81 -19.58
N ALA B 113 34.83 29.94 -18.88
CA ALA B 113 33.60 30.72 -18.88
C ALA B 113 33.20 31.18 -20.28
N ALA B 114 34.19 31.62 -21.05
CA ALA B 114 33.96 32.08 -22.40
C ALA B 114 33.59 30.92 -23.32
N LEU B 115 34.29 29.80 -23.16
CA LEU B 115 34.05 28.60 -23.97
C LEU B 115 32.67 28.01 -23.70
N LEU B 116 32.17 28.22 -22.48
CA LEU B 116 30.86 27.70 -22.10
C LEU B 116 29.72 28.49 -22.75
N ASN B 117 29.28 29.55 -22.08
CA ASN B 117 28.18 30.36 -22.57
C ASN B 117 28.51 31.85 -22.53
N THR B 118 27.60 32.67 -23.03
CA THR B 118 27.78 34.11 -23.00
C THR B 118 27.47 34.66 -21.61
N TYR B 119 26.54 34.01 -20.91
CA TYR B 119 26.16 34.43 -19.57
C TYR B 119 27.22 34.02 -18.54
N ALA B 120 27.81 32.85 -18.76
CA ALA B 120 28.92 32.39 -17.93
C ALA B 120 30.08 33.38 -18.00
N LEU B 121 30.42 33.80 -19.22
CA LEU B 121 31.45 34.79 -19.44
C LEU B 121 31.04 36.14 -18.85
N LEU B 122 29.75 36.46 -18.94
CA LEU B 122 29.22 37.72 -18.43
C LEU B 122 29.37 37.82 -16.92
N LEU B 123 29.14 36.72 -16.23
CA LEU B 123 29.14 36.70 -14.78
C LEU B 123 30.50 36.31 -14.21
N SER B 124 31.39 35.84 -15.07
CA SER B 124 32.72 35.39 -14.66
C SER B 124 33.56 36.44 -13.90
N PRO B 125 33.50 37.73 -14.31
CA PRO B 125 34.31 38.66 -13.50
C PRO B 125 33.73 38.87 -12.10
N LEU B 126 32.41 38.79 -11.97
CA LEU B 126 31.76 38.94 -10.67
C LEU B 126 32.11 37.78 -9.75
N VAL B 127 32.03 36.56 -10.28
CA VAL B 127 32.38 35.36 -9.53
C VAL B 127 33.85 35.38 -9.11
N LEU B 128 34.73 35.78 -10.03
CA LEU B 128 36.15 35.89 -9.73
C LEU B 128 36.41 36.98 -8.71
N ALA B 129 35.61 38.04 -8.76
CA ALA B 129 35.72 39.12 -7.79
C ALA B 129 35.45 38.61 -6.38
N ILE B 130 34.40 37.81 -6.24
CA ILE B 130 34.04 37.21 -4.96
C ILE B 130 35.19 36.40 -4.36
N ALA B 131 35.78 35.54 -5.18
CA ALA B 131 36.85 34.65 -4.72
C ALA B 131 38.13 35.41 -4.39
N LEU B 132 38.32 36.57 -5.00
CA LEU B 132 39.54 37.36 -4.81
C LEU B 132 39.35 38.46 -3.77
N THR B 133 38.13 38.64 -3.29
CA THR B 133 37.85 39.69 -2.32
C THR B 133 37.90 39.15 -0.90
N TYR B 134 37.69 37.84 -0.77
CA TYR B 134 37.65 37.19 0.55
C TYR B 134 38.85 37.47 1.46
N PRO B 135 40.10 37.34 0.96
CA PRO B 135 41.22 37.54 1.89
C PRO B 135 41.29 38.94 2.52
N HIS B 136 40.51 39.87 1.99
CA HIS B 136 40.47 41.23 2.52
C HIS B 136 39.25 41.44 3.42
N ALA B 137 38.43 40.41 3.57
CA ALA B 137 37.23 40.49 4.40
C ALA B 137 37.58 40.59 5.88
N LYS B 138 38.75 40.06 6.23
CA LYS B 138 39.23 40.08 7.62
C LYS B 138 39.44 41.51 8.11
N ARG B 139 40.09 42.33 7.28
CA ARG B 139 40.40 43.71 7.66
C ARG B 139 39.18 44.62 7.64
N LEU B 140 38.05 44.12 7.15
CA LEU B 140 36.85 44.93 7.01
C LEU B 140 35.82 44.63 8.10
N HIS B 141 35.35 43.40 8.14
CA HIS B 141 34.28 43.00 9.05
C HIS B 141 34.52 41.59 9.61
N PRO B 142 34.00 41.32 10.82
CA PRO B 142 34.24 40.02 11.47
C PRO B 142 33.39 38.87 10.91
N LEU B 143 33.14 38.86 9.61
CA LEU B 143 32.40 37.76 9.00
C LEU B 143 33.05 37.22 7.72
N PRO B 144 34.28 36.69 7.83
CA PRO B 144 34.93 36.12 6.63
C PRO B 144 34.33 34.78 6.25
N HIS B 145 33.78 34.10 7.26
CA HIS B 145 33.18 32.79 7.07
C HIS B 145 32.02 32.86 6.08
N LEU B 146 31.18 33.88 6.23
CA LEU B 146 30.11 34.13 5.28
C LEU B 146 30.66 34.33 3.87
N HIS B 147 31.82 34.99 3.78
CA HIS B 147 32.44 35.25 2.49
C HIS B 147 32.88 33.95 1.83
N LEU B 148 33.52 33.06 2.60
CA LEU B 148 33.85 31.73 2.10
C LEU B 148 32.60 30.99 1.66
N GLY B 149 31.53 31.17 2.41
CA GLY B 149 30.25 30.58 2.06
C GLY B 149 29.79 31.03 0.69
N ILE B 150 29.86 32.32 0.44
CA ILE B 150 29.52 32.88 -0.86
C ILE B 150 30.47 32.35 -1.94
N VAL B 151 31.72 32.12 -1.56
CA VAL B 151 32.72 31.64 -2.51
C VAL B 151 32.41 30.23 -3.00
N LEU B 152 32.20 29.30 -2.07
CA LEU B 152 31.82 27.94 -2.46
C LEU B 152 30.35 27.90 -2.87
N GLY B 153 29.69 29.05 -2.80
CA GLY B 153 28.36 29.17 -3.33
C GLY B 153 28.45 29.51 -4.81
N SER B 154 29.50 30.23 -5.17
CA SER B 154 29.70 30.71 -6.54
C SER B 154 30.08 29.59 -7.49
N VAL B 155 30.54 28.46 -6.96
CA VAL B 155 30.87 27.32 -7.79
C VAL B 155 29.60 26.55 -8.14
N VAL B 156 28.67 26.50 -7.18
CA VAL B 156 27.34 25.94 -7.43
C VAL B 156 26.59 26.81 -8.42
N PHE B 157 26.55 28.10 -8.13
CA PHE B 157 25.94 29.09 -9.01
C PHE B 157 26.53 29.03 -10.41
N GLY B 158 27.84 28.89 -10.48
CA GLY B 158 28.54 28.79 -11.74
C GLY B 158 28.17 27.54 -12.50
N GLY B 159 28.07 26.42 -11.79
CA GLY B 159 27.67 25.17 -12.39
C GLY B 159 26.27 25.26 -12.98
N ALA B 160 25.39 25.94 -12.26
CA ALA B 160 24.02 26.15 -12.71
C ALA B 160 23.97 27.01 -13.96
N VAL B 161 24.64 28.17 -13.91
CA VAL B 161 24.61 29.11 -15.02
C VAL B 161 25.37 28.56 -16.24
N ALA B 162 26.18 27.54 -16.01
CA ALA B 162 26.93 26.92 -17.10
C ALA B 162 26.27 25.64 -17.58
N ALA B 163 25.24 25.20 -16.85
CA ALA B 163 24.53 23.97 -17.18
C ALA B 163 23.67 24.12 -18.42
N SER B 164 23.15 25.31 -18.64
CA SER B 164 22.20 25.59 -19.71
C SER B 164 22.70 25.15 -21.10
N GLY B 165 23.96 25.41 -21.38
CA GLY B 165 24.48 25.26 -22.73
C GLY B 165 23.95 26.44 -23.53
N ASP B 166 23.72 27.54 -22.82
CA ASP B 166 23.10 28.75 -23.35
C ASP B 166 21.75 28.43 -23.98
N GLU B 167 21.06 27.44 -23.43
CA GLU B 167 19.71 27.11 -23.86
C GLU B 167 18.76 28.21 -23.39
N ALA B 168 19.22 28.99 -22.41
CA ALA B 168 18.45 30.09 -21.85
C ALA B 168 18.17 31.18 -22.88
N SER B 169 17.11 31.94 -22.65
CA SER B 169 16.71 33.01 -23.55
C SER B 169 17.15 34.38 -23.03
N SER B 170 17.12 34.54 -21.71
CA SER B 170 17.53 35.79 -21.09
C SER B 170 18.15 35.56 -19.71
N LEU B 171 18.77 36.60 -19.16
CA LEU B 171 19.42 36.51 -17.86
C LEU B 171 18.41 36.29 -16.74
N GLY B 172 17.16 36.70 -16.98
CA GLY B 172 16.10 36.48 -16.01
C GLY B 172 15.74 35.01 -15.89
N GLU B 173 16.33 34.18 -16.74
CA GLU B 173 16.06 32.75 -16.73
C GLU B 173 17.17 31.98 -16.04
N VAL B 174 18.42 32.42 -16.22
CA VAL B 174 19.55 31.74 -15.60
C VAL B 174 19.57 32.00 -14.10
N LEU B 175 19.08 33.16 -13.68
CA LEU B 175 18.99 33.49 -12.27
C LEU B 175 17.83 32.76 -11.63
N ARG B 176 16.93 32.24 -12.46
CA ARG B 176 15.82 31.42 -12.00
C ARG B 176 16.14 29.94 -12.20
N SER B 177 17.27 29.67 -12.84
CA SER B 177 17.73 28.31 -13.09
C SER B 177 18.55 27.78 -11.92
N VAL B 178 19.07 28.69 -11.10
CA VAL B 178 19.95 28.35 -9.99
C VAL B 178 19.20 27.71 -8.83
N PRO B 179 19.69 26.55 -8.35
CA PRO B 179 19.17 25.94 -7.12
C PRO B 179 19.58 26.75 -5.90
N TRP B 180 18.82 27.80 -5.59
CA TRP B 180 19.23 28.78 -4.58
C TRP B 180 19.28 28.18 -3.18
N LEU B 181 18.44 27.19 -2.91
CA LEU B 181 18.46 26.50 -1.63
C LEU B 181 19.83 25.91 -1.35
N TYR B 182 20.36 25.16 -2.32
CA TYR B 182 21.61 24.44 -2.13
C TYR B 182 22.85 25.32 -2.07
N VAL B 183 22.86 26.42 -2.83
CA VAL B 183 23.97 27.36 -2.74
C VAL B 183 23.90 28.09 -1.38
N ALA B 184 22.70 28.52 -0.99
CA ALA B 184 22.53 29.20 0.28
C ALA B 184 22.74 28.25 1.46
N ALA B 185 22.77 26.95 1.18
CA ALA B 185 22.99 25.94 2.20
C ALA B 185 24.48 25.59 2.33
N VAL B 186 25.12 25.27 1.22
CA VAL B 186 26.54 24.97 1.22
C VAL B 186 27.31 26.19 1.71
N SER B 187 26.77 27.37 1.41
CA SER B 187 27.33 28.61 1.92
C SER B 187 27.38 28.61 3.44
N LEU B 188 26.23 28.37 4.05
CA LEU B 188 26.10 28.37 5.51
C LEU B 188 26.92 27.26 6.15
N TRP B 189 27.05 26.13 5.45
CA TRP B 189 27.87 25.03 5.95
C TRP B 189 29.34 25.43 6.00
N VAL B 190 29.84 25.96 4.88
CA VAL B 190 31.23 26.40 4.80
C VAL B 190 31.51 27.47 5.85
N ALA B 191 30.65 28.48 5.90
CA ALA B 191 30.73 29.52 6.92
C ALA B 191 30.77 28.91 8.31
N GLY B 192 30.01 27.84 8.50
CA GLY B 192 29.97 27.14 9.76
C GLY B 192 31.29 26.54 10.17
N PHE B 193 31.77 25.58 9.38
CA PHE B 193 32.98 24.86 9.78
C PHE B 193 34.22 25.75 9.70
N ASP B 194 34.13 26.85 8.96
CA ASP B 194 35.21 27.84 8.99
C ASP B 194 35.14 28.64 10.29
N THR B 195 33.92 28.97 10.71
CA THR B 195 33.72 29.65 11.99
C THR B 195 34.30 28.79 13.12
N ILE B 196 34.12 27.48 13.00
CA ILE B 196 34.72 26.55 13.95
C ILE B 196 36.25 26.54 13.83
N TYR B 197 36.74 26.46 12.60
CA TYR B 197 38.18 26.38 12.37
C TYR B 197 38.94 27.61 12.84
N SER B 198 38.25 28.75 12.92
CA SER B 198 38.88 30.01 13.28
C SER B 198 39.00 30.19 14.79
N ILE B 199 38.67 29.15 15.56
CA ILE B 199 38.74 29.21 17.01
C ILE B 199 40.20 29.17 17.50
N MET B 200 41.03 28.37 16.84
CA MET B 200 42.44 28.28 17.21
C MET B 200 43.17 29.61 16.94
N ASP B 201 42.54 30.47 16.16
CA ASP B 201 43.13 31.76 15.80
C ASP B 201 42.56 32.93 16.61
N ILE B 202 41.71 32.62 17.59
CA ILE B 202 41.08 33.64 18.43
C ILE B 202 42.10 34.61 19.02
N ASP B 203 43.16 34.06 19.56
CA ASP B 203 44.23 34.86 20.15
C ASP B 203 44.89 35.74 19.09
N PHE B 204 45.49 35.10 18.09
CA PHE B 204 46.23 35.80 17.03
C PHE B 204 45.38 36.84 16.29
N ASP B 205 44.16 36.47 15.92
CA ASP B 205 43.31 37.32 15.09
C ASP B 205 42.74 38.53 15.83
N ARG B 206 43.13 38.74 17.09
CA ARG B 206 42.65 39.91 17.83
C ARG B 206 43.83 40.73 18.39
N SER B 207 45.01 40.13 18.39
CA SER B 207 46.22 40.90 18.64
C SER B 207 46.35 41.97 17.59
N HIS B 208 46.16 41.54 16.34
CA HIS B 208 46.18 42.42 15.21
C HIS B 208 44.75 42.81 14.85
N GLY B 209 44.59 43.74 13.92
CA GLY B 209 43.28 44.26 13.59
C GLY B 209 42.36 43.29 12.88
N LEU B 210 42.79 42.03 12.76
CA LEU B 210 42.01 41.01 12.09
C LEU B 210 40.65 40.81 12.74
N GLY B 211 39.71 40.24 11.97
CA GLY B 211 38.36 40.05 12.45
C GLY B 211 37.83 38.65 12.17
N SER B 212 37.01 38.16 13.10
CA SER B 212 36.35 36.88 12.94
C SER B 212 35.24 36.76 13.97
N ILE B 213 34.36 35.78 13.78
CA ILE B 213 33.30 35.52 14.75
C ILE B 213 33.84 35.00 16.10
N PRO B 214 34.75 34.01 16.08
CA PRO B 214 35.23 33.55 17.40
C PRO B 214 36.12 34.57 18.11
N ALA B 215 36.46 35.67 17.43
CA ALA B 215 37.23 36.73 18.06
C ALA B 215 36.30 37.78 18.66
N LEU B 216 35.18 38.02 17.97
CA LEU B 216 34.17 38.95 18.46
C LEU B 216 33.59 38.42 19.76
N LEU B 217 32.97 37.25 19.69
CA LEU B 217 32.45 36.56 20.86
C LEU B 217 33.29 35.32 21.15
N GLY B 218 33.33 34.89 22.40
CA GLY B 218 34.21 33.82 22.83
C GLY B 218 34.04 32.51 22.08
N PRO B 219 35.01 31.58 22.25
CA PRO B 219 35.01 30.26 21.62
C PRO B 219 33.70 29.49 21.87
N LYS B 220 33.14 29.65 23.06
CA LYS B 220 31.85 29.04 23.36
C LYS B 220 30.75 29.66 22.49
N GLY B 221 30.69 30.99 22.49
CA GLY B 221 29.73 31.71 21.68
C GLY B 221 29.92 31.46 20.20
N ALA B 222 31.16 31.18 19.81
CA ALA B 222 31.46 30.84 18.42
C ALA B 222 30.78 29.54 18.03
N LEU B 223 30.97 28.52 18.87
CA LEU B 223 30.34 27.22 18.66
C LEU B 223 28.83 27.36 18.62
N ALA B 224 28.29 28.29 19.39
CA ALA B 224 26.87 28.60 19.39
C ALA B 224 26.44 29.15 18.04
N ALA B 225 27.17 30.13 17.55
CA ALA B 225 26.91 30.71 16.25
C ALA B 225 27.12 29.68 15.15
N SER B 226 28.12 28.82 15.35
CA SER B 226 28.38 27.71 14.44
C SER B 226 27.19 26.76 14.39
N LEU B 227 26.58 26.54 15.55
CA LEU B 227 25.40 25.68 15.66
C LEU B 227 24.27 26.26 14.84
N ALA B 228 24.06 27.57 14.97
CA ALA B 228 22.99 28.27 14.26
C ALA B 228 23.17 28.18 12.75
N MET B 229 24.42 28.24 12.31
CA MET B 229 24.75 28.14 10.90
C MET B 229 24.44 26.75 10.35
N HIS B 230 25.11 25.73 10.92
CA HIS B 230 24.94 24.35 10.47
C HIS B 230 23.50 23.85 10.63
N ALA B 231 22.77 24.45 11.57
CA ALA B 231 21.35 24.12 11.72
C ALA B 231 20.59 24.55 10.47
N ALA B 232 20.74 25.82 10.11
CA ALA B 232 20.10 26.36 8.91
C ALA B 232 20.66 25.68 7.66
N ALA B 233 21.88 25.17 7.74
CA ALA B 233 22.47 24.44 6.64
C ALA B 233 21.72 23.13 6.39
N VAL B 234 21.57 22.33 7.45
CA VAL B 234 20.83 21.08 7.37
C VAL B 234 19.38 21.33 7.01
N ALA B 235 18.83 22.44 7.53
CA ALA B 235 17.45 22.82 7.28
C ALA B 235 17.18 22.97 5.78
N LEU B 236 18.12 23.60 5.08
CA LEU B 236 17.97 23.86 3.66
C LEU B 236 18.23 22.61 2.81
N PHE B 237 19.23 21.82 3.20
CA PHE B 237 19.53 20.56 2.52
C PHE B 237 18.31 19.64 2.50
N ILE B 238 17.55 19.68 3.59
CA ILE B 238 16.33 18.90 3.72
C ILE B 238 15.19 19.51 2.90
N ALA B 239 15.06 20.83 2.96
CA ALA B 239 14.02 21.54 2.24
C ALA B 239 14.13 21.30 0.73
N GLY B 240 15.35 21.07 0.26
CA GLY B 240 15.60 20.80 -1.14
C GLY B 240 15.05 19.45 -1.58
N VAL B 241 15.02 18.50 -0.66
CA VAL B 241 14.50 17.17 -0.94
C VAL B 241 13.03 17.24 -1.37
N GLU B 242 12.30 18.19 -0.79
CA GLU B 242 10.89 18.38 -1.12
C GLU B 242 10.74 19.33 -2.30
N ALA B 243 11.56 20.37 -2.32
CA ALA B 243 11.51 21.39 -3.37
C ALA B 243 11.80 20.80 -4.74
N TYR B 244 12.68 19.81 -4.77
CA TYR B 244 13.00 19.09 -6.00
C TYR B 244 12.55 17.64 -5.85
N GLY B 245 12.56 16.89 -6.95
CA GLY B 245 12.24 15.48 -6.87
C GLY B 245 13.33 14.76 -6.10
N LEU B 246 14.56 14.94 -6.57
CA LEU B 246 15.77 14.45 -5.90
C LEU B 246 15.81 12.93 -5.70
N GLY B 247 14.89 12.22 -6.37
CA GLY B 247 14.86 10.78 -6.36
C GLY B 247 14.89 10.16 -4.97
N ALA B 248 15.57 9.02 -4.86
CA ALA B 248 15.67 8.30 -3.60
C ALA B 248 17.09 7.84 -3.32
N ILE B 249 18.02 8.19 -4.20
CA ILE B 249 19.43 7.86 -3.99
C ILE B 249 20.18 9.13 -3.59
N ALA B 250 19.54 10.27 -3.82
CA ALA B 250 20.10 11.56 -3.40
C ALA B 250 19.52 11.96 -2.05
N THR B 251 18.47 11.27 -1.63
CA THR B 251 17.85 11.52 -0.33
C THR B 251 18.61 10.77 0.76
N VAL B 252 19.43 9.81 0.35
CA VAL B 252 20.34 9.13 1.27
C VAL B 252 21.61 9.94 1.36
N SER B 253 21.90 10.69 0.31
CA SER B 253 23.06 11.55 0.27
C SER B 253 22.80 12.77 1.14
N THR B 254 21.55 13.24 1.13
CA THR B 254 21.14 14.36 1.97
C THR B 254 21.18 13.93 3.43
N ALA B 255 20.78 12.69 3.68
CA ALA B 255 20.78 12.13 5.03
C ALA B 255 22.19 11.93 5.55
N LEU B 256 23.01 11.25 4.76
CA LEU B 256 24.41 11.00 5.11
C LEU B 256 25.16 12.31 5.32
N THR B 257 24.81 13.32 4.53
CA THR B 257 25.42 14.64 4.67
C THR B 257 25.00 15.32 5.97
N ALA B 258 23.69 15.44 6.16
CA ALA B 258 23.13 16.04 7.36
C ALA B 258 23.65 15.34 8.61
N LEU B 259 23.90 14.05 8.49
CA LEU B 259 24.51 13.27 9.56
C LEU B 259 25.94 13.71 9.82
N VAL B 260 26.74 13.82 8.77
CA VAL B 260 28.13 14.24 8.90
C VAL B 260 28.25 15.64 9.50
N ILE B 261 27.40 16.56 9.04
CA ILE B 261 27.36 17.93 9.55
C ILE B 261 27.17 17.94 11.06
N ILE B 262 26.49 16.93 11.56
CA ILE B 262 26.26 16.77 12.99
C ILE B 262 27.53 16.37 13.74
N LEU B 263 28.25 15.38 13.23
CA LEU B 263 29.50 14.95 13.87
C LEU B 263 30.52 16.07 13.96
N VAL B 264 30.66 16.85 12.88
CA VAL B 264 31.61 17.95 12.87
C VAL B 264 31.18 19.01 13.89
N GLN B 265 29.89 19.02 14.20
CA GLN B 265 29.37 19.89 15.25
C GLN B 265 29.58 19.20 16.60
N ALA B 266 29.41 17.88 16.61
CA ALA B 266 29.57 17.07 17.81
C ALA B 266 31.01 17.07 18.31
N MET B 267 31.93 16.69 17.43
CA MET B 267 33.35 16.67 17.76
C MET B 267 33.86 18.04 18.18
N ALA B 268 33.23 19.09 17.65
CA ALA B 268 33.60 20.46 17.95
C ALA B 268 33.33 20.80 19.42
N TRP B 269 32.08 20.61 19.84
CA TRP B 269 31.69 20.89 21.22
C TRP B 269 32.44 20.00 22.21
N LEU B 270 32.91 18.85 21.73
CA LEU B 270 33.68 17.93 22.56
C LEU B 270 35.16 18.33 22.63
N GLY B 271 35.48 19.50 22.09
CA GLY B 271 36.83 20.02 22.17
C GLY B 271 37.73 19.51 21.05
N ARG B 272 37.53 18.26 20.67
CA ARG B 272 38.30 17.66 19.58
C ARG B 272 37.96 18.34 18.26
N VAL B 273 38.57 19.51 18.05
CA VAL B 273 38.24 20.38 16.92
C VAL B 273 39.00 20.00 15.66
N LYS B 274 40.17 19.38 15.81
CA LYS B 274 40.97 18.99 14.67
C LYS B 274 40.28 17.91 13.84
N GLU B 275 39.61 16.98 14.52
CA GLU B 275 38.86 15.93 13.85
C GLU B 275 37.55 16.48 13.30
N SER B 276 37.07 17.56 13.90
CA SER B 276 35.83 18.21 13.46
C SER B 276 36.00 18.89 12.11
N PHE B 277 37.24 19.04 11.68
CA PHE B 277 37.54 19.68 10.41
C PHE B 277 37.59 18.64 9.28
N ASN B 278 38.40 17.61 9.48
CA ASN B 278 38.61 16.59 8.46
C ASN B 278 37.35 15.81 8.11
N LEU B 279 36.37 15.86 9.01
CA LEU B 279 35.09 15.18 8.77
C LEU B 279 34.27 15.91 7.72
N ASN B 280 34.56 17.20 7.54
CA ASN B 280 33.90 18.00 6.51
C ASN B 280 34.35 17.59 5.11
N LEU B 281 35.40 16.78 5.05
CA LEU B 281 35.94 16.29 3.79
C LEU B 281 35.10 15.13 3.27
N ALA B 282 34.23 14.61 4.13
CA ALA B 282 33.40 13.46 3.78
C ALA B 282 32.24 13.83 2.87
N VAL B 283 31.55 14.94 3.17
CA VAL B 283 30.35 15.33 2.41
C VAL B 283 30.59 15.55 0.91
N PRO B 284 31.77 16.10 0.50
CA PRO B 284 31.98 16.10 -0.95
C PRO B 284 32.06 14.68 -1.51
N ILE B 285 32.75 13.80 -0.82
CA ILE B 285 32.83 12.40 -1.20
C ILE B 285 31.44 11.76 -1.16
N ILE B 286 30.64 12.14 -0.18
CA ILE B 286 29.28 11.64 -0.04
C ILE B 286 28.42 12.03 -1.22
N ILE B 287 28.28 13.33 -1.46
CA ILE B 287 27.45 13.82 -2.56
C ILE B 287 28.15 13.60 -3.91
N GLY B 288 29.46 13.42 -3.87
CA GLY B 288 30.21 13.14 -5.07
C GLY B 288 29.89 11.76 -5.61
N ALA B 289 29.97 10.76 -4.75
CA ALA B 289 29.57 9.41 -5.10
C ALA B 289 28.06 9.33 -5.31
N GLY B 290 27.35 10.31 -4.75
CA GLY B 290 25.90 10.39 -4.92
C GLY B 290 25.52 10.87 -6.30
N ILE B 291 26.36 11.72 -6.88
CA ILE B 291 26.17 12.17 -8.26
C ILE B 291 26.52 11.03 -9.21
N ILE B 292 27.60 10.30 -8.89
CA ILE B 292 27.87 9.01 -9.53
C ILE B 292 26.75 8.07 -9.06
N VAL B 293 26.72 6.84 -9.59
CA VAL B 293 25.54 5.97 -9.54
C VAL B 293 24.27 6.81 -9.61
N ASP B 294 24.04 7.36 -10.80
CA ASP B 294 22.99 8.36 -11.07
C ASP B 294 21.63 7.97 -10.51
N ARG C 21 9.21 -10.30 29.65
CA ARG C 21 8.08 -10.78 28.86
C ARG C 21 7.13 -9.64 28.50
N LEU C 22 6.54 -9.04 29.53
CA LEU C 22 5.64 -7.90 29.33
C LEU C 22 6.31 -6.58 29.64
N VAL C 23 7.07 -6.54 30.73
CA VAL C 23 7.78 -5.33 31.12
C VAL C 23 9.26 -5.60 31.39
N ARG C 24 10.12 -5.09 30.52
CA ARG C 24 11.56 -5.22 30.70
C ARG C 24 12.08 -4.09 31.56
N ILE C 25 12.51 -4.41 32.78
CA ILE C 25 12.96 -3.40 33.73
C ILE C 25 14.34 -2.86 33.38
N GLU C 26 15.01 -3.49 32.43
CA GLU C 26 16.31 -3.04 31.96
C GLU C 26 16.18 -1.67 31.30
N HIS C 27 15.13 -1.51 30.49
CA HIS C 27 14.84 -0.26 29.78
C HIS C 27 14.88 0.96 30.70
N THR C 28 14.52 0.75 31.96
CA THR C 28 14.47 1.83 32.94
C THR C 28 15.81 2.56 33.09
N ILE C 29 16.90 1.91 32.68
CA ILE C 29 18.23 2.52 32.73
C ILE C 29 18.26 3.82 31.91
N PHE C 30 17.36 3.95 30.94
CA PHE C 30 17.31 5.13 30.10
C PHE C 30 16.45 6.23 30.70
N SER C 31 15.56 5.85 31.62
CA SER C 31 14.63 6.81 32.21
C SER C 31 15.18 7.37 33.53
N LEU C 32 16.25 6.75 34.04
CA LEU C 32 16.85 7.17 35.30
C LEU C 32 17.45 8.59 35.29
N PRO C 33 18.33 8.91 34.32
CA PRO C 33 19.06 10.18 34.45
C PRO C 33 18.18 11.44 34.43
N PHE C 34 16.91 11.30 34.05
CA PHE C 34 15.98 12.42 34.07
C PHE C 34 15.51 12.69 35.49
N ALA C 35 15.60 11.68 36.35
CA ALA C 35 15.29 11.85 37.75
C ALA C 35 16.47 12.52 38.46
N TYR C 36 17.68 12.06 38.17
CA TYR C 36 18.89 12.58 38.80
C TYR C 36 19.16 14.02 38.38
N VAL C 37 18.79 14.37 37.15
CA VAL C 37 19.02 15.71 36.64
C VAL C 37 18.04 16.69 37.30
N GLY C 38 16.89 16.17 37.76
CA GLY C 38 15.91 16.98 38.45
C GLY C 38 16.29 17.16 39.91
N ALA C 39 17.03 16.18 40.42
CA ALA C 39 17.48 16.20 41.82
C ALA C 39 18.66 17.15 42.00
N LEU C 40 19.59 17.11 41.07
CA LEU C 40 20.79 17.95 41.15
C LEU C 40 20.49 19.41 40.90
N LEU C 41 19.57 19.68 39.96
CA LEU C 41 19.23 21.05 39.60
C LEU C 41 18.30 21.71 40.62
N SER C 42 17.95 20.95 41.66
CA SER C 42 17.20 21.48 42.79
C SER C 42 18.16 22.05 43.83
N ARG C 43 19.42 21.62 43.72
CA ARG C 43 20.51 22.09 44.57
C ARG C 43 20.31 21.77 46.06
N TYR C 44 19.41 20.83 46.35
CA TYR C 44 19.28 20.31 47.70
C TYR C 44 20.09 19.02 47.81
N PRO C 45 20.68 18.78 48.99
CA PRO C 45 21.50 17.58 49.19
C PRO C 45 20.69 16.31 49.41
N PHE C 46 21.19 15.18 48.91
CA PHE C 46 20.55 13.89 49.08
C PHE C 46 21.59 12.80 49.28
N THR C 47 21.18 11.68 49.88
CA THR C 47 22.09 10.59 50.18
C THR C 47 22.08 9.51 49.11
N LEU C 48 22.98 8.54 49.23
CA LEU C 48 23.02 7.39 48.34
C LEU C 48 21.73 6.59 48.47
N ALA C 49 21.24 6.48 49.70
CA ALA C 49 19.98 5.81 49.98
C ALA C 49 18.84 6.49 49.22
N ASP C 50 18.81 7.82 49.30
CA ASP C 50 17.84 8.62 48.57
C ASP C 50 17.89 8.32 47.07
N ALA C 51 19.10 8.20 46.54
CA ALA C 51 19.30 7.92 45.12
C ALA C 51 18.74 6.56 44.73
N ILE C 52 19.09 5.53 45.51
CA ILE C 52 18.60 4.18 45.28
C ILE C 52 17.07 4.16 45.32
N LEU C 53 16.51 4.90 46.27
CA LEU C 53 15.06 5.02 46.39
C LEU C 53 14.45 5.71 45.18
N MET C 54 15.17 6.69 44.63
CA MET C 54 14.75 7.34 43.39
C MET C 54 14.67 6.33 42.27
N ALA C 55 15.75 5.57 42.09
CA ALA C 55 15.80 4.52 41.07
C ALA C 55 14.64 3.54 41.21
N ALA C 56 14.40 3.10 42.44
CA ALA C 56 13.29 2.18 42.74
C ALA C 56 11.95 2.79 42.37
N ALA C 57 11.76 4.07 42.71
CA ALA C 57 10.55 4.78 42.36
C ALA C 57 10.35 4.80 40.85
N VAL C 58 11.44 5.01 40.12
CA VAL C 58 11.39 5.06 38.67
C VAL C 58 11.04 3.70 38.07
N VAL C 59 11.67 2.63 38.55
CA VAL C 59 11.39 1.30 38.00
C VAL C 59 9.97 0.87 38.34
N GLY C 60 9.46 1.34 39.48
CA GLY C 60 8.10 1.05 39.87
C GLY C 60 7.12 1.76 38.96
N LEU C 61 7.34 3.05 38.75
CA LEU C 61 6.48 3.85 37.90
C LEU C 61 6.48 3.32 36.46
N ARG C 62 7.66 2.92 36.00
CA ARG C 62 7.80 2.34 34.67
C ARG C 62 7.03 1.04 34.58
N MET C 63 7.16 0.20 35.60
CA MET C 63 6.45 -1.08 35.60
C MET C 63 4.94 -0.87 35.51
N ALA C 64 4.42 -0.03 36.40
CA ALA C 64 2.99 0.28 36.42
C ALA C 64 2.51 0.85 35.09
N GLY C 65 3.20 1.88 34.61
CA GLY C 65 2.83 2.54 33.36
C GLY C 65 2.85 1.62 32.15
N MET C 66 3.93 0.87 31.98
CA MET C 66 4.09 -0.02 30.85
C MET C 66 3.09 -1.18 30.89
N ALA C 67 2.84 -1.71 32.08
CA ALA C 67 1.86 -2.79 32.21
C ALA C 67 0.45 -2.29 31.89
N TYR C 68 0.02 -1.24 32.56
CA TYR C 68 -1.31 -0.71 32.35
C TYR C 68 -1.49 -0.14 30.94
N ASN C 69 -0.38 0.14 30.28
CA ASN C 69 -0.42 0.49 28.86
C ASN C 69 -1.02 -0.67 28.07
N ASN C 70 -0.33 -1.82 28.13
CA ASN C 70 -0.80 -3.03 27.46
C ASN C 70 -2.21 -3.43 27.91
N ILE C 71 -2.54 -3.14 29.16
CA ILE C 71 -3.89 -3.42 29.67
C ILE C 71 -4.95 -2.56 28.99
N ALA C 72 -4.80 -1.24 29.10
CA ALA C 72 -5.81 -0.30 28.62
C ALA C 72 -6.03 -0.37 27.12
N ASP C 73 -5.01 -0.03 26.35
CA ASP C 73 -5.10 -0.15 24.90
C ASP C 73 -4.78 -1.59 24.48
N LEU C 74 -5.65 -2.53 24.84
CA LEU C 74 -5.51 -3.92 24.42
C LEU C 74 -6.49 -4.22 23.29
N ASP C 75 -7.74 -3.81 23.49
CA ASP C 75 -8.80 -4.03 22.51
C ASP C 75 -8.45 -3.40 21.17
N ILE C 76 -7.72 -2.28 21.20
CA ILE C 76 -7.34 -1.58 19.98
C ILE C 76 -5.90 -1.86 19.58
N ASP C 77 -5.22 -2.73 20.32
CA ASP C 77 -3.87 -3.14 19.96
C ASP C 77 -3.89 -4.56 19.39
N ARG C 78 -5.07 -5.18 19.41
CA ARG C 78 -5.25 -6.47 18.77
C ARG C 78 -5.66 -6.27 17.31
N LEU C 79 -6.32 -5.15 17.05
CA LEU C 79 -6.78 -4.80 15.71
C LEU C 79 -5.64 -4.31 14.83
N ASN C 80 -4.55 -3.91 15.48
CA ASN C 80 -3.42 -3.30 14.79
C ASN C 80 -2.47 -4.33 14.20
N PRO C 81 -2.26 -4.26 12.86
CA PRO C 81 -1.29 -5.07 12.14
C PRO C 81 0.10 -4.97 12.74
N ARG C 82 0.46 -3.75 13.12
CA ARG C 82 1.76 -3.44 13.67
C ARG C 82 2.02 -4.14 15.00
N THR C 83 0.98 -4.25 15.83
CA THR C 83 1.14 -4.80 17.17
C THR C 83 0.29 -6.05 17.41
N ALA C 84 0.35 -7.00 16.49
CA ALA C 84 -0.33 -8.27 16.68
C ALA C 84 0.62 -9.31 17.28
N LYS C 85 1.87 -8.91 17.42
CA LYS C 85 2.90 -9.78 18.01
C LYS C 85 3.18 -9.39 19.45
N ARG C 86 2.54 -8.32 19.90
CA ARG C 86 2.65 -7.87 21.28
C ARG C 86 2.17 -8.95 22.23
N PRO C 87 2.81 -9.07 23.41
CA PRO C 87 2.32 -9.98 24.45
C PRO C 87 0.95 -9.51 24.93
N LEU C 88 0.25 -10.37 25.69
CA LEU C 88 -1.10 -10.10 26.19
C LEU C 88 -2.14 -10.11 25.05
N VAL C 89 -1.66 -10.04 23.82
CA VAL C 89 -2.50 -10.19 22.64
C VAL C 89 -2.44 -11.63 22.14
N VAL C 90 -1.22 -12.08 21.85
CA VAL C 90 -0.98 -13.45 21.44
C VAL C 90 -1.29 -14.40 22.59
N GLY C 91 -0.94 -13.97 23.79
CA GLY C 91 -1.03 -14.80 24.97
C GLY C 91 0.18 -14.55 25.83
N ALA C 92 1.08 -15.53 25.90
CA ALA C 92 2.33 -15.42 26.64
C ALA C 92 2.12 -15.02 28.09
N VAL C 93 1.60 -13.81 28.31
CA VAL C 93 1.24 -13.35 29.64
C VAL C 93 -0.28 -13.27 29.78
N SER C 94 -0.77 -13.50 31.00
CA SER C 94 -2.19 -13.40 31.28
C SER C 94 -2.54 -11.97 31.68
N LEU C 95 -3.83 -11.65 31.69
CA LEU C 95 -4.30 -10.37 32.19
C LEU C 95 -3.98 -10.25 33.68
N ARG C 96 -3.99 -11.41 34.34
CA ARG C 96 -3.70 -11.49 35.77
C ARG C 96 -2.26 -11.08 36.08
N GLU C 97 -1.30 -11.65 35.36
CA GLU C 97 0.11 -11.31 35.57
C GLU C 97 0.35 -9.83 35.30
N ALA C 98 -0.35 -9.31 34.31
CA ALA C 98 -0.23 -7.90 33.94
C ALA C 98 -0.74 -6.99 35.05
N TRP C 99 -1.96 -7.24 35.51
CA TRP C 99 -2.53 -6.48 36.62
C TRP C 99 -1.67 -6.61 37.87
N ALA C 100 -1.06 -7.78 38.03
CA ALA C 100 -0.15 -8.03 39.13
C ALA C 100 1.07 -7.11 39.02
N LEU C 101 1.54 -6.92 37.80
CA LEU C 101 2.66 -6.02 37.54
C LEU C 101 2.26 -4.56 37.77
N VAL C 102 0.99 -4.24 37.51
CA VAL C 102 0.47 -2.91 37.79
C VAL C 102 0.48 -2.63 39.28
N ALA C 103 -0.14 -3.53 40.04
CA ALA C 103 -0.22 -3.41 41.48
C ALA C 103 1.17 -3.39 42.11
N ALA C 104 2.07 -4.20 41.58
CA ALA C 104 3.44 -4.28 42.08
C ALA C 104 4.22 -3.01 41.77
N GLY C 105 3.97 -2.44 40.59
CA GLY C 105 4.60 -1.19 40.21
C GLY C 105 4.15 -0.06 41.12
N SER C 106 2.84 0.07 41.28
CA SER C 106 2.27 1.09 42.14
C SER C 106 2.79 0.93 43.56
N ALA C 107 2.93 -0.33 43.99
CA ALA C 107 3.38 -0.64 45.34
C ALA C 107 4.84 -0.25 45.54
N ILE C 108 5.70 -0.61 44.60
CA ILE C 108 7.11 -0.25 44.68
C ILE C 108 7.27 1.26 44.68
N TYR C 109 6.52 1.92 43.80
CA TYR C 109 6.57 3.37 43.72
C TYR C 109 6.14 4.03 45.03
N PHE C 110 5.01 3.58 45.58
CA PHE C 110 4.51 4.10 46.84
C PHE C 110 5.48 3.85 47.98
N ALA C 111 6.13 2.69 47.95
CA ALA C 111 7.12 2.32 48.95
C ALA C 111 8.31 3.29 48.91
N SER C 112 8.82 3.51 47.72
CA SER C 112 9.94 4.42 47.53
C SER C 112 9.57 5.83 47.97
N ALA C 113 8.41 6.30 47.52
CA ALA C 113 7.92 7.63 47.84
C ALA C 113 7.76 7.84 49.34
N ALA C 114 7.25 6.82 50.03
CA ALA C 114 7.06 6.89 51.48
C ALA C 114 8.40 6.86 52.20
N LEU C 115 9.31 6.01 51.73
CA LEU C 115 10.63 5.88 52.32
C LEU C 115 11.46 7.15 52.16
N LEU C 116 11.18 7.90 51.10
CA LEU C 116 11.89 9.14 50.83
C LEU C 116 11.48 10.26 51.77
N ASN C 117 10.46 11.01 51.38
CA ASN C 117 9.98 12.13 52.18
C ASN C 117 8.46 12.08 52.37
N THR C 118 7.93 13.03 53.15
CA THR C 118 6.50 13.13 53.35
C THR C 118 5.83 13.78 52.15
N TYR C 119 6.54 14.69 51.49
CA TYR C 119 6.02 15.37 50.32
C TYR C 119 6.03 14.46 49.10
N ALA C 120 7.06 13.63 49.01
CA ALA C 120 7.15 12.64 47.94
C ALA C 120 5.96 11.68 48.02
N LEU C 121 5.67 11.22 49.23
CA LEU C 121 4.52 10.35 49.47
C LEU C 121 3.22 11.11 49.20
N LEU C 122 3.20 12.39 49.55
CA LEU C 122 2.02 13.23 49.37
C LEU C 122 1.65 13.38 47.89
N LEU C 123 2.67 13.54 47.06
CA LEU C 123 2.47 13.80 45.64
C LEU C 123 2.47 12.52 44.81
N SER C 124 2.88 11.42 45.44
CA SER C 124 2.95 10.13 44.75
C SER C 124 1.65 9.65 44.08
N PRO C 125 0.48 9.86 44.72
CA PRO C 125 -0.72 9.41 43.99
C PRO C 125 -1.01 10.26 42.75
N LEU C 126 -0.66 11.54 42.81
CA LEU C 126 -0.87 12.43 41.67
C LEU C 126 0.04 12.06 40.51
N VAL C 127 1.31 11.81 40.81
CA VAL C 127 2.28 11.39 39.81
C VAL C 127 1.88 10.06 39.18
N LEU C 128 1.45 9.12 40.01
CA LEU C 128 1.01 7.82 39.54
C LEU C 128 -0.26 7.95 38.71
N ALA C 129 -1.11 8.91 39.07
CA ALA C 129 -2.32 9.19 38.32
C ALA C 129 -1.99 9.62 36.89
N ILE C 130 -1.01 10.50 36.76
CA ILE C 130 -0.55 10.98 35.46
C ILE C 130 -0.10 9.83 34.56
N ALA C 131 0.73 8.95 35.10
CA ALA C 131 1.29 7.84 34.33
C ALA C 131 0.23 6.81 33.95
N LEU C 132 -0.83 6.73 34.75
CA LEU C 132 -1.88 5.73 34.52
C LEU C 132 -3.06 6.29 33.74
N THR C 133 -3.05 7.60 33.50
CA THR C 133 -4.16 8.25 32.79
C THR C 133 -3.85 8.37 31.30
N TYR C 134 -2.56 8.34 30.96
CA TYR C 134 -2.12 8.50 29.57
C TYR C 134 -2.79 7.57 28.55
N PRO C 135 -2.86 6.25 28.83
CA PRO C 135 -3.41 5.38 27.79
C PRO C 135 -4.88 5.68 27.43
N HIS C 136 -5.55 6.50 28.23
CA HIS C 136 -6.93 6.89 27.97
C HIS C 136 -7.01 8.27 27.32
N ALA C 137 -5.86 8.90 27.11
CA ALA C 137 -5.81 10.23 26.51
C ALA C 137 -6.20 10.17 25.04
N LYS C 138 -5.99 9.02 24.41
CA LYS C 138 -6.32 8.82 23.00
C LYS C 138 -7.82 8.97 22.75
N ARG C 139 -8.62 8.34 23.60
CA ARG C 139 -10.09 8.37 23.45
C ARG C 139 -10.71 9.71 23.84
N LEU C 140 -9.90 10.61 24.38
CA LEU C 140 -10.41 11.90 24.85
C LEU C 140 -10.07 13.04 23.89
N HIS C 141 -8.78 13.27 23.68
CA HIS C 141 -8.30 14.39 22.90
C HIS C 141 -7.08 14.01 22.06
N PRO C 142 -6.89 14.69 20.91
CA PRO C 142 -5.79 14.34 20.01
C PRO C 142 -4.42 14.83 20.45
N LEU C 143 -4.15 14.85 21.76
CA LEU C 143 -2.84 15.25 22.25
C LEU C 143 -2.27 14.29 23.30
N PRO C 144 -2.03 13.02 22.91
CA PRO C 144 -1.44 12.06 23.87
C PRO C 144 0.05 12.33 24.08
N HIS C 145 0.66 12.92 23.07
CA HIS C 145 2.08 13.23 23.09
C HIS C 145 2.41 14.17 24.24
N LEU C 146 1.58 15.21 24.42
CA LEU C 146 1.71 16.11 25.54
C LEU C 146 1.62 15.34 26.86
N HIS C 147 0.75 14.33 26.90
CA HIS C 147 0.56 13.54 28.10
C HIS C 147 1.82 12.75 28.42
N LEU C 148 2.43 12.13 27.42
CA LEU C 148 3.72 11.46 27.62
C LEU C 148 4.77 12.45 28.11
N GLY C 149 4.71 13.66 27.57
CA GLY C 149 5.60 14.73 27.99
C GLY C 149 5.48 14.99 29.47
N ILE C 150 4.24 15.12 29.95
CA ILE C 150 3.97 15.31 31.36
C ILE C 150 4.45 14.10 32.17
N VAL C 151 4.35 12.91 31.58
CA VAL C 151 4.74 11.68 32.25
C VAL C 151 6.24 11.63 32.51
N LEU C 152 7.05 11.84 31.46
CA LEU C 152 8.50 11.88 31.65
C LEU C 152 8.90 13.22 32.26
N GLY C 153 7.91 14.08 32.50
CA GLY C 153 8.16 15.29 33.25
C GLY C 153 8.05 14.99 34.74
N SER C 154 7.19 14.05 35.06
CA SER C 154 6.89 13.70 36.45
C SER C 154 8.03 12.94 37.12
N VAL C 155 8.94 12.38 36.32
CA VAL C 155 10.10 11.69 36.87
C VAL C 155 11.17 12.72 37.24
N VAL C 156 11.28 13.79 36.44
CA VAL C 156 12.13 14.92 36.78
C VAL C 156 11.60 15.62 38.02
N PHE C 157 10.32 15.95 37.98
CA PHE C 157 9.62 16.56 39.11
C PHE C 157 9.77 15.72 40.38
N GLY C 158 9.64 14.41 40.22
CA GLY C 158 9.77 13.49 41.33
C GLY C 158 11.18 13.49 41.89
N GLY C 159 12.17 13.48 41.01
CA GLY C 159 13.56 13.54 41.43
C GLY C 159 13.85 14.80 42.21
N ALA C 160 13.27 15.92 41.77
CA ALA C 160 13.43 17.19 42.45
C ALA C 160 12.80 17.16 43.84
N VAL C 161 11.54 16.73 43.91
CA VAL C 161 10.80 16.73 45.16
C VAL C 161 11.36 15.69 46.12
N ALA C 162 12.13 14.74 45.60
CA ALA C 162 12.74 13.70 46.42
C ALA C 162 14.19 14.02 46.74
N ALA C 163 14.71 15.07 46.12
CA ALA C 163 16.10 15.47 46.31
C ALA C 163 16.33 16.10 47.68
N SER C 164 15.31 16.79 48.19
CA SER C 164 15.41 17.55 49.42
C SER C 164 15.95 16.74 50.61
N GLY C 165 15.46 15.51 50.75
CA GLY C 165 15.70 14.74 51.96
C GLY C 165 14.80 15.31 53.02
N ASP C 166 13.68 15.87 52.57
CA ASP C 166 12.72 16.59 53.41
C ASP C 166 13.41 17.71 54.17
N GLU C 167 14.43 18.30 53.55
CA GLU C 167 15.11 19.47 54.12
C GLU C 167 14.17 20.67 54.01
N ALA C 168 13.18 20.55 53.13
CA ALA C 168 12.20 21.61 52.90
C ALA C 168 11.36 21.89 54.14
N SER C 169 10.81 23.09 54.21
CA SER C 169 9.99 23.50 55.35
C SER C 169 8.51 23.42 55.03
N SER C 170 8.15 23.72 53.79
CA SER C 170 6.76 23.67 53.36
C SER C 170 6.64 23.30 51.88
N LEU C 171 5.43 22.98 51.45
CA LEU C 171 5.17 22.58 50.07
C LEU C 171 5.45 23.72 49.09
N GLY C 172 5.34 24.96 49.59
CA GLY C 172 5.64 26.12 48.78
C GLY C 172 7.12 26.22 48.43
N GLU C 173 7.92 25.34 49.02
CA GLU C 173 9.35 25.33 48.79
C GLU C 173 9.76 24.25 47.80
N VAL C 174 9.11 23.09 47.87
CA VAL C 174 9.42 22.00 46.97
C VAL C 174 8.94 22.30 45.55
N LEU C 175 7.86 23.06 45.45
CA LEU C 175 7.34 23.47 44.14
C LEU C 175 8.21 24.58 43.56
N ARG C 176 9.02 25.19 44.42
CA ARG C 176 9.97 26.21 43.99
C ARG C 176 11.37 25.59 43.85
N SER C 177 11.48 24.33 44.26
CA SER C 177 12.73 23.59 44.18
C SER C 177 12.89 22.91 42.82
N VAL C 178 11.78 22.73 42.11
CA VAL C 178 11.77 22.02 40.84
C VAL C 178 12.37 22.85 39.70
N PRO C 179 13.30 22.25 38.95
CA PRO C 179 13.82 22.87 37.72
C PRO C 179 12.76 22.84 36.62
N TRP C 180 11.87 23.82 36.63
CA TRP C 180 10.69 23.80 35.77
C TRP C 180 11.03 23.90 34.29
N LEU C 181 12.13 24.57 33.98
CA LEU C 181 12.60 24.67 32.60
C LEU C 181 12.84 23.29 32.01
N TYR C 182 13.58 22.47 32.73
CA TYR C 182 14.00 21.16 32.22
C TYR C 182 12.87 20.14 32.15
N VAL C 183 11.91 20.19 33.09
CA VAL C 183 10.76 19.31 33.00
C VAL C 183 9.87 19.75 31.84
N ALA C 184 9.65 21.06 31.72
CA ALA C 184 8.84 21.59 30.62
C ALA C 184 9.53 21.42 29.27
N ALA C 185 10.83 21.11 29.30
CA ALA C 185 11.60 20.91 28.10
C ALA C 185 11.60 19.44 27.67
N VAL C 186 11.95 18.55 28.61
CA VAL C 186 11.94 17.11 28.33
C VAL C 186 10.51 16.69 27.96
N SER C 187 9.52 17.36 28.56
CA SER C 187 8.14 17.14 28.21
C SER C 187 7.90 17.38 26.72
N LEU C 188 8.28 18.57 26.25
CA LEU C 188 8.09 18.95 24.87
C LEU C 188 8.89 18.08 23.91
N TRP C 189 10.06 17.62 24.36
CA TRP C 189 10.87 16.71 23.57
C TRP C 189 10.17 15.38 23.36
N VAL C 190 9.72 14.78 24.46
CA VAL C 190 9.01 13.51 24.41
C VAL C 190 7.75 13.63 23.54
N ALA C 191 6.96 14.67 23.81
CA ALA C 191 5.77 14.96 23.01
C ALA C 191 6.15 15.07 21.53
N GLY C 192 7.31 15.64 21.27
CA GLY C 192 7.80 15.79 19.91
C GLY C 192 8.05 14.48 19.21
N PHE C 193 8.99 13.68 19.72
CA PHE C 193 9.38 12.47 19.01
C PHE C 193 8.28 11.41 19.08
N ASP C 194 7.33 11.56 20.02
CA ASP C 194 6.14 10.71 20.00
C ASP C 194 5.18 11.16 18.90
N THR C 195 5.07 12.48 18.73
CA THR C 195 4.25 13.03 17.65
C THR C 195 4.79 12.53 16.30
N ILE C 196 6.11 12.44 16.21
CA ILE C 196 6.75 11.86 15.02
C ILE C 196 6.45 10.37 14.91
N TYR C 197 6.60 9.65 16.01
CA TYR C 197 6.42 8.20 16.01
C TYR C 197 5.00 7.78 15.66
N SER C 198 4.03 8.67 15.91
CA SER C 198 2.62 8.36 15.68
C SER C 198 2.19 8.55 14.23
N ILE C 199 3.16 8.82 13.35
CA ILE C 199 2.85 9.03 11.94
C ILE C 199 2.52 7.72 11.23
N MET C 200 3.21 6.64 11.60
CA MET C 200 2.93 5.33 11.01
C MET C 200 1.55 4.82 11.41
N ASP C 201 0.96 5.44 12.43
CA ASP C 201 -0.35 5.04 12.93
C ASP C 201 -1.48 5.95 12.44
N ILE C 202 -1.14 6.90 11.56
CA ILE C 202 -2.13 7.85 11.03
C ILE C 202 -3.38 7.15 10.49
N ASP C 203 -3.15 6.11 9.70
CA ASP C 203 -4.24 5.34 9.11
C ASP C 203 -5.08 4.66 10.20
N PHE C 204 -4.42 3.80 10.98
CA PHE C 204 -5.09 3.02 12.01
C PHE C 204 -5.81 3.89 13.05
N ASP C 205 -5.14 4.94 13.52
CA ASP C 205 -5.66 5.76 14.61
C ASP C 205 -6.82 6.67 14.20
N ARG C 206 -7.29 6.56 12.97
CA ARG C 206 -8.43 7.37 12.54
C ARG C 206 -9.54 6.49 11.97
N SER C 207 -9.21 5.24 11.66
CA SER C 207 -10.24 4.25 11.38
C SER C 207 -11.14 4.13 12.58
N HIS C 208 -10.51 4.00 13.74
CA HIS C 208 -11.20 3.94 15.02
C HIS C 208 -11.21 5.32 15.64
N GLY C 209 -11.95 5.48 16.74
CA GLY C 209 -12.12 6.78 17.37
C GLY C 209 -10.87 7.36 18.02
N LEU C 210 -9.75 6.69 17.83
CA LEU C 210 -8.48 7.13 18.41
C LEU C 210 -8.09 8.53 17.96
N GLY C 211 -7.24 9.19 18.74
CA GLY C 211 -6.84 10.55 18.43
C GLY C 211 -5.34 10.76 18.52
N SER C 212 -4.83 11.63 17.67
CA SER C 212 -3.42 12.00 17.68
C SER C 212 -3.22 13.24 16.82
N ILE C 213 -2.07 13.88 16.95
CA ILE C 213 -1.74 15.03 16.12
C ILE C 213 -1.55 14.67 14.63
N PRO C 214 -0.78 13.60 14.33
CA PRO C 214 -0.65 13.29 12.90
C PRO C 214 -1.92 12.75 12.26
N ALA C 215 -2.95 12.50 13.07
CA ALA C 215 -4.24 12.06 12.55
C ALA C 215 -5.15 13.27 12.30
N LEU C 216 -5.05 14.26 13.18
CA LEU C 216 -5.80 15.50 13.03
C LEU C 216 -5.35 16.21 11.75
N LEU C 217 -4.08 16.57 11.70
CA LEU C 217 -3.49 17.17 10.51
C LEU C 217 -2.51 16.18 9.88
N GLY C 218 -2.30 16.30 8.57
CA GLY C 218 -1.50 15.34 7.82
C GLY C 218 -0.10 15.12 8.33
N PRO C 219 0.57 14.06 7.84
CA PRO C 219 1.95 13.70 8.22
C PRO C 219 2.92 14.85 8.04
N LYS C 220 2.72 15.65 7.00
CA LYS C 220 3.53 16.84 6.78
C LYS C 220 3.29 17.85 7.90
N GLY C 221 2.02 18.14 8.16
CA GLY C 221 1.65 19.06 9.23
C GLY C 221 2.07 18.56 10.60
N ALA C 222 2.13 17.24 10.73
CA ALA C 222 2.60 16.62 11.97
C ALA C 222 4.07 16.97 12.21
N LEU C 223 4.88 16.76 11.18
CA LEU C 223 6.31 17.09 11.23
C LEU C 223 6.51 18.57 11.54
N ALA C 224 5.60 19.39 11.03
CA ALA C 224 5.61 20.83 11.31
C ALA C 224 5.37 21.10 12.78
N ALA C 225 4.33 20.47 13.33
CA ALA C 225 4.03 20.60 14.75
C ALA C 225 5.15 19.99 15.59
N SER C 226 5.74 18.92 15.08
CA SER C 226 6.89 18.29 15.73
C SER C 226 8.07 19.26 15.77
N LEU C 227 8.24 20.01 14.70
CA LEU C 227 9.30 21.02 14.62
C LEU C 227 9.10 22.07 15.69
N ALA C 228 7.87 22.53 15.84
CA ALA C 228 7.54 23.56 16.82
C ALA C 228 7.80 23.09 18.24
N MET C 229 7.55 21.81 18.49
CA MET C 229 7.79 21.22 19.80
C MET C 229 9.28 21.16 20.11
N HIS C 230 10.02 20.43 19.28
CA HIS C 230 11.46 20.26 19.49
C HIS C 230 12.23 21.59 19.45
N ALA C 231 11.67 22.58 18.77
CA ALA C 231 12.26 23.92 18.76
C ALA C 231 12.20 24.50 20.17
N ALA C 232 11.00 24.52 20.73
CA ALA C 232 10.79 25.00 22.09
C ALA C 232 11.51 24.12 23.11
N ALA C 233 11.74 22.87 22.74
CA ALA C 233 12.48 21.95 23.59
C ALA C 233 13.94 22.38 23.69
N VAL C 234 14.59 22.58 22.54
CA VAL C 234 15.96 23.05 22.50
C VAL C 234 16.08 24.44 23.10
N ALA C 235 15.07 25.26 22.89
CA ALA C 235 15.02 26.62 23.42
C ALA C 235 15.16 26.63 24.93
N LEU C 236 14.46 25.71 25.59
CA LEU C 236 14.46 25.65 27.04
C LEU C 236 15.73 25.01 27.60
N PHE C 237 16.23 23.97 26.91
CA PHE C 237 17.47 23.32 27.30
C PHE C 237 18.62 24.32 27.34
N ILE C 238 18.58 25.27 26.40
CA ILE C 238 19.58 26.32 26.32
C ILE C 238 19.35 27.38 27.40
N ALA C 239 18.10 27.77 27.60
CA ALA C 239 17.74 28.76 28.60
C ALA C 239 18.18 28.33 30.00
N GLY C 240 18.21 27.02 30.22
CA GLY C 240 18.63 26.47 31.50
C GLY C 240 20.11 26.68 31.76
N VAL C 241 20.90 26.71 30.69
CA VAL C 241 22.35 26.92 30.79
C VAL C 241 22.65 28.26 31.44
N GLU C 242 21.81 29.26 31.16
CA GLU C 242 21.96 30.58 31.75
C GLU C 242 21.26 30.69 33.08
N ALA C 243 20.08 30.07 33.17
CA ALA C 243 19.26 30.12 34.39
C ALA C 243 19.98 29.48 35.57
N TYR C 244 20.76 28.44 35.28
CA TYR C 244 21.58 27.78 36.30
C TYR C 244 23.04 27.97 35.96
N GLY C 245 23.94 27.63 36.88
CA GLY C 245 25.35 27.68 36.58
C GLY C 245 25.69 26.64 35.54
N LEU C 246 25.34 25.39 35.84
CA LEU C 246 25.44 24.27 34.91
C LEU C 246 26.88 24.00 34.44
N GLY C 247 27.85 24.63 35.10
CA GLY C 247 29.26 24.39 34.81
C GLY C 247 29.63 24.49 33.35
N ALA C 248 30.58 23.66 32.93
CA ALA C 248 31.06 23.66 31.56
C ALA C 248 31.16 22.26 30.99
N ILE C 249 30.76 21.27 31.77
CA ILE C 249 30.74 19.88 31.30
C ILE C 249 29.30 19.46 31.03
N ALA C 250 28.36 20.25 31.55
CA ALA C 250 26.94 20.03 31.30
C ALA C 250 26.47 20.90 30.15
N THR C 251 27.30 21.88 29.78
CA THR C 251 27.00 22.74 28.65
C THR C 251 27.40 22.08 27.34
N VAL C 252 28.21 21.04 27.43
CA VAL C 252 28.53 20.22 26.27
C VAL C 252 27.46 19.15 26.14
N SER C 253 26.84 18.80 27.27
CA SER C 253 25.76 17.84 27.29
C SER C 253 24.51 18.47 26.70
N THR C 254 24.33 19.76 27.00
CA THR C 254 23.20 20.52 26.45
C THR C 254 23.38 20.67 24.95
N ALA C 255 24.63 20.89 24.53
CA ALA C 255 24.96 21.04 23.12
C ALA C 255 24.78 19.73 22.37
N LEU C 256 25.39 18.67 22.88
CA LEU C 256 25.28 17.35 22.28
C LEU C 256 23.82 16.90 22.21
N THR C 257 23.04 17.26 23.22
CA THR C 257 21.62 16.94 23.23
C THR C 257 20.86 17.71 22.17
N ALA C 258 20.99 19.03 22.19
CA ALA C 258 20.32 19.91 21.23
C ALA C 258 20.70 19.52 19.81
N LEU C 259 21.92 19.00 19.66
CA LEU C 259 22.39 18.49 18.39
C LEU C 259 21.62 17.22 17.99
N VAL C 260 21.52 16.27 18.91
CA VAL C 260 20.79 15.02 18.65
C VAL C 260 19.32 15.29 18.30
N ILE C 261 18.69 16.20 19.04
CA ILE C 261 17.30 16.58 18.80
C ILE C 261 17.11 17.06 17.36
N ILE C 262 18.16 17.63 16.79
CA ILE C 262 18.13 18.09 15.41
C ILE C 262 18.13 16.92 14.42
N LEU C 263 19.00 15.92 14.63
CA LEU C 263 19.04 14.75 13.74
C LEU C 263 17.73 14.00 13.71
N VAL C 264 17.13 13.81 14.88
CA VAL C 264 15.86 13.08 14.95
C VAL C 264 14.78 13.89 14.22
N GLN C 265 14.99 15.20 14.11
CA GLN C 265 14.11 16.04 13.34
C GLN C 265 14.53 15.97 11.87
N ALA C 266 15.83 15.89 11.65
CA ALA C 266 16.40 15.81 10.31
C ALA C 266 16.02 14.52 9.60
N MET C 267 16.32 13.39 10.23
CA MET C 267 16.00 12.07 9.69
C MET C 267 14.50 11.91 9.47
N ALA C 268 13.71 12.62 10.27
CA ALA C 268 12.25 12.57 10.18
C ALA C 268 11.75 13.17 8.87
N TRP C 269 12.14 14.41 8.60
CA TRP C 269 11.75 15.09 7.38
C TRP C 269 12.29 14.40 6.13
N LEU C 270 13.38 13.64 6.31
CA LEU C 270 13.97 12.88 5.22
C LEU C 270 13.26 11.54 5.01
N GLY C 271 12.15 11.35 5.69
CA GLY C 271 11.35 10.15 5.52
C GLY C 271 11.82 8.99 6.37
N ARG C 272 13.13 8.88 6.55
CA ARG C 272 13.71 7.82 7.38
C ARG C 272 13.32 8.02 8.83
N VAL C 273 12.10 7.61 9.17
CA VAL C 273 11.51 7.89 10.47
C VAL C 273 11.89 6.84 11.51
N LYS C 274 12.23 5.63 11.06
CA LYS C 274 12.61 4.57 12.00
C LYS C 274 13.92 4.90 12.70
N GLU C 275 14.85 5.49 11.96
CA GLU C 275 16.12 5.90 12.53
C GLU C 275 15.97 7.16 13.36
N SER C 276 14.92 7.94 13.05
CA SER C 276 14.63 9.18 13.79
C SER C 276 14.15 8.88 15.20
N PHE C 277 13.78 7.64 15.45
CA PHE C 277 13.31 7.22 16.77
C PHE C 277 14.46 6.78 17.66
N ASN C 278 15.25 5.83 17.16
CA ASN C 278 16.36 5.26 17.93
C ASN C 278 17.43 6.28 18.30
N LEU C 279 17.46 7.41 17.59
CA LEU C 279 18.42 8.46 17.89
C LEU C 279 18.04 9.20 19.17
N ASN C 280 16.76 9.12 19.54
CA ASN C 280 16.29 9.70 20.80
C ASN C 280 16.81 8.94 22.00
N LEU C 281 17.37 7.77 21.75
CA LEU C 281 17.92 6.93 22.82
C LEU C 281 19.31 7.43 23.22
N ALA C 282 19.85 8.34 22.42
CA ALA C 282 21.19 8.86 22.67
C ALA C 282 21.22 9.88 23.81
N VAL C 283 20.25 10.80 23.82
CA VAL C 283 20.25 11.89 24.81
C VAL C 283 20.21 11.42 26.28
N PRO C 284 19.49 10.32 26.59
CA PRO C 284 19.66 9.84 27.97
C PRO C 284 21.10 9.40 28.24
N ILE C 285 21.70 8.69 27.29
CA ILE C 285 23.10 8.29 27.40
C ILE C 285 24.00 9.52 27.46
N ILE C 286 23.65 10.55 26.69
CA ILE C 286 24.41 11.79 26.67
C ILE C 286 24.39 12.48 28.03
N ILE C 287 23.20 12.81 28.51
CA ILE C 287 23.07 13.49 29.80
C ILE C 287 23.33 12.54 30.96
N GLY C 288 23.24 11.24 30.70
CA GLY C 288 23.52 10.24 31.70
C GLY C 288 25.00 10.20 32.02
N ALA C 289 25.82 10.10 30.97
CA ALA C 289 27.27 10.16 31.13
C ALA C 289 27.69 11.57 31.54
N GLY C 290 26.81 12.54 31.29
CA GLY C 290 27.06 13.91 31.68
C GLY C 290 26.90 14.11 33.17
N ILE C 291 25.98 13.36 33.77
CA ILE C 291 25.80 13.36 35.21
C ILE C 291 26.97 12.64 35.87
N ILE C 292 27.40 11.53 35.27
CA ILE C 292 28.68 10.92 35.60
C ILE C 292 29.75 11.91 35.15
N VAL C 293 31.02 11.62 35.44
CA VAL C 293 32.11 12.61 35.41
C VAL C 293 31.58 13.98 35.83
N ASP C 294 31.28 14.08 37.13
CA ASP C 294 30.58 15.22 37.72
C ASP C 294 31.16 16.57 37.31
N ARG D 21 -32.10 -15.65 -30.10
CA ARG D 21 -32.93 -14.54 -30.57
C ARG D 21 -32.09 -13.29 -30.81
N LEU D 22 -31.49 -12.77 -29.75
CA LEU D 22 -30.64 -11.59 -29.84
C LEU D 22 -29.17 -11.96 -29.79
N VAL D 23 -28.81 -12.88 -28.91
CA VAL D 23 -27.43 -13.32 -28.78
C VAL D 23 -27.32 -14.84 -28.81
N ARG D 24 -26.75 -15.36 -29.90
CA ARG D 24 -26.52 -16.80 -30.03
C ARG D 24 -25.19 -17.17 -29.40
N ILE D 25 -25.24 -17.89 -28.28
CA ILE D 25 -24.04 -18.24 -27.54
C ILE D 25 -23.24 -19.35 -28.23
N GLU D 26 -23.84 -19.96 -29.26
CA GLU D 26 -23.17 -20.99 -30.02
C GLU D 26 -21.96 -20.40 -30.76
N HIS D 27 -22.16 -19.21 -31.33
CA HIS D 27 -21.11 -18.49 -32.07
C HIS D 27 -19.80 -18.40 -31.29
N THR D 28 -19.91 -18.35 -29.97
CA THR D 28 -18.76 -18.22 -29.08
C THR D 28 -17.73 -19.33 -29.30
N ILE D 29 -18.16 -20.45 -29.89
CA ILE D 29 -17.26 -21.56 -30.17
C ILE D 29 -16.11 -21.12 -31.09
N PHE D 30 -16.33 -20.04 -31.84
CA PHE D 30 -15.32 -19.53 -32.76
C PHE D 30 -14.36 -18.56 -32.07
N SER D 31 -14.81 -17.98 -30.96
CA SER D 31 -14.02 -16.98 -30.26
C SER D 31 -13.17 -17.61 -29.15
N LEU D 32 -13.45 -18.87 -28.84
CA LEU D 32 -12.74 -19.58 -27.78
C LEU D 32 -11.24 -19.79 -28.04
N PRO D 33 -10.86 -20.35 -29.21
CA PRO D 33 -9.44 -20.75 -29.36
C PRO D 33 -8.44 -19.60 -29.28
N PHE D 34 -8.92 -18.36 -29.37
CA PHE D 34 -8.05 -17.20 -29.23
C PHE D 34 -7.70 -16.96 -27.77
N ALA D 35 -8.54 -17.46 -26.87
CA ALA D 35 -8.24 -17.40 -25.44
C ALA D 35 -7.23 -18.47 -25.07
N TYR D 36 -7.44 -19.69 -25.58
CA TYR D 36 -6.58 -20.82 -25.29
C TYR D 36 -5.19 -20.64 -25.88
N VAL D 37 -5.10 -19.97 -27.02
CA VAL D 37 -3.82 -19.74 -27.68
C VAL D 37 -3.02 -18.69 -26.91
N GLY D 38 -3.72 -17.83 -26.18
CA GLY D 38 -3.06 -16.83 -25.35
C GLY D 38 -2.61 -17.43 -24.04
N ALA D 39 -3.31 -18.47 -23.61
CA ALA D 39 -3.01 -19.15 -22.36
C ALA D 39 -1.79 -20.06 -22.52
N LEU D 40 -1.74 -20.79 -23.63
CA LEU D 40 -0.66 -21.73 -23.89
C LEU D 40 0.66 -21.02 -24.18
N LEU D 41 0.58 -19.91 -24.91
CA LEU D 41 1.77 -19.17 -25.32
C LEU D 41 2.33 -18.32 -24.17
N SER D 42 1.66 -18.38 -23.02
CA SER D 42 2.17 -17.74 -21.81
C SER D 42 3.07 -18.71 -21.05
N ARG D 43 2.93 -20.00 -21.39
CA ARG D 43 3.74 -21.08 -20.84
C ARG D 43 3.60 -21.26 -19.33
N TYR D 44 2.52 -20.69 -18.77
CA TYR D 44 2.17 -20.95 -17.38
C TYR D 44 1.13 -22.07 -17.34
N PRO D 45 1.18 -22.92 -16.31
CA PRO D 45 0.25 -24.04 -16.19
C PRO D 45 -1.14 -23.63 -15.69
N PHE D 46 -2.16 -24.29 -16.19
CA PHE D 46 -3.54 -24.04 -15.76
C PHE D 46 -4.32 -25.34 -15.71
N THR D 47 -5.41 -25.34 -14.95
CA THR D 47 -6.21 -26.54 -14.76
C THR D 47 -7.40 -26.60 -15.70
N LEU D 48 -8.11 -27.72 -15.70
CA LEU D 48 -9.34 -27.88 -16.47
C LEU D 48 -10.39 -26.88 -16.00
N ALA D 49 -10.44 -26.69 -14.68
CA ALA D 49 -11.34 -25.71 -14.07
C ALA D 49 -11.04 -24.31 -14.63
N ASP D 50 -9.75 -23.96 -14.65
CA ASP D 50 -9.31 -22.69 -15.21
C ASP D 50 -9.78 -22.53 -16.66
N ALA D 51 -9.70 -23.61 -17.43
CA ALA D 51 -10.12 -23.59 -18.83
C ALA D 51 -11.62 -23.34 -18.98
N ILE D 52 -12.41 -24.08 -18.21
CA ILE D 52 -13.86 -23.90 -18.21
C ILE D 52 -14.22 -22.46 -17.83
N LEU D 53 -13.50 -21.93 -16.85
CA LEU D 53 -13.71 -20.55 -16.42
C LEU D 53 -13.34 -19.56 -17.53
N MET D 54 -12.32 -19.89 -18.31
CA MET D 54 -11.95 -19.09 -19.47
C MET D 54 -13.11 -19.05 -20.45
N ALA D 55 -13.61 -20.24 -20.80
CA ALA D 55 -14.74 -20.36 -21.71
C ALA D 55 -15.93 -19.53 -21.24
N ALA D 56 -16.24 -19.65 -19.95
CA ALA D 56 -17.34 -18.89 -19.34
C ALA D 56 -17.11 -17.38 -19.46
N ALA D 57 -15.88 -16.95 -19.20
CA ALA D 57 -15.51 -15.55 -19.33
C ALA D 57 -15.75 -15.07 -20.76
N VAL D 58 -15.40 -15.91 -21.72
CA VAL D 58 -15.56 -15.57 -23.12
C VAL D 58 -17.03 -15.47 -23.51
N VAL D 59 -17.86 -16.43 -23.10
CA VAL D 59 -19.27 -16.40 -23.46
C VAL D 59 -19.96 -15.22 -22.77
N GLY D 60 -19.47 -14.84 -21.59
CA GLY D 60 -20.00 -13.69 -20.89
C GLY D 60 -19.68 -12.41 -21.62
N LEU D 61 -18.40 -12.25 -21.99
CA LEU D 61 -17.96 -11.06 -22.69
C LEU D 61 -18.65 -10.94 -24.04
N ARG D 62 -18.83 -12.07 -24.73
CA ARG D 62 -19.54 -12.08 -26.00
C ARG D 62 -20.99 -11.66 -25.81
N MET D 63 -21.63 -12.19 -24.77
CA MET D 63 -23.02 -11.85 -24.50
C MET D 63 -23.17 -10.35 -24.28
N ALA D 64 -22.37 -9.81 -23.37
CA ALA D 64 -22.39 -8.38 -23.06
C ALA D 64 -22.13 -7.52 -24.30
N GLY D 65 -21.05 -7.83 -25.01
CA GLY D 65 -20.67 -7.07 -26.20
C GLY D 65 -21.71 -7.08 -27.29
N MET D 66 -22.21 -8.27 -27.63
CA MET D 66 -23.19 -8.43 -28.69
C MET D 66 -24.52 -7.78 -28.33
N ALA D 67 -24.93 -7.90 -27.07
CA ALA D 67 -26.18 -7.28 -26.64
C ALA D 67 -26.07 -5.76 -26.69
N TYR D 68 -25.05 -5.22 -26.03
CA TYR D 68 -24.88 -3.76 -25.99
C TYR D 68 -24.57 -3.19 -27.37
N ASN D 69 -24.12 -4.05 -28.29
CA ASN D 69 -24.00 -3.64 -29.68
C ASN D 69 -25.37 -3.22 -30.22
N ASN D 70 -26.31 -4.16 -30.20
CA ASN D 70 -27.66 -3.89 -30.66
C ASN D 70 -28.31 -2.75 -29.88
N ILE D 71 -27.94 -2.60 -28.61
CA ILE D 71 -28.44 -1.50 -27.80
C ILE D 71 -27.95 -0.13 -28.30
N ALA D 72 -26.63 0.03 -28.35
CA ALA D 72 -26.01 1.32 -28.66
C ALA D 72 -26.34 1.80 -30.07
N ASP D 73 -25.89 1.07 -31.08
CA ASP D 73 -26.23 1.40 -32.45
C ASP D 73 -27.59 0.81 -32.82
N LEU D 74 -28.64 1.32 -32.19
CA LEU D 74 -30.00 0.93 -32.50
C LEU D 74 -30.68 2.00 -33.36
N ASP D 75 -30.54 3.24 -32.93
CA ASP D 75 -31.12 4.38 -33.63
C ASP D 75 -30.62 4.47 -35.07
N ILE D 76 -29.38 4.04 -35.29
CA ILE D 76 -28.78 4.10 -36.61
C ILE D 76 -28.77 2.74 -37.30
N ASP D 77 -29.36 1.74 -36.65
CA ASP D 77 -29.51 0.42 -37.25
C ASP D 77 -30.95 0.20 -37.68
N ARG D 78 -31.81 1.16 -37.35
CA ARG D 78 -33.19 1.15 -37.83
C ARG D 78 -33.28 1.84 -39.17
N LEU D 79 -32.39 2.80 -39.39
CA LEU D 79 -32.34 3.58 -40.62
C LEU D 79 -31.72 2.79 -41.76
N ASN D 80 -31.00 1.73 -41.41
CA ASN D 80 -30.25 0.94 -42.37
C ASN D 80 -31.11 -0.11 -43.07
N PRO D 81 -31.17 -0.03 -44.42
CA PRO D 81 -31.81 -1.03 -45.28
C PRO D 81 -31.33 -2.44 -44.97
N ARG D 82 -30.03 -2.54 -44.79
CA ARG D 82 -29.35 -3.80 -44.58
C ARG D 82 -29.80 -4.47 -43.29
N THR D 83 -30.02 -3.67 -42.25
CA THR D 83 -30.34 -4.21 -40.93
C THR D 83 -31.70 -3.77 -40.40
N ALA D 84 -32.73 -3.89 -41.23
CA ALA D 84 -34.09 -3.60 -40.79
C ALA D 84 -34.78 -4.87 -40.32
N LYS D 85 -34.10 -6.00 -40.48
CA LYS D 85 -34.62 -7.29 -40.08
C LYS D 85 -33.97 -7.75 -38.77
N ARG D 86 -33.03 -6.94 -38.28
CA ARG D 86 -32.39 -7.21 -37.00
C ARG D 86 -33.42 -7.21 -35.88
N PRO D 87 -33.22 -8.08 -34.88
CA PRO D 87 -34.07 -8.03 -33.67
C PRO D 87 -33.86 -6.71 -32.94
N LEU D 88 -34.75 -6.41 -31.98
CA LEU D 88 -34.73 -5.15 -31.22
C LEU D 88 -35.14 -3.95 -32.10
N VAL D 89 -35.13 -4.15 -33.42
CA VAL D 89 -35.61 -3.16 -34.36
C VAL D 89 -37.06 -3.49 -34.73
N VAL D 90 -37.25 -4.70 -35.25
CA VAL D 90 -38.57 -5.21 -35.58
C VAL D 90 -39.41 -5.37 -34.31
N GLY D 91 -38.75 -5.82 -33.26
CA GLY D 91 -39.41 -6.16 -32.02
C GLY D 91 -38.77 -7.41 -31.47
N ALA D 92 -39.51 -8.53 -31.50
CA ALA D 92 -39.00 -9.83 -31.08
C ALA D 92 -38.47 -9.81 -29.65
N VAL D 93 -37.40 -9.04 -29.43
CA VAL D 93 -36.85 -8.85 -28.10
C VAL D 93 -37.11 -7.42 -27.63
N SER D 94 -37.27 -7.25 -26.33
CA SER D 94 -37.46 -5.92 -25.75
C SER D 94 -36.11 -5.31 -25.40
N LEU D 95 -36.11 -4.01 -25.13
CA LEU D 95 -34.90 -3.34 -24.66
C LEU D 95 -34.51 -3.89 -23.30
N ARG D 96 -35.53 -4.30 -22.55
CA ARG D 96 -35.35 -4.86 -21.21
C ARG D 96 -34.59 -6.19 -21.26
N GLU D 97 -35.01 -7.11 -22.13
CA GLU D 97 -34.34 -8.40 -22.26
C GLU D 97 -32.89 -8.21 -22.70
N ALA D 98 -32.67 -7.22 -23.57
CA ALA D 98 -31.35 -6.90 -24.07
C ALA D 98 -30.44 -6.42 -22.95
N TRP D 99 -30.89 -5.40 -22.22
CA TRP D 99 -30.14 -4.89 -21.08
C TRP D 99 -29.90 -5.97 -20.05
N ALA D 100 -30.86 -6.87 -19.92
CA ALA D 100 -30.74 -8.01 -19.02
C ALA D 100 -29.60 -8.91 -19.48
N LEU D 101 -29.47 -9.08 -20.79
CA LEU D 101 -28.38 -9.87 -21.36
C LEU D 101 -27.04 -9.16 -21.17
N VAL D 102 -27.06 -7.83 -21.18
CA VAL D 102 -25.85 -7.05 -20.91
C VAL D 102 -25.38 -7.27 -19.48
N ALA D 103 -26.28 -7.07 -18.54
CA ALA D 103 -25.98 -7.24 -17.12
C ALA D 103 -25.56 -8.67 -16.82
N ALA D 104 -26.22 -9.62 -17.47
CA ALA D 104 -25.91 -11.04 -17.27
C ALA D 104 -24.55 -11.39 -17.85
N GLY D 105 -24.22 -10.78 -18.98
CA GLY D 105 -22.92 -11.00 -19.60
C GLY D 105 -21.80 -10.47 -18.73
N SER D 106 -21.96 -9.23 -18.30
CA SER D 106 -20.99 -8.59 -17.41
C SER D 106 -20.84 -9.39 -16.13
N ALA D 107 -21.96 -9.92 -15.64
CA ALA D 107 -21.98 -10.68 -14.40
C ALA D 107 -21.24 -12.02 -14.55
N ILE D 108 -21.52 -12.74 -15.62
CA ILE D 108 -20.83 -14.01 -15.88
C ILE D 108 -19.34 -13.77 -16.05
N TYR D 109 -18.99 -12.72 -16.80
CA TYR D 109 -17.59 -12.38 -17.02
C TYR D 109 -16.89 -12.07 -15.70
N PHE D 110 -17.50 -11.23 -14.89
CA PHE D 110 -16.94 -10.85 -13.60
C PHE D 110 -16.80 -12.05 -12.68
N ALA D 111 -17.77 -12.95 -12.75
CA ALA D 111 -17.76 -14.17 -11.95
C ALA D 111 -16.58 -15.06 -12.33
N SER D 112 -16.40 -15.27 -13.63
CA SER D 112 -15.29 -16.06 -14.14
C SER D 112 -13.95 -15.43 -13.75
N ALA D 113 -13.84 -14.13 -13.98
CA ALA D 113 -12.61 -13.39 -13.67
C ALA D 113 -12.25 -13.48 -12.20
N ALA D 114 -13.25 -13.38 -11.34
CA ALA D 114 -13.04 -13.46 -9.89
C ALA D 114 -12.65 -14.87 -9.47
N LEU D 115 -13.33 -15.86 -10.05
CA LEU D 115 -13.08 -17.27 -9.76
C LEU D 115 -11.68 -17.70 -10.20
N LEU D 116 -11.17 -17.04 -11.23
CA LEU D 116 -9.85 -17.36 -11.77
C LEU D 116 -8.74 -16.86 -10.85
N ASN D 117 -8.31 -15.62 -11.08
CA ASN D 117 -7.22 -15.04 -10.29
C ASN D 117 -7.59 -13.65 -9.77
N THR D 118 -6.69 -13.06 -8.99
CA THR D 118 -6.89 -11.72 -8.47
C THR D 118 -6.59 -10.68 -9.56
N TYR D 119 -5.63 -11.01 -10.43
CA TYR D 119 -5.26 -10.11 -11.51
C TYR D 119 -6.29 -10.12 -12.62
N ALA D 120 -6.87 -11.29 -12.88
CA ALA D 120 -7.96 -11.42 -13.84
C ALA D 120 -9.14 -10.55 -13.42
N LEU D 121 -9.49 -10.63 -12.14
CA LEU D 121 -10.54 -9.80 -11.58
C LEU D 121 -10.16 -8.32 -11.62
N LEU D 122 -8.87 -8.04 -11.38
CA LEU D 122 -8.36 -6.68 -11.37
C LEU D 122 -8.49 -6.01 -12.74
N LEU D 123 -8.22 -6.78 -13.80
CA LEU D 123 -8.21 -6.25 -15.15
C LEU D 123 -9.56 -6.42 -15.84
N SER D 124 -10.45 -7.20 -15.23
CA SER D 124 -11.77 -7.46 -15.80
C SER D 124 -12.61 -6.22 -16.13
N PRO D 125 -12.59 -5.17 -15.27
CA PRO D 125 -13.40 -4.02 -15.68
C PRO D 125 -12.81 -3.29 -16.89
N LEU D 126 -11.49 -3.30 -17.02
CA LEU D 126 -10.83 -2.67 -18.15
C LEU D 126 -11.14 -3.40 -19.45
N VAL D 127 -11.06 -4.73 -19.41
CA VAL D 127 -11.37 -5.56 -20.57
C VAL D 127 -12.83 -5.40 -20.98
N LEU D 128 -13.73 -5.39 -19.99
CA LEU D 128 -15.15 -5.20 -20.24
C LEU D 128 -15.43 -3.79 -20.79
N ALA D 129 -14.64 -2.83 -20.34
CA ALA D 129 -14.75 -1.46 -20.82
C ALA D 129 -14.46 -1.40 -22.32
N ILE D 130 -13.40 -2.08 -22.73
CA ILE D 130 -13.02 -2.15 -24.13
C ILE D 130 -14.14 -2.69 -25.02
N ALA D 131 -14.72 -3.81 -24.59
CA ALA D 131 -15.77 -4.47 -25.37
C ALA D 131 -17.06 -3.65 -25.42
N LEU D 132 -17.28 -2.81 -24.41
CA LEU D 132 -18.50 -2.03 -24.31
C LEU D 132 -18.34 -0.62 -24.86
N THR D 133 -17.11 -0.24 -25.20
CA THR D 133 -16.84 1.10 -25.71
C THR D 133 -16.85 1.13 -27.24
N TYR D 134 -16.63 -0.04 -27.85
CA TYR D 134 -16.56 -0.15 -29.31
C TYR D 134 -17.76 0.44 -30.08
N PRO D 135 -19.01 0.12 -29.68
CA PRO D 135 -20.12 0.64 -30.48
C PRO D 135 -20.21 2.17 -30.54
N HIS D 136 -19.45 2.86 -29.67
CA HIS D 136 -19.43 4.30 -29.67
C HIS D 136 -18.21 4.85 -30.41
N ALA D 137 -17.37 3.96 -30.90
CA ALA D 137 -16.16 4.37 -31.62
C ALA D 137 -16.50 5.01 -32.96
N LYS D 138 -17.65 4.64 -33.52
CA LYS D 138 -18.11 5.17 -34.79
C LYS D 138 -18.34 6.68 -34.73
N ARG D 139 -19.01 7.12 -33.67
CA ARG D 139 -19.35 8.53 -33.50
C ARG D 139 -18.14 9.40 -33.12
N LEU D 140 -17.02 8.76 -32.82
CA LEU D 140 -15.82 9.47 -32.37
C LEU D 140 -14.79 9.62 -33.49
N HIS D 141 -14.30 8.49 -33.98
CA HIS D 141 -13.20 8.48 -34.95
C HIS D 141 -13.41 7.38 -35.99
N PRO D 142 -12.87 7.58 -37.21
CA PRO D 142 -13.09 6.62 -38.31
C PRO D 142 -12.22 5.37 -38.20
N LEU D 143 -11.98 4.87 -36.99
CA LEU D 143 -11.23 3.63 -36.84
C LEU D 143 -11.88 2.64 -35.86
N PRO D 144 -13.10 2.17 -36.19
CA PRO D 144 -13.76 1.20 -35.30
C PRO D 144 -13.13 -0.19 -35.44
N HIS D 145 -12.55 -0.43 -36.62
CA HIS D 145 -11.93 -1.71 -36.93
C HIS D 145 -10.79 -2.01 -35.97
N LEU D 146 -9.97 -0.99 -35.71
CA LEU D 146 -8.91 -1.10 -34.71
C LEU D 146 -9.48 -1.46 -33.34
N HIS D 147 -10.65 -0.89 -33.03
CA HIS D 147 -11.29 -1.15 -31.75
C HIS D 147 -11.72 -2.61 -31.64
N LEU D 148 -12.32 -3.15 -32.70
CA LEU D 148 -12.65 -4.57 -32.74
C LEU D 148 -11.39 -5.41 -32.59
N GLY D 149 -10.31 -4.94 -33.20
CA GLY D 149 -9.02 -5.61 -33.07
C GLY D 149 -8.59 -5.71 -31.62
N ILE D 150 -8.69 -4.60 -30.90
CA ILE D 150 -8.37 -4.57 -29.48
C ILE D 150 -9.32 -5.48 -28.70
N VAL D 151 -10.57 -5.56 -29.15
CA VAL D 151 -11.57 -6.37 -28.48
C VAL D 151 -11.24 -7.86 -28.54
N LEU D 152 -10.99 -8.37 -29.76
CA LEU D 152 -10.60 -9.78 -29.89
C LEU D 152 -9.13 -9.94 -29.51
N GLY D 153 -8.49 -8.83 -29.13
CA GLY D 153 -7.17 -8.90 -28.56
C GLY D 153 -7.28 -9.16 -27.07
N SER D 154 -8.35 -8.65 -26.49
CA SER D 154 -8.57 -8.71 -25.05
C SER D 154 -8.95 -10.11 -24.58
N VAL D 155 -9.39 -10.96 -25.51
CA VAL D 155 -9.70 -12.34 -25.17
C VAL D 155 -8.42 -13.18 -25.12
N VAL D 156 -7.48 -12.85 -26.00
CA VAL D 156 -6.14 -13.44 -25.97
C VAL D 156 -5.42 -13.00 -24.71
N PHE D 157 -5.39 -11.69 -24.49
CA PHE D 157 -4.82 -11.08 -23.29
C PHE D 157 -5.41 -11.68 -22.02
N GLY D 158 -6.73 -11.85 -22.03
CA GLY D 158 -7.43 -12.43 -20.91
C GLY D 158 -7.04 -13.87 -20.67
N GLY D 159 -6.94 -14.64 -21.75
CA GLY D 159 -6.51 -16.03 -21.66
C GLY D 159 -5.12 -16.13 -21.05
N ALA D 160 -4.24 -15.23 -21.46
CA ALA D 160 -2.88 -15.18 -20.94
C ALA D 160 -2.86 -14.86 -19.45
N VAL D 161 -3.56 -13.78 -19.07
CA VAL D 161 -3.56 -13.32 -17.69
C VAL D 161 -4.31 -14.30 -16.78
N ALA D 162 -5.11 -15.16 -17.38
CA ALA D 162 -5.86 -16.16 -16.62
C ALA D 162 -5.18 -17.52 -16.66
N ALA D 163 -4.13 -17.64 -17.47
CA ALA D 163 -3.41 -18.89 -17.62
C ALA D 163 -2.55 -19.22 -16.40
N SER D 164 -2.06 -18.17 -15.74
CA SER D 164 -1.14 -18.31 -14.63
C SER D 164 -1.63 -19.24 -13.52
N GLY D 165 -2.92 -19.13 -13.18
CA GLY D 165 -3.43 -19.78 -11.99
C GLY D 165 -2.94 -18.98 -10.80
N ASP D 166 -2.72 -17.69 -11.04
CA ASP D 166 -2.13 -16.76 -10.07
C ASP D 166 -0.78 -17.28 -9.59
N GLU D 167 -0.07 -17.98 -10.46
CA GLU D 167 1.28 -18.43 -10.17
C GLU D 167 2.22 -17.22 -10.17
N ALA D 168 1.76 -16.15 -10.79
CA ALA D 168 2.52 -14.91 -10.90
C ALA D 168 2.76 -14.27 -9.53
N SER D 169 3.81 -13.47 -9.44
CA SER D 169 4.19 -12.81 -8.19
C SER D 169 3.72 -11.36 -8.17
N SER D 170 3.75 -10.71 -9.32
CA SER D 170 3.34 -9.31 -9.43
C SER D 170 2.74 -9.02 -10.81
N LEU D 171 2.11 -7.85 -10.94
CA LEU D 171 1.47 -7.45 -12.19
C LEU D 171 2.50 -7.23 -13.29
N GLY D 172 3.73 -6.92 -12.90
CA GLY D 172 4.81 -6.76 -13.85
C GLY D 172 5.20 -8.06 -14.52
N GLU D 173 4.62 -9.16 -14.04
CA GLU D 173 4.91 -10.48 -14.59
C GLU D 173 3.82 -10.95 -15.54
N VAL D 174 2.56 -10.63 -15.22
CA VAL D 174 1.45 -11.03 -16.08
C VAL D 174 1.44 -10.23 -17.38
N LEU D 175 1.91 -8.98 -17.30
CA LEU D 175 2.01 -8.15 -18.50
C LEU D 175 3.21 -8.58 -19.35
N ARG D 176 4.10 -9.36 -18.75
CA ARG D 176 5.23 -9.93 -19.47
C ARG D 176 4.93 -11.38 -19.86
N SER D 177 3.79 -11.88 -19.38
CA SER D 177 3.36 -13.24 -19.67
C SER D 177 2.56 -13.31 -20.96
N VAL D 178 2.04 -12.17 -21.38
CA VAL D 178 1.19 -12.08 -22.56
C VAL D 178 1.96 -12.22 -23.86
N PRO D 179 1.49 -13.13 -24.75
CA PRO D 179 2.04 -13.21 -26.11
C PRO D 179 1.62 -12.01 -26.95
N TRP D 180 2.36 -10.92 -26.82
CA TRP D 180 1.94 -9.64 -27.39
C TRP D 180 1.92 -9.65 -28.92
N LEU D 181 2.78 -10.48 -29.52
CA LEU D 181 2.80 -10.62 -30.97
C LEU D 181 1.43 -11.08 -31.48
N TYR D 182 0.91 -12.15 -30.87
CA TYR D 182 -0.32 -12.76 -31.34
C TYR D 182 -1.57 -11.93 -31.08
N VAL D 183 -1.61 -11.21 -29.97
CA VAL D 183 -2.74 -10.31 -29.73
C VAL D 183 -2.67 -9.14 -30.69
N ALA D 184 -1.48 -8.57 -30.87
CA ALA D 184 -1.30 -7.45 -31.80
C ALA D 184 -1.49 -7.90 -33.26
N ALA D 185 -1.51 -9.21 -33.48
CA ALA D 185 -1.69 -9.77 -34.81
C ALA D 185 -3.16 -10.06 -35.10
N VAL D 186 -3.81 -10.79 -34.19
CA VAL D 186 -5.22 -11.09 -34.33
C VAL D 186 -6.01 -9.77 -34.33
N SER D 187 -5.51 -8.78 -33.61
CA SER D 187 -6.08 -7.45 -33.61
C SER D 187 -6.10 -6.88 -35.03
N LEU D 188 -4.94 -6.85 -35.67
CA LEU D 188 -4.81 -6.31 -37.02
C LEU D 188 -5.59 -7.11 -38.04
N TRP D 189 -5.71 -8.42 -37.82
CA TRP D 189 -6.50 -9.27 -38.70
C TRP D 189 -7.98 -8.89 -38.63
N VAL D 190 -8.50 -8.83 -37.40
CA VAL D 190 -9.90 -8.46 -37.19
C VAL D 190 -10.19 -7.08 -37.76
N ALA D 191 -9.34 -6.11 -37.42
CA ALA D 191 -9.43 -4.77 -37.97
C ALA D 191 -9.44 -4.81 -39.50
N GLY D 192 -8.66 -5.72 -40.06
CA GLY D 192 -8.58 -5.88 -41.50
C GLY D 192 -9.90 -6.32 -42.12
N PHE D 193 -10.37 -7.51 -41.76
CA PHE D 193 -11.56 -8.05 -42.42
C PHE D 193 -12.82 -7.27 -42.03
N ASP D 194 -12.77 -6.53 -40.93
CA ASP D 194 -13.86 -5.61 -40.61
C ASP D 194 -13.78 -4.37 -41.50
N THR D 195 -12.57 -3.90 -41.76
CA THR D 195 -12.37 -2.79 -42.68
C THR D 195 -12.91 -3.16 -44.06
N ILE D 196 -12.71 -4.42 -44.44
CA ILE D 196 -13.28 -4.93 -45.68
C ILE D 196 -14.80 -5.00 -45.60
N TYR D 197 -15.32 -5.55 -44.50
CA TYR D 197 -16.76 -5.74 -44.33
C TYR D 197 -17.53 -4.42 -44.32
N SER D 198 -16.86 -3.33 -43.95
CA SER D 198 -17.52 -2.02 -43.83
C SER D 198 -17.63 -1.29 -45.17
N ILE D 199 -17.27 -1.96 -46.26
CA ILE D 199 -17.33 -1.36 -47.58
C ILE D 199 -18.76 -1.24 -48.08
N MET D 200 -19.59 -2.24 -47.77
CA MET D 200 -21.00 -2.19 -48.18
C MET D 200 -21.75 -1.08 -47.45
N ASP D 201 -21.16 -0.56 -46.38
CA ASP D 201 -21.77 0.49 -45.57
C ASP D 201 -21.22 1.88 -45.89
N ILE D 202 -20.35 1.97 -46.88
CA ILE D 202 -19.72 3.24 -47.26
C ILE D 202 -20.75 4.35 -47.46
N ASP D 203 -21.81 4.03 -48.18
CA ASP D 203 -22.88 4.98 -48.45
C ASP D 203 -23.58 5.40 -47.17
N PHE D 204 -24.15 4.41 -46.47
CA PHE D 204 -24.92 4.65 -45.26
C PHE D 204 -24.12 5.35 -44.16
N ASP D 205 -22.88 4.90 -43.94
CA ASP D 205 -22.06 5.38 -42.83
C ASP D 205 -21.50 6.78 -43.05
N ARG D 206 -21.88 7.45 -44.14
CA ARG D 206 -21.42 8.81 -44.39
C ARG D 206 -22.59 9.76 -44.62
N SER D 207 -23.76 9.18 -44.89
CA SER D 207 -25.00 9.95 -44.86
C SER D 207 -25.15 10.56 -43.48
N HIS D 208 -24.98 9.71 -42.48
CA HIS D 208 -25.02 10.10 -41.08
C HIS D 208 -23.60 10.34 -40.58
N GLY D 209 -23.47 10.87 -39.37
CA GLY D 209 -22.17 11.24 -38.84
C GLY D 209 -21.24 10.09 -38.53
N LEU D 210 -21.65 8.87 -38.90
CA LEU D 210 -20.86 7.67 -38.65
C LEU D 210 -19.49 7.74 -39.30
N GLY D 211 -18.55 6.95 -38.78
CA GLY D 211 -17.19 6.97 -39.29
C GLY D 211 -16.64 5.58 -39.54
N SER D 212 -15.80 5.48 -40.56
CA SER D 212 -15.11 4.23 -40.89
C SER D 212 -13.98 4.53 -41.88
N ILE D 213 -13.09 3.56 -42.06
CA ILE D 213 -12.02 3.70 -43.02
C ILE D 213 -12.52 3.72 -44.47
N PRO D 214 -13.43 2.78 -44.85
CA PRO D 214 -13.88 2.85 -46.24
C PRO D 214 -14.78 4.05 -46.54
N ALA D 215 -15.16 4.80 -45.50
CA ALA D 215 -15.94 6.02 -45.69
C ALA D 215 -15.01 7.23 -45.83
N LEU D 216 -13.91 7.21 -45.09
CA LEU D 216 -12.91 8.26 -45.18
C LEU D 216 -12.31 8.27 -46.58
N LEU D 217 -11.68 7.16 -46.94
CA LEU D 217 -11.13 6.98 -48.28
C LEU D 217 -11.95 5.92 -49.02
N GLY D 218 -11.96 6.00 -50.35
CA GLY D 218 -12.80 5.14 -51.17
C GLY D 218 -12.62 3.65 -50.96
N PRO D 219 -13.56 2.85 -51.48
CA PRO D 219 -13.54 1.38 -51.39
C PRO D 219 -12.24 0.78 -51.88
N LYS D 220 -11.65 1.38 -52.92
CA LYS D 220 -10.35 0.96 -53.41
C LYS D 220 -9.28 1.22 -52.37
N GLY D 221 -9.24 2.45 -51.85
CA GLY D 221 -8.30 2.83 -50.82
C GLY D 221 -8.51 2.04 -49.54
N ALA D 222 -9.74 1.61 -49.29
CA ALA D 222 -10.06 0.77 -48.14
C ALA D 222 -9.36 -0.57 -48.26
N LEU D 223 -9.51 -1.21 -49.42
CA LEU D 223 -8.86 -2.48 -49.71
C LEU D 223 -7.35 -2.36 -49.59
N ALA D 224 -6.83 -1.18 -49.95
CA ALA D 224 -5.41 -0.90 -49.81
C ALA D 224 -5.00 -0.88 -48.35
N ALA D 225 -5.77 -0.17 -47.53
CA ALA D 225 -5.53 -0.11 -46.10
C ALA D 225 -5.74 -1.48 -45.48
N SER D 226 -6.71 -2.22 -46.01
CA SER D 226 -6.96 -3.59 -45.57
C SER D 226 -5.76 -4.47 -45.87
N LEU D 227 -5.14 -4.24 -47.02
CA LEU D 227 -3.94 -4.97 -47.42
C LEU D 227 -2.81 -4.72 -46.43
N ALA D 228 -2.64 -3.46 -46.05
CA ALA D 228 -1.58 -3.08 -45.11
C ALA D 228 -1.79 -3.73 -43.74
N MET D 229 -3.04 -3.86 -43.34
CA MET D 229 -3.38 -4.48 -42.07
C MET D 229 -3.06 -5.97 -42.09
N HIS D 230 -3.70 -6.70 -43.00
CA HIS D 230 -3.50 -8.15 -43.10
C HIS D 230 -2.06 -8.53 -43.42
N ALA D 231 -1.32 -7.62 -44.05
CA ALA D 231 0.11 -7.84 -44.29
C ALA D 231 0.85 -7.91 -42.96
N ALA D 232 0.67 -6.87 -42.14
CA ALA D 232 1.27 -6.82 -40.82
C ALA D 232 0.72 -7.91 -39.92
N ALA D 233 -0.49 -8.38 -40.21
CA ALA D 233 -1.09 -9.48 -39.47
C ALA D 233 -0.32 -10.78 -39.74
N VAL D 234 -0.14 -11.11 -41.01
CA VAL D 234 0.62 -12.30 -41.39
C VAL D 234 2.07 -12.18 -40.94
N ALA D 235 2.60 -10.96 -41.01
CA ALA D 235 3.97 -10.68 -40.59
C ALA D 235 4.22 -11.10 -39.15
N LEU D 236 3.27 -10.79 -38.27
CA LEU D 236 3.39 -11.08 -36.86
C LEU D 236 3.15 -12.56 -36.55
N PHE D 237 2.17 -13.16 -37.23
CA PHE D 237 1.88 -14.59 -37.07
C PHE D 237 3.11 -15.42 -37.38
N ILE D 238 3.89 -14.96 -38.35
CA ILE D 238 5.12 -15.63 -38.75
C ILE D 238 6.24 -15.36 -37.74
N ALA D 239 6.35 -14.11 -37.30
CA ALA D 239 7.37 -13.71 -36.34
C ALA D 239 7.24 -14.51 -35.04
N GLY D 240 6.02 -14.90 -34.72
CA GLY D 240 5.76 -15.70 -33.52
C GLY D 240 6.33 -17.09 -33.60
N VAL D 241 6.39 -17.63 -34.82
CA VAL D 241 6.94 -18.96 -35.05
C VAL D 241 8.39 -19.03 -34.61
N GLU D 242 9.12 -17.94 -34.78
CA GLU D 242 10.51 -17.87 -34.36
C GLU D 242 10.64 -17.41 -32.91
N ALA D 243 9.79 -16.47 -32.52
CA ALA D 243 9.81 -15.92 -31.17
C ALA D 243 9.52 -16.99 -30.12
N TYR D 244 8.66 -17.94 -30.48
CA TYR D 244 8.34 -19.07 -29.61
C TYR D 244 8.82 -20.35 -30.29
N GLY D 245 8.81 -21.46 -29.56
CA GLY D 245 9.15 -22.74 -30.14
C GLY D 245 8.08 -23.12 -31.15
N LEU D 246 6.84 -23.15 -30.67
CA LEU D 246 5.66 -23.36 -31.50
C LEU D 246 5.65 -24.70 -32.25
N GLY D 247 6.57 -25.58 -31.88
CA GLY D 247 6.62 -26.92 -32.44
C GLY D 247 6.61 -26.99 -33.95
N ALA D 248 5.97 -28.01 -34.49
CA ALA D 248 5.90 -28.20 -35.94
C ALA D 248 4.49 -28.55 -36.40
N ILE D 249 3.54 -28.55 -35.46
CA ILE D 249 2.14 -28.79 -35.80
C ILE D 249 1.37 -27.49 -35.71
N ALA D 250 1.99 -26.50 -35.06
CA ALA D 250 1.41 -25.16 -34.98
C ALA D 250 1.98 -24.27 -36.07
N THR D 251 3.06 -24.74 -36.69
CA THR D 251 3.69 -24.02 -37.80
C THR D 251 2.96 -24.31 -39.10
N VAL D 252 2.15 -25.37 -39.10
CA VAL D 252 1.28 -25.65 -40.23
C VAL D 252 -0.03 -24.88 -40.03
N SER D 253 -0.34 -24.61 -38.77
CA SER D 253 -1.52 -23.82 -38.43
C SER D 253 -1.27 -22.36 -38.77
N THR D 254 -0.03 -21.91 -38.55
CA THR D 254 0.37 -20.55 -38.91
C THR D 254 0.36 -20.40 -40.43
N ALA D 255 0.80 -21.45 -41.13
CA ALA D 255 0.83 -21.45 -42.58
C ALA D 255 -0.58 -21.47 -43.16
N LEU D 256 -1.39 -22.42 -42.71
CA LEU D 256 -2.78 -22.52 -43.14
C LEU D 256 -3.55 -21.24 -42.86
N THR D 257 -3.25 -20.60 -41.73
CA THR D 257 -3.89 -19.33 -41.37
C THR D 257 -3.45 -18.21 -42.32
N ALA D 258 -2.15 -18.01 -42.44
CA ALA D 258 -1.59 -16.99 -43.32
C ALA D 258 -2.07 -17.18 -44.75
N LEU D 259 -2.31 -18.43 -45.11
CA LEU D 259 -2.89 -18.77 -46.41
C LEU D 259 -4.33 -18.26 -46.52
N VAL D 260 -5.14 -18.58 -45.51
CA VAL D 260 -6.54 -18.16 -45.49
C VAL D 260 -6.67 -16.63 -45.53
N ILE D 261 -5.83 -15.95 -44.76
CA ILE D 261 -5.81 -14.48 -44.72
C ILE D 261 -5.61 -13.91 -46.12
N ILE D 262 -4.88 -14.65 -46.95
CA ILE D 262 -4.64 -14.24 -48.32
C ILE D 262 -5.90 -14.34 -49.19
N LEU D 263 -6.62 -15.46 -49.10
CA LEU D 263 -7.86 -15.64 -49.86
C LEU D 263 -8.89 -14.58 -49.54
N VAL D 264 -9.06 -14.27 -48.25
CA VAL D 264 -10.03 -13.27 -47.85
C VAL D 264 -9.61 -11.90 -48.38
N GLN D 265 -8.31 -11.75 -48.65
CA GLN D 265 -7.81 -10.55 -49.29
C GLN D 265 -7.98 -10.68 -50.80
N ALA D 266 -7.79 -11.90 -51.30
CA ALA D 266 -7.91 -12.20 -52.72
C ALA D 266 -9.36 -12.02 -53.21
N MET D 267 -10.28 -12.72 -52.55
CA MET D 267 -11.69 -12.64 -52.90
C MET D 267 -12.23 -11.21 -52.77
N ALA D 268 -11.62 -10.44 -51.87
CA ALA D 268 -12.02 -9.05 -51.65
C ALA D 268 -11.73 -8.18 -52.87
N TRP D 269 -10.48 -8.18 -53.32
CA TRP D 269 -10.07 -7.41 -54.48
C TRP D 269 -10.78 -7.86 -55.75
N LEU D 270 -11.24 -9.11 -55.74
CA LEU D 270 -12.00 -9.66 -56.88
C LEU D 270 -13.47 -9.29 -56.82
N GLY D 271 -13.83 -8.40 -55.89
CA GLY D 271 -15.19 -7.92 -55.77
C GLY D 271 -16.09 -8.82 -54.95
N ARG D 272 -15.87 -10.12 -55.05
CA ARG D 272 -16.64 -11.10 -54.28
C ARG D 272 -16.34 -10.95 -52.80
N VAL D 273 -16.96 -9.96 -52.18
CA VAL D 273 -16.65 -9.58 -50.81
C VAL D 273 -17.43 -10.41 -49.79
N LYS D 274 -18.58 -10.95 -50.19
CA LYS D 274 -19.39 -11.74 -49.28
C LYS D 274 -18.68 -13.04 -48.91
N GLU D 275 -17.99 -13.63 -49.88
CA GLU D 275 -17.23 -14.86 -49.64
C GLU D 275 -15.94 -14.55 -48.90
N SER D 276 -15.47 -13.30 -49.04
CA SER D 276 -14.25 -12.86 -48.38
C SER D 276 -14.44 -12.74 -46.86
N PHE D 277 -15.70 -12.76 -46.44
CA PHE D 277 -16.03 -12.66 -45.03
C PHE D 277 -16.07 -14.04 -44.37
N ASN D 278 -16.85 -14.94 -44.96
CA ASN D 278 -17.06 -16.28 -44.40
C ASN D 278 -15.78 -17.10 -44.35
N LEU D 279 -14.78 -16.71 -45.14
CA LEU D 279 -13.51 -17.41 -45.15
C LEU D 279 -12.71 -17.11 -43.88
N ASN D 280 -13.02 -15.99 -43.24
CA ASN D 280 -12.39 -15.64 -41.98
C ASN D 280 -12.85 -16.55 -40.85
N LEU D 281 -13.89 -17.34 -41.12
CA LEU D 281 -14.44 -18.27 -40.13
C LEU D 281 -13.58 -19.53 -40.08
N ALA D 282 -12.69 -19.67 -41.05
CA ALA D 282 -11.84 -20.86 -41.15
C ALA D 282 -10.69 -20.85 -40.14
N VAL D 283 -10.03 -19.70 -39.99
CA VAL D 283 -8.85 -19.61 -39.13
C VAL D 283 -9.11 -19.97 -37.64
N PRO D 284 -10.29 -19.64 -37.09
CA PRO D 284 -10.52 -20.17 -35.75
C PRO D 284 -10.59 -21.70 -35.75
N ILE D 285 -11.27 -22.26 -36.74
CA ILE D 285 -11.32 -23.71 -36.91
C ILE D 285 -9.92 -24.28 -37.17
N ILE D 286 -9.11 -23.53 -37.93
CA ILE D 286 -7.74 -23.93 -38.23
C ILE D 286 -6.89 -24.01 -36.95
N ILE D 287 -6.78 -22.89 -36.24
CA ILE D 287 -5.97 -22.84 -35.03
C ILE D 287 -6.68 -23.55 -33.88
N GLY D 288 -7.99 -23.73 -34.00
CA GLY D 288 -8.75 -24.45 -33.00
C GLY D 288 -8.40 -25.93 -33.01
N ALA D 289 -8.46 -26.53 -34.20
CA ALA D 289 -8.04 -27.92 -34.37
C ALA D 289 -6.54 -28.04 -34.19
N GLY D 290 -5.83 -26.92 -34.32
CA GLY D 290 -4.40 -26.88 -34.11
C GLY D 290 -4.04 -26.96 -32.64
N ILE D 291 -4.90 -26.39 -31.80
CA ILE D 291 -4.74 -26.50 -30.34
C ILE D 291 -5.08 -27.92 -29.90
N ILE D 292 -6.14 -28.48 -30.49
CA ILE D 292 -6.38 -29.91 -30.39
C ILE D 292 -5.25 -30.60 -31.16
N VAL D 293 -5.19 -31.94 -31.12
CA VAL D 293 -4.00 -32.70 -31.49
C VAL D 293 -2.74 -31.94 -31.07
N ASP D 294 -2.53 -31.88 -29.76
CA ASP D 294 -1.51 -31.05 -29.12
C ASP D 294 -0.14 -31.18 -29.76
N ARG E 21 -12.35 -23.61 2.05
CA ARG E 21 -11.40 -22.90 2.92
C ARG E 21 -12.11 -21.79 3.69
N LEU E 22 -12.63 -20.80 2.96
CA LEU E 22 -13.34 -19.69 3.57
C LEU E 22 -14.86 -19.86 3.44
N VAL E 23 -15.30 -20.28 2.26
CA VAL E 23 -16.73 -20.48 2.02
C VAL E 23 -17.00 -21.86 1.43
N ARG E 24 -17.63 -22.72 2.21
CA ARG E 24 -18.02 -24.04 1.74
C ARG E 24 -19.38 -23.98 1.06
N ILE E 25 -19.39 -24.17 -0.26
CA ILE E 25 -20.63 -24.05 -1.03
C ILE E 25 -21.54 -25.26 -0.85
N GLU E 26 -21.03 -26.29 -0.20
CA GLU E 26 -21.82 -27.49 0.09
C GLU E 26 -22.94 -27.14 1.05
N HIS E 27 -22.63 -26.34 2.07
CA HIS E 27 -23.60 -25.88 3.07
C HIS E 27 -24.88 -25.34 2.46
N THR E 28 -24.76 -24.75 1.27
CA THR E 28 -25.88 -24.14 0.57
C THR E 28 -27.03 -25.12 0.35
N ILE E 29 -26.72 -26.42 0.38
CA ILE E 29 -27.75 -27.46 0.22
C ILE E 29 -28.85 -27.33 1.28
N PHE E 30 -28.52 -26.70 2.41
CA PHE E 30 -29.48 -26.52 3.49
C PHE E 30 -30.31 -25.26 3.32
N SER E 31 -29.80 -24.30 2.53
CA SER E 31 -30.47 -23.03 2.35
C SER E 31 -31.36 -23.04 1.11
N LEU E 32 -31.22 -24.07 0.29
CA LEU E 32 -32.00 -24.20 -0.94
C LEU E 32 -33.52 -24.34 -0.74
N PRO E 33 -33.97 -25.30 0.09
CA PRO E 33 -35.41 -25.58 0.11
C PRO E 33 -36.29 -24.41 0.58
N PHE E 34 -35.67 -23.38 1.15
CA PHE E 34 -36.42 -22.19 1.56
C PHE E 34 -36.73 -21.31 0.34
N ALA E 35 -35.94 -21.48 -0.72
CA ALA E 35 -36.21 -20.79 -1.97
C ALA E 35 -37.33 -21.50 -2.72
N TYR E 36 -37.26 -22.83 -2.77
CA TYR E 36 -38.24 -23.63 -3.48
C TYR E 36 -39.61 -23.59 -2.82
N VAL E 37 -39.63 -23.44 -1.50
CA VAL E 37 -40.88 -23.39 -0.76
C VAL E 37 -41.56 -22.04 -0.98
N GLY E 38 -40.76 -21.02 -1.32
CA GLY E 38 -41.30 -19.71 -1.62
C GLY E 38 -41.80 -19.64 -3.04
N ALA E 39 -41.22 -20.48 -3.90
CA ALA E 39 -41.59 -20.54 -5.31
C ALA E 39 -42.90 -21.29 -5.50
N LEU E 40 -43.04 -22.41 -4.79
CA LEU E 40 -44.21 -23.26 -4.91
C LEU E 40 -45.44 -22.61 -4.28
N LEU E 41 -45.25 -21.93 -3.16
CA LEU E 41 -46.36 -21.30 -2.44
C LEU E 41 -46.80 -20.00 -3.11
N SER E 42 -46.15 -19.64 -4.20
CA SER E 42 -46.57 -18.51 -5.02
C SER E 42 -47.56 -18.96 -6.07
N ARG E 43 -47.57 -20.28 -6.30
CA ARG E 43 -48.50 -20.94 -7.22
C ARG E 43 -48.35 -20.47 -8.67
N TYR E 44 -47.22 -19.85 -8.99
CA TYR E 44 -46.88 -19.53 -10.37
C TYR E 44 -45.97 -20.62 -10.91
N PRO E 45 -46.11 -20.94 -12.21
CA PRO E 45 -45.31 -22.01 -12.82
C PRO E 45 -43.88 -21.56 -13.15
N PHE E 46 -42.94 -22.48 -13.02
CA PHE E 46 -41.54 -22.20 -13.36
C PHE E 46 -40.90 -23.44 -13.99
N THR E 47 -39.82 -23.23 -14.71
CA THR E 47 -39.14 -24.32 -15.42
C THR E 47 -37.97 -24.89 -14.64
N LEU E 48 -37.39 -25.97 -15.14
CA LEU E 48 -36.19 -26.56 -14.54
C LEU E 48 -35.04 -25.56 -14.61
N ALA E 49 -34.95 -24.84 -15.71
CA ALA E 49 -33.96 -23.80 -15.88
C ALA E 49 -34.11 -22.74 -14.79
N ASP E 50 -35.34 -22.31 -14.56
CA ASP E 50 -35.65 -21.36 -13.51
C ASP E 50 -35.17 -21.87 -12.15
N ALA E 51 -35.38 -23.16 -11.90
CA ALA E 51 -34.97 -23.78 -10.64
C ALA E 51 -33.46 -23.76 -10.46
N ILE E 52 -32.75 -24.19 -11.50
CA ILE E 52 -31.29 -24.17 -11.48
C ILE E 52 -30.76 -22.76 -11.25
N LEU E 53 -31.41 -21.78 -11.88
CA LEU E 53 -31.05 -20.38 -11.70
C LEU E 53 -31.32 -19.92 -10.26
N MET E 54 -32.38 -20.45 -9.66
CA MET E 54 -32.67 -20.18 -8.25
C MET E 54 -31.53 -20.68 -7.38
N ALA E 55 -31.14 -21.94 -7.59
CA ALA E 55 -30.05 -22.55 -6.86
C ALA E 55 -28.77 -21.72 -6.99
N ALA E 56 -28.46 -21.32 -8.22
CA ALA E 56 -27.28 -20.49 -8.49
C ALA E 56 -27.35 -19.16 -7.74
N ALA E 57 -28.53 -18.54 -7.75
CA ALA E 57 -28.75 -17.29 -7.03
C ALA E 57 -28.46 -17.48 -5.53
N VAL E 58 -28.91 -18.62 -5.00
CA VAL E 58 -28.72 -18.92 -3.60
C VAL E 58 -27.25 -19.14 -3.25
N VAL E 59 -26.53 -19.92 -4.07
CA VAL E 59 -25.12 -20.17 -3.77
C VAL E 59 -24.30 -18.90 -3.93
N GLY E 60 -24.74 -18.01 -4.82
CA GLY E 60 -24.08 -16.73 -5.00
C GLY E 60 -24.27 -15.85 -3.78
N LEU E 61 -25.52 -15.73 -3.35
CA LEU E 61 -25.85 -14.91 -2.19
C LEU E 61 -25.16 -15.43 -0.93
N ARG E 62 -25.09 -16.76 -0.81
CA ARG E 62 -24.41 -17.39 0.32
C ARG E 62 -22.92 -17.07 0.27
N MET E 63 -22.33 -17.18 -0.92
CA MET E 63 -20.91 -16.91 -1.08
C MET E 63 -20.59 -15.47 -0.65
N ALA E 64 -21.33 -14.51 -1.22
CA ALA E 64 -21.15 -13.10 -0.90
C ALA E 64 -21.32 -12.82 0.60
N GLY E 65 -22.44 -13.28 1.16
CA GLY E 65 -22.74 -13.06 2.55
C GLY E 65 -21.72 -13.65 3.51
N MET E 66 -21.36 -14.91 3.29
CA MET E 66 -20.40 -15.60 4.16
C MET E 66 -19.00 -15.00 4.05
N ALA E 67 -18.59 -14.62 2.85
CA ALA E 67 -17.29 -14.00 2.66
C ALA E 67 -17.23 -12.64 3.35
N TYR E 68 -18.18 -11.77 3.03
CA TYR E 68 -18.19 -10.43 3.60
C TYR E 68 -18.45 -10.46 5.10
N ASN E 69 -18.99 -11.57 5.59
CA ASN E 69 -19.08 -11.79 7.03
C ASN E 69 -17.69 -11.78 7.65
N ASN E 70 -16.86 -12.72 7.21
CA ASN E 70 -15.48 -12.80 7.68
C ASN E 70 -14.71 -11.50 7.43
N ILE E 71 -15.05 -10.80 6.35
CA ILE E 71 -14.41 -9.52 6.06
C ILE E 71 -14.77 -8.44 7.10
N ALA E 72 -16.07 -8.18 7.26
CA ALA E 72 -16.54 -7.09 8.11
C ALA E 72 -16.16 -7.28 9.57
N ASP E 73 -16.71 -8.32 10.20
CA ASP E 73 -16.34 -8.64 11.57
C ASP E 73 -15.05 -9.46 11.60
N LEU E 74 -13.94 -8.84 11.21
CA LEU E 74 -12.63 -9.47 11.28
C LEU E 74 -11.86 -8.93 12.47
N ASP E 75 -11.86 -7.62 12.60
CA ASP E 75 -11.16 -6.94 13.70
C ASP E 75 -11.67 -7.42 15.05
N ILE E 76 -12.95 -7.77 15.12
CA ILE E 76 -13.54 -8.21 16.37
C ILE E 76 -13.70 -9.73 16.43
N ASP E 77 -13.22 -10.42 15.40
CA ASP E 77 -13.23 -11.88 15.39
C ASP E 77 -11.82 -12.40 15.63
N ARG E 78 -10.86 -11.48 15.70
CA ARG E 78 -9.49 -11.84 16.06
C ARG E 78 -9.34 -11.80 17.58
N LEU E 79 -10.13 -10.94 18.21
CA LEU E 79 -10.11 -10.74 19.66
C LEU E 79 -10.80 -11.87 20.39
N ASN E 80 -11.63 -12.60 19.65
CA ASN E 80 -12.47 -13.64 20.23
C ASN E 80 -11.74 -14.97 20.39
N PRO E 81 -11.67 -15.46 21.63
CA PRO E 81 -11.13 -16.79 21.96
C PRO E 81 -11.77 -17.88 21.14
N ARG E 82 -13.09 -17.76 20.97
CA ARG E 82 -13.90 -18.74 20.27
C ARG E 82 -13.51 -18.85 18.80
N THR E 83 -13.20 -17.72 18.19
CA THR E 83 -12.94 -17.69 16.75
C THR E 83 -11.53 -17.21 16.41
N ALA E 84 -10.52 -17.77 17.06
CA ALA E 84 -9.13 -17.46 16.73
C ALA E 84 -8.58 -18.48 15.75
N LYS E 85 -9.39 -19.50 15.45
CA LYS E 85 -9.00 -20.54 14.52
C LYS E 85 -9.69 -20.33 13.17
N ARG E 86 -10.53 -19.32 13.09
CA ARG E 86 -11.19 -18.94 11.85
C ARG E 86 -10.16 -18.57 10.79
N PRO E 87 -10.44 -18.90 9.53
CA PRO E 87 -9.59 -18.45 8.43
C PRO E 87 -9.64 -16.93 8.32
N LEU E 88 -8.73 -16.34 7.54
CA LEU E 88 -8.61 -14.89 7.38
C LEU E 88 -8.07 -14.22 8.66
N VAL E 89 -8.12 -14.95 9.77
CA VAL E 89 -7.53 -14.51 11.02
C VAL E 89 -6.13 -15.11 11.16
N VAL E 90 -6.07 -16.44 11.12
CA VAL E 90 -4.81 -17.17 11.15
C VAL E 90 -3.98 -16.86 9.91
N GLY E 91 -4.69 -16.76 8.79
CA GLY E 91 -4.06 -16.62 7.49
C GLY E 91 -4.83 -17.45 6.50
N ALA E 92 -4.21 -18.54 6.04
CA ALA E 92 -4.86 -19.49 5.12
C ALA E 92 -5.38 -18.81 3.85
N VAL E 93 -6.35 -17.92 4.02
CA VAL E 93 -6.87 -17.12 2.92
C VAL E 93 -6.46 -15.66 3.07
N SER E 94 -6.26 -14.98 1.95
CA SER E 94 -5.93 -13.56 1.98
C SER E 94 -7.20 -12.72 1.98
N LEU E 95 -7.06 -11.43 2.28
CA LEU E 95 -8.18 -10.51 2.19
C LEU E 95 -8.61 -10.39 0.73
N ARG E 96 -7.64 -10.56 -0.17
CA ARG E 96 -7.87 -10.49 -1.60
C ARG E 96 -8.77 -11.62 -2.09
N GLU E 97 -8.46 -12.85 -1.69
CA GLU E 97 -9.27 -14.00 -2.09
C GLU E 97 -10.69 -13.87 -1.56
N ALA E 98 -10.80 -13.32 -0.36
CA ALA E 98 -12.08 -13.11 0.29
C ALA E 98 -12.94 -12.10 -0.48
N TRP E 99 -12.36 -10.93 -0.74
CA TRP E 99 -13.05 -9.91 -1.53
C TRP E 99 -13.40 -10.43 -2.92
N ALA E 100 -12.54 -11.28 -3.45
CA ALA E 100 -12.78 -11.93 -4.73
C ALA E 100 -14.01 -12.81 -4.65
N LEU E 101 -14.17 -13.50 -3.53
CA LEU E 101 -15.34 -14.34 -3.30
C LEU E 101 -16.59 -13.49 -3.12
N VAL E 102 -16.43 -12.29 -2.55
CA VAL E 102 -17.54 -11.36 -2.42
C VAL E 102 -18.03 -10.91 -3.80
N ALA E 103 -17.10 -10.41 -4.61
CA ALA E 103 -17.41 -9.94 -5.95
C ALA E 103 -17.98 -11.06 -6.80
N ALA E 104 -17.44 -12.26 -6.65
CA ALA E 104 -17.89 -13.42 -7.40
C ALA E 104 -19.29 -13.85 -6.97
N GLY E 105 -19.57 -13.73 -5.68
CA GLY E 105 -20.88 -14.07 -5.16
C GLY E 105 -21.91 -13.10 -5.69
N SER E 106 -21.62 -11.81 -5.55
CA SER E 106 -22.52 -10.77 -6.05
C SER E 106 -22.74 -10.93 -7.55
N ALA E 107 -21.68 -11.32 -8.26
CA ALA E 107 -21.74 -11.50 -9.70
C ALA E 107 -22.63 -12.68 -10.09
N ILE E 108 -22.43 -13.81 -9.44
CA ILE E 108 -23.25 -14.99 -9.71
C ILE E 108 -24.72 -14.70 -9.40
N TYR E 109 -24.95 -14.03 -8.26
CA TYR E 109 -26.31 -13.68 -7.87
C TYR E 109 -26.97 -12.77 -8.90
N PHE E 110 -26.25 -11.73 -9.31
CA PHE E 110 -26.75 -10.78 -10.30
C PHE E 110 -27.02 -11.47 -11.65
N ALA E 111 -26.15 -12.41 -11.99
CA ALA E 111 -26.29 -13.18 -13.23
C ALA E 111 -27.57 -14.01 -13.20
N SER E 112 -27.78 -14.72 -12.10
CA SER E 112 -28.97 -15.54 -11.93
C SER E 112 -30.23 -14.68 -11.97
N ALA E 113 -30.21 -13.58 -11.22
CA ALA E 113 -31.34 -12.66 -11.14
C ALA E 113 -31.71 -12.08 -12.50
N ALA E 114 -30.68 -11.74 -13.28
CA ALA E 114 -30.89 -11.17 -14.61
C ALA E 114 -31.42 -12.23 -15.58
N LEU E 115 -30.87 -13.44 -15.48
CA LEU E 115 -31.27 -14.55 -16.34
C LEU E 115 -32.70 -15.00 -16.05
N LEU E 116 -33.15 -14.79 -14.82
CA LEU E 116 -34.50 -15.15 -14.42
C LEU E 116 -35.55 -14.21 -15.00
N ASN E 117 -35.85 -13.15 -14.26
CA ASN E 117 -36.85 -12.17 -14.69
C ASN E 117 -36.33 -10.74 -14.59
N THR E 118 -37.15 -9.79 -15.03
CA THR E 118 -36.80 -8.38 -14.93
C THR E 118 -37.00 -7.87 -13.51
N TYR E 119 -37.99 -8.44 -12.81
CA TYR E 119 -38.28 -8.05 -11.44
C TYR E 119 -37.26 -8.63 -10.47
N ALA E 120 -36.82 -9.86 -10.76
CA ALA E 120 -35.76 -10.48 -9.98
C ALA E 120 -34.49 -9.64 -10.04
N LEU E 121 -34.13 -9.21 -11.25
CA LEU E 121 -32.99 -8.34 -11.44
C LEU E 121 -33.21 -6.98 -10.77
N LEU E 122 -34.46 -6.50 -10.83
CA LEU E 122 -34.81 -5.22 -10.24
C LEU E 122 -34.63 -5.20 -8.73
N LEU E 123 -34.98 -6.30 -8.08
CA LEU E 123 -34.94 -6.41 -6.63
C LEU E 123 -33.62 -6.98 -6.12
N SER E 124 -32.82 -7.52 -7.04
CA SER E 124 -31.55 -8.13 -6.68
C SER E 124 -30.57 -7.24 -5.90
N PRO E 125 -30.47 -5.94 -6.24
CA PRO E 125 -29.55 -5.15 -5.42
C PRO E 125 -30.06 -4.94 -4.00
N LEU E 126 -31.38 -4.87 -3.83
CA LEU E 126 -31.98 -4.70 -2.50
C LEU E 126 -31.75 -5.94 -1.64
N VAL E 127 -31.98 -7.12 -2.24
CA VAL E 127 -31.77 -8.39 -1.55
C VAL E 127 -30.30 -8.56 -1.17
N LEU E 128 -29.40 -8.22 -2.10
CA LEU E 128 -27.98 -8.30 -1.84
C LEU E 128 -27.56 -7.30 -0.77
N ALA E 129 -28.22 -6.15 -0.75
CA ALA E 129 -27.97 -5.14 0.27
C ALA E 129 -28.26 -5.69 1.66
N ILE E 130 -29.39 -6.37 1.79
CA ILE E 130 -29.80 -6.98 3.05
C ILE E 130 -28.75 -7.96 3.58
N ALA E 131 -28.28 -8.84 2.71
CA ALA E 131 -27.32 -9.86 3.10
C ALA E 131 -25.95 -9.29 3.43
N LEU E 132 -25.63 -8.13 2.85
CA LEU E 132 -24.33 -7.51 3.05
C LEU E 132 -24.34 -6.45 4.15
N THR E 133 -25.53 -6.13 4.66
CA THR E 133 -25.65 -5.11 5.69
C THR E 133 -25.64 -5.72 7.09
N TYR E 134 -25.99 -7.02 7.17
CA TYR E 134 -26.10 -7.72 8.45
C TYR E 134 -24.85 -7.63 9.35
N PRO E 135 -23.64 -7.88 8.79
CA PRO E 135 -22.48 -7.87 9.70
C PRO E 135 -22.22 -6.52 10.39
N HIS E 136 -22.90 -5.47 9.93
CA HIS E 136 -22.75 -4.15 10.53
C HIS E 136 -23.92 -3.83 11.47
N ALA E 137 -24.87 -4.77 11.59
CA ALA E 137 -26.02 -4.59 12.45
C ALA E 137 -25.62 -4.61 13.93
N LYS E 138 -24.52 -5.29 14.23
CA LYS E 138 -24.02 -5.40 15.59
C LYS E 138 -23.63 -4.03 16.16
N ARG E 139 -22.90 -3.25 15.36
CA ARG E 139 -22.41 -1.95 15.78
C ARG E 139 -23.51 -0.88 15.84
N LEU E 140 -24.70 -1.23 15.35
CA LEU E 140 -25.81 -0.27 15.29
C LEU E 140 -26.83 -0.49 16.39
N HIS E 141 -27.45 -1.66 16.39
CA HIS E 141 -28.54 -1.98 17.31
C HIS E 141 -28.46 -3.42 17.79
N PRO E 142 -28.98 -3.70 19.01
CA PRO E 142 -28.89 -5.04 19.58
C PRO E 142 -29.88 -6.06 19.00
N LEU E 143 -30.17 -5.97 17.70
CA LEU E 143 -31.05 -6.95 17.06
C LEU E 143 -30.49 -7.49 15.74
N PRO E 144 -29.34 -8.18 15.79
CA PRO E 144 -28.79 -8.75 14.56
C PRO E 144 -29.56 -9.99 14.13
N HIS E 145 -30.16 -10.65 15.11
CA HIS E 145 -30.93 -11.86 14.88
C HIS E 145 -32.08 -11.61 13.93
N LEU E 146 -32.80 -10.50 14.15
CA LEU E 146 -33.86 -10.07 13.24
C LEU E 146 -33.31 -9.87 11.84
N HIS E 147 -32.09 -9.35 11.74
CA HIS E 147 -31.46 -9.11 10.45
C HIS E 147 -31.19 -10.42 9.71
N LEU E 148 -30.66 -11.42 10.43
CA LEU E 148 -30.50 -12.75 9.85
C LEU E 148 -31.83 -13.31 9.40
N GLY E 149 -32.86 -13.04 10.20
CA GLY E 149 -34.21 -13.45 9.86
C GLY E 149 -34.65 -12.89 8.52
N ILE E 150 -34.42 -11.60 8.33
CA ILE E 150 -34.72 -10.93 7.07
C ILE E 150 -33.87 -11.52 5.94
N VAL E 151 -32.65 -11.91 6.26
CA VAL E 151 -31.73 -12.46 5.27
C VAL E 151 -32.22 -13.81 4.72
N LEU E 152 -32.53 -14.76 5.61
CA LEU E 152 -33.08 -16.03 5.17
C LEU E 152 -34.55 -15.86 4.80
N GLY E 153 -35.06 -14.65 4.95
CA GLY E 153 -36.38 -14.33 4.47
C GLY E 153 -36.29 -13.95 3.00
N SER E 154 -35.16 -13.35 2.64
CA SER E 154 -34.94 -12.83 1.29
C SER E 154 -34.72 -13.92 0.27
N VAL E 155 -34.38 -15.13 0.73
CA VAL E 155 -34.21 -16.26 -0.16
C VAL E 155 -35.58 -16.86 -0.50
N VAL E 156 -36.48 -16.84 0.48
CA VAL E 156 -37.87 -17.23 0.25
C VAL E 156 -38.53 -16.22 -0.69
N PHE E 157 -38.41 -14.95 -0.34
CA PHE E 157 -38.91 -13.85 -1.14
C PHE E 157 -38.38 -13.91 -2.56
N GLY E 158 -37.09 -14.21 -2.68
CA GLY E 158 -36.43 -14.32 -3.97
C GLY E 158 -36.98 -15.48 -4.77
N GLY E 159 -37.18 -16.61 -4.11
CA GLY E 159 -37.76 -17.77 -4.76
C GLY E 159 -39.15 -17.48 -5.30
N ALA E 160 -39.93 -16.74 -4.52
CA ALA E 160 -41.27 -16.34 -4.93
C ALA E 160 -41.24 -15.41 -6.14
N VAL E 161 -40.43 -14.37 -6.05
CA VAL E 161 -40.37 -13.37 -7.11
C VAL E 161 -39.72 -13.94 -8.37
N ALA E 162 -39.02 -15.06 -8.22
CA ALA E 162 -38.37 -15.72 -9.35
C ALA E 162 -39.20 -16.89 -9.87
N ALA E 163 -40.26 -17.22 -9.14
CA ALA E 163 -41.13 -18.34 -9.51
C ALA E 163 -41.99 -18.03 -10.72
N SER E 164 -42.36 -16.77 -10.86
CA SER E 164 -43.30 -16.32 -11.89
C SER E 164 -42.89 -16.75 -13.31
N GLY E 165 -41.60 -16.63 -13.62
CA GLY E 165 -41.15 -16.77 -14.98
C GLY E 165 -41.54 -15.49 -15.71
N ASP E 166 -41.62 -14.42 -14.94
CA ASP E 166 -42.10 -13.11 -15.40
C ASP E 166 -43.50 -13.23 -16.01
N GLU E 167 -44.29 -14.16 -15.48
CA GLU E 167 -45.67 -14.31 -15.89
C GLU E 167 -46.47 -13.13 -15.35
N ALA E 168 -45.90 -12.46 -14.35
CA ALA E 168 -46.53 -11.30 -13.72
C ALA E 168 -46.68 -10.14 -14.67
N SER E 169 -47.64 -9.27 -14.38
CA SER E 169 -47.92 -8.11 -15.21
C SER E 169 -47.31 -6.84 -14.64
N SER E 170 -47.28 -6.74 -13.32
CA SER E 170 -46.71 -5.58 -12.65
C SER E 170 -46.10 -5.94 -11.31
N LEU E 171 -45.34 -5.02 -10.73
CA LEU E 171 -44.68 -5.25 -9.44
C LEU E 171 -45.69 -5.41 -8.31
N GLY E 172 -46.88 -4.84 -8.49
CA GLY E 172 -47.94 -4.98 -7.51
C GLY E 172 -48.47 -6.39 -7.44
N GLU E 173 -48.02 -7.24 -8.36
CA GLU E 173 -48.44 -8.63 -8.41
C GLU E 173 -47.41 -9.58 -7.78
N VAL E 174 -46.13 -9.27 -7.98
CA VAL E 174 -45.08 -10.12 -7.42
C VAL E 174 -45.00 -9.94 -5.91
N LEU E 175 -45.32 -8.74 -5.43
CA LEU E 175 -45.34 -8.47 -3.99
C LEU E 175 -46.58 -9.10 -3.35
N ARG E 176 -47.55 -9.46 -4.19
CA ARG E 176 -48.74 -10.16 -3.73
C ARG E 176 -48.61 -11.65 -4.00
N SER E 177 -47.53 -12.03 -4.69
CA SER E 177 -47.25 -13.42 -5.03
C SER E 177 -46.47 -14.11 -3.90
N VAL E 178 -45.83 -13.30 -3.06
CA VAL E 178 -44.98 -13.82 -2.00
C VAL E 178 -45.78 -14.42 -0.84
N PRO E 179 -45.42 -15.64 -0.43
CA PRO E 179 -45.97 -16.25 0.78
C PRO E 179 -45.43 -15.56 2.03
N TRP E 180 -46.05 -14.44 2.40
CA TRP E 180 -45.51 -13.57 3.45
C TRP E 180 -45.50 -14.23 4.83
N LEU E 181 -46.45 -15.13 5.06
CA LEU E 181 -46.49 -15.88 6.31
C LEU E 181 -45.19 -16.66 6.53
N TYR E 182 -44.78 -17.40 5.51
CA TYR E 182 -43.63 -18.28 5.63
C TYR E 182 -42.30 -17.55 5.69
N VAL E 183 -42.17 -16.43 4.99
CA VAL E 183 -40.95 -15.64 5.09
C VAL E 183 -40.89 -14.98 6.48
N ALA E 184 -42.01 -14.42 6.92
CA ALA E 184 -42.08 -13.80 8.23
C ALA E 184 -41.95 -14.83 9.35
N ALA E 185 -42.08 -16.10 9.00
CA ALA E 185 -41.97 -17.18 9.98
C ALA E 185 -40.55 -17.71 10.05
N VAL E 186 -39.97 -18.06 8.91
CA VAL E 186 -38.59 -18.53 8.85
C VAL E 186 -37.67 -17.43 9.37
N SER E 187 -38.07 -16.17 9.15
CA SER E 187 -37.34 -15.04 9.70
C SER E 187 -37.27 -15.12 11.22
N LEU E 188 -38.42 -15.25 11.86
CA LEU E 188 -38.51 -15.32 13.31
C LEU E 188 -37.83 -16.55 13.88
N TRP E 189 -37.85 -17.65 13.12
CA TRP E 189 -37.16 -18.87 13.53
C TRP E 189 -35.65 -18.65 13.57
N VAL E 190 -35.12 -18.13 12.47
CA VAL E 190 -33.69 -17.85 12.37
C VAL E 190 -33.25 -16.87 13.46
N ALA E 191 -34.00 -15.78 13.59
CA ALA E 191 -33.75 -14.80 14.64
C ALA E 191 -33.76 -15.48 16.01
N GLY E 192 -34.64 -16.46 16.16
CA GLY E 192 -34.74 -17.20 17.40
C GLY E 192 -33.49 -18.00 17.74
N PHE E 193 -33.15 -18.96 16.89
CA PHE E 193 -32.02 -19.85 17.23
C PHE E 193 -30.68 -19.11 17.14
N ASP E 194 -30.66 -17.97 16.46
CA ASP E 194 -29.46 -17.12 16.51
C ASP E 194 -29.41 -16.38 17.84
N THR E 195 -30.57 -15.94 18.32
CA THR E 195 -30.65 -15.30 19.64
C THR E 195 -30.16 -16.28 20.70
N ILE E 196 -30.50 -17.54 20.53
CA ILE E 196 -30.01 -18.59 21.41
C ILE E 196 -28.49 -18.78 21.26
N TYR E 197 -28.04 -18.85 20.01
CA TYR E 197 -26.63 -19.10 19.72
C TYR E 197 -25.71 -17.99 20.23
N SER E 198 -26.26 -16.78 20.37
CA SER E 198 -25.46 -15.63 20.79
C SER E 198 -25.29 -15.54 22.31
N ILE E 199 -25.72 -16.56 23.02
CA ILE E 199 -25.62 -16.59 24.49
C ILE E 199 -24.17 -16.83 24.93
N MET E 200 -23.45 -17.69 24.21
CA MET E 200 -22.06 -17.96 24.53
C MET E 200 -21.17 -16.74 24.31
N ASP E 201 -21.71 -15.76 23.58
CA ASP E 201 -20.98 -14.52 23.25
C ASP E 201 -21.38 -13.34 24.14
N ILE E 202 -22.24 -13.60 25.13
CA ILE E 202 -22.72 -12.54 26.04
C ILE E 202 -21.58 -11.73 26.64
N ASP E 203 -20.57 -12.43 27.13
CA ASP E 203 -19.40 -11.80 27.72
C ASP E 203 -18.65 -10.96 26.70
N PHE E 204 -18.18 -11.61 25.63
CA PHE E 204 -17.39 -10.96 24.60
C PHE E 204 -18.11 -9.79 23.93
N ASP E 205 -19.38 -9.98 23.58
CA ASP E 205 -20.14 -8.99 22.82
C ASP E 205 -20.54 -7.76 23.62
N ARG E 206 -20.09 -7.67 24.87
CA ARG E 206 -20.40 -6.50 25.69
C ARG E 206 -19.13 -5.86 26.25
N SER E 207 -18.03 -6.61 26.20
CA SER E 207 -16.73 -6.02 26.46
C SER E 207 -16.49 -4.91 25.45
N HIS E 208 -16.76 -5.24 24.19
CA HIS E 208 -16.67 -4.31 23.09
C HIS E 208 -18.05 -3.73 22.80
N GLY E 209 -18.11 -2.73 21.92
CA GLY E 209 -19.35 -2.04 21.65
C GLY E 209 -20.40 -2.85 20.91
N LEU E 210 -20.13 -4.14 20.73
CA LEU E 210 -21.04 -5.04 20.03
C LEU E 210 -22.41 -5.11 20.70
N GLY E 211 -23.42 -5.50 19.94
CA GLY E 211 -24.78 -5.57 20.45
C GLY E 211 -25.47 -6.87 20.12
N SER E 212 -26.33 -7.31 21.04
CA SER E 212 -27.15 -8.49 20.84
C SER E 212 -28.24 -8.54 21.90
N ILE E 213 -29.24 -9.38 21.69
CA ILE E 213 -30.31 -9.56 22.68
C ILE E 213 -29.80 -10.21 23.98
N PRO E 214 -29.02 -11.31 23.89
CA PRO E 214 -28.57 -11.88 25.16
C PRO E 214 -27.53 -11.01 25.90
N ALA E 215 -27.08 -9.94 25.27
CA ALA E 215 -26.17 -9.00 25.92
C ALA E 215 -26.96 -7.88 26.60
N LEU E 216 -28.05 -7.46 25.95
CA LEU E 216 -28.93 -6.45 26.52
C LEU E 216 -29.54 -6.97 27.81
N LEU E 217 -30.30 -8.06 27.70
CA LEU E 217 -30.87 -8.74 28.85
C LEU E 217 -30.18 -10.08 29.05
N GLY E 218 -30.18 -10.57 30.28
CA GLY E 218 -29.42 -11.77 30.63
C GLY E 218 -29.77 -13.00 29.83
N PRO E 219 -28.92 -14.05 29.93
CA PRO E 219 -29.10 -15.32 29.23
C PRO E 219 -30.46 -15.94 29.47
N LYS E 220 -30.99 -15.78 30.69
CA LYS E 220 -32.34 -16.24 31.00
C LYS E 220 -33.37 -15.45 30.21
N GLY E 221 -33.26 -14.12 30.26
CA GLY E 221 -34.14 -13.25 29.52
C GLY E 221 -34.03 -13.46 28.02
N ALA E 222 -32.84 -13.86 27.57
CA ALA E 222 -32.61 -14.15 26.17
C ALA E 222 -33.44 -15.35 25.74
N LEU E 223 -33.37 -16.43 26.51
CA LEU E 223 -34.16 -17.63 26.27
C LEU E 223 -35.65 -17.30 26.27
N ALA E 224 -36.03 -16.35 27.11
CA ALA E 224 -37.41 -15.88 27.17
C ALA E 224 -37.81 -15.21 25.86
N ALA E 225 -36.97 -14.29 25.40
CA ALA E 225 -37.19 -13.63 24.12
C ALA E 225 -37.12 -14.62 22.97
N SER E 226 -36.24 -15.61 23.10
CA SER E 226 -36.14 -16.69 22.13
C SER E 226 -37.43 -17.49 22.07
N LEU E 227 -38.04 -17.69 23.23
CA LEU E 227 -39.31 -18.41 23.34
C LEU E 227 -40.39 -17.65 22.57
N ALA E 228 -40.43 -16.33 22.77
CA ALA E 228 -41.42 -15.49 22.13
C ALA E 228 -41.28 -15.51 20.61
N MET E 229 -40.04 -15.58 20.14
CA MET E 229 -39.77 -15.64 18.71
C MET E 229 -40.25 -16.97 18.11
N HIS E 230 -39.70 -18.07 18.60
CA HIS E 230 -40.05 -19.40 18.10
C HIS E 230 -41.53 -19.73 18.28
N ALA E 231 -42.18 -19.11 19.26
CA ALA E 231 -43.62 -19.26 19.45
C ALA E 231 -44.35 -18.69 18.25
N ALA E 232 -44.05 -17.43 17.93
CA ALA E 232 -44.63 -16.75 16.78
C ALA E 232 -44.20 -17.42 15.48
N ALA E 233 -43.05 -18.08 15.51
CA ALA E 233 -42.58 -18.83 14.35
C ALA E 233 -43.48 -20.03 14.07
N VAL E 234 -43.70 -20.85 15.09
CA VAL E 234 -44.58 -22.00 14.98
C VAL E 234 -46.02 -21.56 14.68
N ALA E 235 -46.41 -20.42 15.27
CA ALA E 235 -47.74 -19.86 15.06
C ALA E 235 -48.02 -19.61 13.58
N LEU E 236 -47.03 -19.07 12.88
CA LEU E 236 -47.18 -18.71 11.48
C LEU E 236 -47.10 -19.95 10.57
N PHE E 237 -46.20 -20.87 10.91
CA PHE E 237 -46.06 -22.11 10.15
C PHE E 237 -47.38 -22.87 10.12
N ILE E 238 -48.11 -22.79 11.23
CA ILE E 238 -49.42 -23.43 11.35
C ILE E 238 -50.48 -22.65 10.60
N ALA E 239 -50.44 -21.33 10.74
CA ALA E 239 -51.41 -20.46 10.06
C ALA E 239 -51.36 -20.63 8.55
N GLY E 240 -50.18 -20.98 8.03
CA GLY E 240 -50.01 -21.21 6.61
C GLY E 240 -50.73 -22.45 6.12
N VAL E 241 -50.86 -23.44 7.00
CA VAL E 241 -51.55 -24.69 6.67
C VAL E 241 -53.01 -24.43 6.30
N GLU E 242 -53.60 -23.42 6.94
CA GLU E 242 -54.99 -23.05 6.65
C GLU E 242 -55.05 -22.02 5.53
N ALA E 243 -54.09 -21.08 5.53
CA ALA E 243 -54.04 -20.02 4.54
C ALA E 243 -53.86 -20.57 3.13
N TYR E 244 -53.12 -21.67 3.02
CA TYR E 244 -52.92 -22.34 1.75
C TYR E 244 -53.54 -23.74 1.84
N GLY E 245 -53.64 -24.43 0.71
CA GLY E 245 -54.12 -25.80 0.73
C GLY E 245 -53.11 -26.67 1.44
N LEU E 246 -51.88 -26.63 0.95
CA LEU E 246 -50.73 -27.29 1.57
C LEU E 246 -50.88 -28.81 1.68
N GLY E 247 -51.88 -29.36 1.00
CA GLY E 247 -52.09 -30.79 0.96
C GLY E 247 -52.09 -31.49 2.30
N ALA E 248 -51.56 -32.70 2.34
CA ALA E 248 -51.53 -33.50 3.56
C ALA E 248 -50.16 -34.14 3.78
N ILE E 249 -49.22 -33.86 2.89
CA ILE E 249 -47.86 -34.35 3.05
C ILE E 249 -46.95 -33.21 3.48
N ALA E 250 -47.45 -31.98 3.34
CA ALA E 250 -46.73 -30.80 3.79
C ALA E 250 -47.22 -30.40 5.18
N THR E 251 -48.35 -30.98 5.59
CA THR E 251 -48.89 -30.74 6.91
C THR E 251 -48.21 -31.62 7.95
N VAL E 252 -47.52 -32.66 7.48
CA VAL E 252 -46.69 -33.49 8.36
C VAL E 252 -45.31 -32.84 8.44
N SER E 253 -44.97 -32.08 7.40
CA SER E 253 -43.70 -31.35 7.38
C SER E 253 -43.80 -30.15 8.31
N THR E 254 -44.98 -29.54 8.34
CA THR E 254 -45.23 -28.42 9.26
C THR E 254 -45.21 -28.92 10.69
N ALA E 255 -45.77 -30.11 10.90
CA ALA E 255 -45.81 -30.73 12.22
C ALA E 255 -44.41 -31.13 12.69
N LEU E 256 -43.70 -31.88 11.85
CA LEU E 256 -42.34 -32.31 12.15
C LEU E 256 -41.43 -31.11 12.39
N THR E 257 -41.66 -30.02 11.66
CA THR E 257 -40.88 -28.80 11.84
C THR E 257 -41.19 -28.15 13.18
N ALA E 258 -42.47 -27.88 13.43
CA ALA E 258 -42.92 -27.26 14.67
C ALA E 258 -42.48 -28.08 15.87
N LEU E 259 -42.38 -29.39 15.67
CA LEU E 259 -41.86 -30.29 16.67
C LEU E 259 -40.37 -30.04 16.93
N VAL E 260 -39.58 -29.99 15.86
CA VAL E 260 -38.14 -29.74 15.97
C VAL E 260 -37.84 -28.40 16.63
N ILE E 261 -38.60 -27.36 16.25
CA ILE E 261 -38.46 -26.02 16.82
C ILE E 261 -38.63 -26.08 18.35
N ILE E 262 -39.43 -27.03 18.81
CA ILE E 262 -39.64 -27.21 20.24
C ILE E 262 -38.40 -27.79 20.93
N LEU E 263 -37.80 -28.84 20.36
CA LEU E 263 -36.60 -29.45 20.92
C LEU E 263 -35.45 -28.46 21.04
N VAL E 264 -35.24 -27.67 20.00
CA VAL E 264 -34.16 -26.68 20.02
C VAL E 264 -34.43 -25.63 21.09
N GLN E 265 -35.71 -25.48 21.45
CA GLN E 265 -36.08 -24.60 22.55
C GLN E 265 -35.93 -25.38 23.84
N ALA E 266 -36.25 -26.66 23.78
CA ALA E 266 -36.18 -27.56 24.92
C ALA E 266 -34.75 -27.76 25.41
N MET E 267 -33.88 -28.20 24.50
CA MET E 267 -32.47 -28.42 24.80
C MET E 267 -31.79 -27.13 25.25
N ALA E 268 -32.30 -25.99 24.79
CA ALA E 268 -31.75 -24.69 25.15
C ALA E 268 -31.96 -24.38 26.64
N TRP E 269 -33.20 -24.45 27.08
CA TRP E 269 -33.53 -24.19 28.49
C TRP E 269 -32.88 -25.22 29.41
N LEU E 270 -32.56 -26.39 28.87
CA LEU E 270 -31.88 -27.44 29.62
C LEU E 270 -30.38 -27.23 29.68
N GLY E 271 -29.92 -26.07 29.20
CA GLY E 271 -28.52 -25.72 29.24
C GLY E 271 -27.72 -26.28 28.08
N ARG E 272 -28.07 -27.48 27.64
CA ARG E 272 -27.41 -28.11 26.50
C ARG E 272 -27.68 -27.33 25.23
N VAL E 273 -26.95 -26.24 25.05
CA VAL E 273 -27.20 -25.28 23.98
C VAL E 273 -26.51 -25.67 22.68
N LYS E 274 -25.44 -26.45 22.77
CA LYS E 274 -24.71 -26.87 21.58
C LYS E 274 -25.54 -27.81 20.73
N GLU E 275 -26.31 -28.68 21.39
CA GLU E 275 -27.19 -29.61 20.69
C GLU E 275 -28.44 -28.88 20.21
N SER E 276 -28.78 -27.78 20.87
CA SER E 276 -29.94 -26.97 20.50
C SER E 276 -29.71 -26.25 19.17
N PHE E 277 -28.46 -26.21 18.73
CA PHE E 277 -28.11 -25.56 17.47
C PHE E 277 -28.22 -26.54 16.30
N ASN E 278 -27.54 -27.67 16.42
CA ASN E 278 -27.48 -28.65 15.34
C ASN E 278 -28.84 -29.26 15.01
N LEU E 279 -29.78 -29.13 15.93
CA LEU E 279 -31.14 -29.64 15.70
C LEU E 279 -31.88 -28.75 14.70
N ASN E 280 -31.44 -27.50 14.57
CA ASN E 280 -32.03 -26.58 13.60
C ASN E 280 -31.66 -26.98 12.17
N LEU E 281 -30.72 -27.91 12.04
CA LEU E 281 -30.28 -28.38 10.74
C LEU E 281 -31.26 -29.41 10.20
N ALA E 282 -32.17 -29.86 11.06
CA ALA E 282 -33.14 -30.88 10.67
C ALA E 282 -34.27 -30.34 9.81
N VAL E 283 -34.80 -29.17 10.18
CA VAL E 283 -35.96 -28.60 9.48
C VAL E 283 -35.73 -28.33 7.98
N PRO E 284 -34.51 -27.91 7.57
CA PRO E 284 -34.33 -27.85 6.12
C PRO E 284 -34.43 -29.25 5.49
N ILE E 285 -33.83 -30.24 6.12
CA ILE E 285 -33.94 -31.63 5.66
C ILE E 285 -35.39 -32.09 5.71
N ILE E 286 -36.12 -31.67 6.74
CA ILE E 286 -37.53 -32.01 6.89
C ILE E 286 -38.37 -31.45 5.74
N ILE E 287 -38.35 -30.13 5.58
CA ILE E 287 -39.13 -29.49 4.53
C ILE E 287 -38.50 -29.73 3.16
N GLY E 288 -37.22 -30.07 3.15
CA GLY E 288 -36.53 -30.38 1.90
C GLY E 288 -37.04 -31.67 1.31
N ALA E 289 -37.06 -32.72 2.13
CA ALA E 289 -37.63 -34.00 1.72
C ALA E 289 -39.15 -33.89 1.57
N GLY E 290 -39.72 -32.86 2.18
CA GLY E 290 -41.15 -32.59 2.05
C GLY E 290 -41.50 -32.01 0.71
N ILE E 291 -40.57 -31.23 0.15
CA ILE E 291 -40.74 -30.69 -1.20
C ILE E 291 -40.54 -31.82 -2.22
N ILE E 292 -39.56 -32.68 -1.96
CA ILE E 292 -39.47 -33.96 -2.66
C ILE E 292 -40.68 -34.79 -2.22
N VAL E 293 -40.87 -35.97 -2.81
CA VAL E 293 -42.15 -36.70 -2.75
C VAL E 293 -43.31 -35.70 -2.76
N ASP E 294 -43.50 -35.07 -3.92
CA ASP E 294 -44.42 -33.94 -4.10
C ASP E 294 -45.81 -34.19 -3.52
N ARG F 21 -55.24 -62.64 34.65
CA ARG F 21 -56.47 -62.86 33.90
C ARG F 21 -57.15 -61.53 33.60
N LEU F 22 -57.57 -60.84 34.65
CA LEU F 22 -58.22 -59.54 34.50
C LEU F 22 -57.27 -58.38 34.82
N VAL F 23 -56.49 -58.54 35.88
CA VAL F 23 -55.54 -57.51 36.27
C VAL F 23 -54.14 -58.10 36.47
N ARG F 24 -53.22 -57.76 35.58
CA ARG F 24 -51.83 -58.20 35.71
C ARG F 24 -51.06 -57.21 36.59
N ILE F 25 -50.67 -57.66 37.77
CA ILE F 25 -49.99 -56.78 38.73
C ILE F 25 -48.54 -56.54 38.34
N GLU F 26 -48.05 -57.28 37.36
CA GLU F 26 -46.69 -57.09 36.86
C GLU F 26 -46.54 -55.72 36.22
N HIS F 27 -47.56 -55.31 35.45
CA HIS F 27 -47.59 -54.02 34.78
C HIS F 27 -47.26 -52.86 35.72
N THR F 28 -47.62 -53.02 36.99
CA THR F 28 -47.42 -51.98 38.00
C THR F 28 -45.96 -51.55 38.11
N ILE F 29 -45.04 -52.40 37.64
CA ILE F 29 -43.62 -52.09 37.66
C ILE F 29 -43.33 -50.81 36.87
N PHE F 30 -44.22 -50.47 35.94
CA PHE F 30 -44.04 -49.27 35.12
C PHE F 30 -44.63 -48.04 35.77
N SER F 31 -45.56 -48.24 36.71
CA SER F 31 -46.24 -47.13 37.35
C SER F 31 -45.55 -46.72 38.66
N LEU F 32 -44.63 -47.57 39.12
CA LEU F 32 -43.90 -47.31 40.36
C LEU F 32 -43.02 -46.05 40.37
N PRO F 33 -42.12 -45.90 39.36
CA PRO F 33 -41.13 -44.81 39.49
C PRO F 33 -41.72 -43.40 39.52
N PHE F 34 -43.01 -43.27 39.19
CA PHE F 34 -43.67 -41.97 39.26
C PHE F 34 -44.04 -41.64 40.71
N ALA F 35 -44.14 -42.67 41.54
CA ALA F 35 -44.36 -42.48 42.97
C ALA F 35 -43.05 -42.09 43.64
N TYR F 36 -41.97 -42.79 43.30
CA TYR F 36 -40.67 -42.55 43.89
C TYR F 36 -40.10 -41.19 43.49
N VAL F 37 -40.43 -40.74 42.28
CA VAL F 37 -39.94 -39.46 41.79
C VAL F 37 -40.68 -38.32 42.50
N GLY F 38 -41.88 -38.59 42.99
CA GLY F 38 -42.65 -37.61 43.73
C GLY F 38 -42.20 -37.56 45.18
N ALA F 39 -41.67 -38.68 45.65
CA ALA F 39 -41.19 -38.79 47.02
C ALA F 39 -39.84 -38.11 47.18
N LEU F 40 -38.95 -38.33 46.22
CA LEU F 40 -37.60 -37.77 46.28
C LEU F 40 -37.60 -36.26 46.07
N LEU F 41 -38.46 -35.78 45.16
CA LEU F 41 -38.51 -34.36 44.84
C LEU F 41 -39.26 -33.56 45.90
N SER F 42 -39.72 -34.25 46.94
CA SER F 42 -40.31 -33.59 48.10
C SER F 42 -39.22 -33.28 49.12
N ARG F 43 -38.08 -33.95 48.96
CA ARG F 43 -36.90 -33.75 49.78
C ARG F 43 -37.11 -34.06 51.27
N TYR F 44 -38.18 -34.79 51.57
CA TYR F 44 -38.38 -35.31 52.92
C TYR F 44 -37.86 -36.75 52.98
N PRO F 45 -37.29 -37.14 54.13
CA PRO F 45 -36.74 -38.48 54.28
C PRO F 45 -37.80 -39.56 54.50
N PHE F 46 -37.56 -40.75 53.95
CA PHE F 46 -38.45 -41.88 54.14
C PHE F 46 -37.66 -43.17 54.27
N THR F 47 -38.29 -44.19 54.86
CA THR F 47 -37.62 -45.46 55.11
C THR F 47 -37.89 -46.49 54.03
N LEU F 48 -37.20 -47.62 54.11
CA LEU F 48 -37.45 -48.74 53.18
C LEU F 48 -38.87 -49.25 53.34
N ALA F 49 -39.33 -49.29 54.59
CA ALA F 49 -40.69 -49.69 54.89
C ALA F 49 -41.68 -48.77 54.19
N ASP F 50 -41.43 -47.45 54.30
CA ASP F 50 -42.24 -46.45 53.62
C ASP F 50 -42.30 -46.71 52.11
N ALA F 51 -41.15 -47.07 51.54
CA ALA F 51 -41.06 -47.35 50.10
C ALA F 51 -41.90 -48.56 49.71
N ILE F 52 -41.75 -49.66 50.46
CA ILE F 52 -42.54 -50.86 50.20
C ILE F 52 -44.02 -50.56 50.31
N LEU F 53 -44.39 -49.74 51.30
CA LEU F 53 -45.78 -49.33 51.47
C LEU F 53 -46.27 -48.49 50.29
N MET F 54 -45.37 -47.68 49.73
CA MET F 54 -45.68 -46.91 48.52
C MET F 54 -46.01 -47.86 47.39
N ALA F 55 -45.12 -48.83 47.16
CA ALA F 55 -45.32 -49.84 46.12
C ALA F 55 -46.66 -50.54 46.28
N ALA F 56 -46.95 -50.96 47.52
CA ALA F 56 -48.20 -51.63 47.82
C ALA F 56 -49.41 -50.75 47.52
N ALA F 57 -49.30 -49.47 47.88
CA ALA F 57 -50.35 -48.50 47.59
C ALA F 57 -50.59 -48.41 46.09
N VAL F 58 -49.50 -48.42 45.33
CA VAL F 58 -49.58 -48.32 43.88
C VAL F 58 -50.24 -49.56 43.27
N VAL F 59 -49.82 -50.75 43.69
CA VAL F 59 -50.41 -51.98 43.12
C VAL F 59 -51.87 -52.10 43.52
N GLY F 60 -52.22 -51.57 44.68
CA GLY F 60 -53.60 -51.57 45.12
C GLY F 60 -54.45 -50.66 44.25
N LEU F 61 -53.96 -49.43 44.06
CA LEU F 61 -54.67 -48.45 43.25
C LEU F 61 -54.81 -48.93 41.81
N ARG F 62 -53.76 -49.55 41.30
CA ARG F 62 -53.78 -50.11 39.96
C ARG F 62 -54.82 -51.22 39.86
N MET F 63 -54.84 -52.10 40.86
CA MET F 63 -55.80 -53.20 40.87
C MET F 63 -57.23 -52.67 40.85
N ALA F 64 -57.54 -51.76 41.76
CA ALA F 64 -58.87 -51.16 41.83
C ALA F 64 -59.26 -50.47 40.53
N GLY F 65 -58.39 -49.60 40.05
CA GLY F 65 -58.63 -48.85 38.83
C GLY F 65 -58.86 -49.71 37.60
N MET F 66 -57.95 -50.66 37.38
CA MET F 66 -58.02 -51.55 36.22
C MET F 66 -59.25 -52.46 36.28
N ALA F 67 -59.57 -52.95 37.47
CA ALA F 67 -60.74 -53.81 37.62
C ALA F 67 -62.03 -53.03 37.34
N TYR F 68 -62.19 -51.91 38.05
CA TYR F 68 -63.40 -51.11 37.91
C TYR F 68 -63.50 -50.49 36.51
N ASN F 69 -62.37 -50.42 35.80
CA ASN F 69 -62.38 -50.04 34.40
C ASN F 69 -63.23 -51.03 33.62
N ASN F 70 -62.82 -52.30 33.63
CA ASN F 70 -63.55 -53.36 32.94
C ASN F 70 -64.99 -53.47 33.43
N ILE F 71 -65.21 -53.15 34.71
CA ILE F 71 -66.57 -53.16 35.25
C ILE F 71 -67.45 -52.07 34.63
N ALA F 72 -67.02 -50.82 34.75
CA ALA F 72 -67.82 -49.67 34.34
C ALA F 72 -68.10 -49.66 32.83
N ASP F 73 -67.05 -49.51 32.03
CA ASP F 73 -67.22 -49.58 30.59
C ASP F 73 -67.21 -51.04 30.13
N LEU F 74 -68.24 -51.79 30.51
CA LEU F 74 -68.42 -53.16 30.06
C LEU F 74 -69.47 -53.23 28.96
N ASP F 75 -70.60 -52.56 29.21
CA ASP F 75 -71.70 -52.52 28.27
C ASP F 75 -71.28 -51.95 26.92
N ILE F 76 -70.33 -51.02 26.95
CA ILE F 76 -69.84 -50.37 25.74
C ILE F 76 -68.50 -50.95 25.28
N ASP F 77 -68.01 -51.96 25.98
CA ASP F 77 -66.79 -52.64 25.57
C ASP F 77 -67.13 -54.00 24.97
N ARG F 78 -68.41 -54.35 25.02
CA ARG F 78 -68.90 -55.56 24.36
C ARG F 78 -69.27 -55.25 22.92
N LEU F 79 -69.69 -54.01 22.69
CA LEU F 79 -70.11 -53.53 21.38
C LEU F 79 -68.90 -53.27 20.47
N ASN F 80 -67.74 -53.13 21.09
CA ASN F 80 -66.53 -52.75 20.38
C ASN F 80 -65.83 -53.94 19.72
N PRO F 81 -65.67 -53.89 18.39
CA PRO F 81 -64.90 -54.87 17.62
C PRO F 81 -63.51 -55.08 18.18
N ARG F 82 -62.90 -53.96 18.58
CA ARG F 82 -61.53 -53.95 19.08
C ARG F 82 -61.40 -54.73 20.38
N THR F 83 -62.41 -54.63 21.24
CA THR F 83 -62.33 -55.24 22.56
C THR F 83 -63.41 -56.29 22.81
N ALA F 84 -63.58 -57.21 21.88
CA ALA F 84 -64.51 -58.32 22.07
C ALA F 84 -63.79 -59.53 22.62
N LYS F 85 -62.47 -59.42 22.73
CA LYS F 85 -61.64 -60.50 23.26
C LYS F 85 -61.23 -60.21 24.69
N ARG F 86 -61.62 -59.04 25.18
CA ARG F 86 -61.38 -58.66 26.57
C ARG F 86 -62.05 -59.65 27.51
N PRO F 87 -61.40 -59.93 28.66
CA PRO F 87 -62.05 -60.73 29.70
C PRO F 87 -63.28 -60.01 30.24
N LEU F 88 -64.11 -60.72 31.01
CA LEU F 88 -65.36 -60.17 31.55
C LEU F 88 -66.41 -59.95 30.46
N VAL F 89 -65.97 -59.95 29.21
CA VAL F 89 -66.86 -59.88 28.05
C VAL F 89 -67.11 -61.28 27.53
N VAL F 90 -66.03 -61.98 27.19
CA VAL F 90 -66.09 -63.36 26.74
C VAL F 90 -66.56 -64.25 27.88
N GLY F 91 -66.10 -63.94 29.08
CA GLY F 91 -66.33 -64.76 30.25
C GLY F 91 -65.06 -64.78 31.07
N ALA F 92 -64.40 -65.94 31.10
CA ALA F 92 -63.12 -66.11 31.79
C ALA F 92 -63.20 -65.71 33.26
N VAL F 93 -63.45 -64.43 33.50
CA VAL F 93 -63.66 -63.93 34.85
C VAL F 93 -65.12 -63.54 35.06
N SER F 94 -65.61 -63.69 36.29
CA SER F 94 -66.98 -63.30 36.62
C SER F 94 -67.01 -61.85 37.06
N LEU F 95 -68.19 -61.27 37.13
CA LEU F 95 -68.36 -59.92 37.66
C LEU F 95 -67.99 -59.92 39.14
N ARG F 96 -68.22 -61.06 39.79
CA ARG F 96 -67.91 -61.23 41.19
C ARG F 96 -66.42 -61.15 41.48
N GLU F 97 -65.61 -61.89 40.71
CA GLU F 97 -64.16 -61.85 40.87
C GLU F 97 -63.62 -60.45 40.63
N ALA F 98 -64.22 -59.76 39.66
CA ALA F 98 -63.82 -58.41 39.31
C ALA F 98 -64.08 -57.45 40.46
N TRP F 99 -65.32 -57.44 40.95
CA TRP F 99 -65.68 -56.61 42.09
C TRP F 99 -64.83 -56.95 43.31
N ALA F 100 -64.48 -58.23 43.44
CA ALA F 100 -63.60 -58.68 44.51
C ALA F 100 -62.23 -58.05 44.36
N LEU F 101 -61.77 -57.92 43.12
CA LEU F 101 -60.49 -57.28 42.85
C LEU F 101 -60.56 -55.78 43.11
N VAL F 102 -61.74 -55.20 42.91
CA VAL F 102 -61.97 -53.78 43.22
C VAL F 102 -61.85 -53.55 44.73
N ALA F 103 -62.63 -54.32 45.49
CA ALA F 103 -62.63 -54.21 46.94
C ALA F 103 -61.24 -54.51 47.51
N ALA F 104 -60.55 -55.48 46.93
CA ALA F 104 -59.22 -55.85 47.38
C ALA F 104 -58.21 -54.77 47.07
N GLY F 105 -58.37 -54.12 45.92
CA GLY F 105 -57.49 -53.04 45.54
C GLY F 105 -57.66 -51.86 46.47
N SER F 106 -58.92 -51.45 46.68
CA SER F 106 -59.23 -50.37 47.59
C SER F 106 -58.72 -50.67 49.00
N ALA F 107 -58.83 -51.94 49.38
CA ALA F 107 -58.42 -52.38 50.71
C ALA F 107 -56.90 -52.31 50.88
N ILE F 108 -56.17 -52.82 49.89
CA ILE F 108 -54.70 -52.76 49.93
C ILE F 108 -54.24 -51.31 49.95
N TYR F 109 -54.86 -50.48 49.12
CA TYR F 109 -54.51 -49.08 49.06
C TYR F 109 -54.74 -48.38 50.40
N PHE F 110 -55.93 -48.60 50.97
CA PHE F 110 -56.27 -48.01 52.26
C PHE F 110 -55.33 -48.49 53.36
N ALA F 111 -54.95 -49.76 53.30
CA ALA F 111 -54.02 -50.35 54.25
C ALA F 111 -52.67 -49.67 54.19
N SER F 112 -52.15 -49.53 52.98
CA SER F 112 -50.87 -48.86 52.77
C SER F 112 -50.92 -47.41 53.25
N ALA F 113 -51.97 -46.70 52.85
CA ALA F 113 -52.16 -45.30 53.21
C ALA F 113 -52.22 -45.11 54.72
N ALA F 114 -52.92 -46.01 55.40
CA ALA F 114 -53.05 -45.95 56.86
C ALA F 114 -51.72 -46.27 57.54
N LEU F 115 -51.03 -47.28 57.02
CA LEU F 115 -49.75 -47.71 57.57
C LEU F 115 -48.67 -46.64 57.39
N LEU F 116 -48.81 -45.82 56.37
CA LEU F 116 -47.86 -44.75 56.09
C LEU F 116 -48.00 -43.59 57.07
N ASN F 117 -48.86 -42.63 56.73
CA ASN F 117 -49.07 -41.46 57.57
C ASN F 117 -50.55 -41.19 57.80
N THR F 118 -50.85 -40.18 58.61
CA THR F 118 -52.23 -39.78 58.87
C THR F 118 -52.77 -38.97 57.70
N TYR F 119 -51.90 -38.22 57.05
CA TYR F 119 -52.30 -37.40 55.90
C TYR F 119 -52.51 -38.26 54.66
N ALA F 120 -51.69 -39.29 54.50
CA ALA F 120 -51.85 -40.26 53.42
C ALA F 120 -53.21 -40.94 53.53
N LEU F 121 -53.54 -41.37 54.74
CA LEU F 121 -54.84 -41.97 55.01
C LEU F 121 -55.97 -40.96 54.80
N LEU F 122 -55.71 -39.70 55.17
CA LEU F 122 -56.69 -38.63 55.04
C LEU F 122 -57.06 -38.36 53.59
N LEU F 123 -56.06 -38.41 52.72
CA LEU F 123 -56.23 -38.07 51.31
C LEU F 123 -56.53 -39.30 50.47
N SER F 124 -56.35 -40.49 51.05
CA SER F 124 -56.57 -41.75 50.34
C SER F 124 -57.96 -41.91 49.71
N PRO F 125 -59.05 -41.47 50.39
CA PRO F 125 -60.32 -41.65 49.70
C PRO F 125 -60.47 -40.73 48.48
N LEU F 126 -59.86 -39.54 48.56
CA LEU F 126 -59.91 -38.60 47.45
C LEU F 126 -59.13 -39.14 46.25
N VAL F 127 -57.93 -39.66 46.50
CA VAL F 127 -57.10 -40.24 45.46
C VAL F 127 -57.80 -41.44 44.81
N LEU F 128 -58.39 -42.29 45.65
CA LEU F 128 -59.12 -43.46 45.15
C LEU F 128 -60.35 -43.04 44.37
N ALA F 129 -60.97 -41.93 44.78
CA ALA F 129 -62.11 -41.38 44.08
C ALA F 129 -61.74 -41.01 42.65
N ILE F 130 -60.60 -40.33 42.50
CA ILE F 130 -60.09 -39.94 41.20
C ILE F 130 -59.92 -41.13 40.25
N ALA F 131 -59.27 -42.18 40.75
CA ALA F 131 -59.00 -43.36 39.95
C ALA F 131 -60.25 -44.14 39.59
N LEU F 132 -61.28 -44.02 40.42
CA LEU F 132 -62.53 -44.76 40.21
C LEU F 132 -63.58 -43.93 39.47
N THR F 133 -63.31 -42.66 39.26
CA THR F 133 -64.27 -41.78 38.59
C THR F 133 -64.00 -41.69 37.10
N TYR F 134 -62.75 -41.98 36.71
CA TYR F 134 -62.33 -41.88 35.32
C TYR F 134 -63.21 -42.62 34.30
N PRO F 135 -63.54 -43.90 34.57
CA PRO F 135 -64.31 -44.61 33.53
C PRO F 135 -65.69 -43.99 33.23
N HIS F 136 -66.13 -43.07 34.07
CA HIS F 136 -67.41 -42.39 33.86
C HIS F 136 -67.22 -41.02 33.23
N ALA F 137 -65.97 -40.63 33.00
CA ALA F 137 -65.65 -39.33 32.42
C ALA F 137 -66.09 -39.26 30.96
N LYS F 138 -66.15 -40.42 30.31
CA LYS F 138 -66.56 -40.51 28.91
C LYS F 138 -68.00 -40.04 28.72
N ARG F 139 -68.89 -40.50 29.58
CA ARG F 139 -70.31 -40.17 29.47
C ARG F 139 -70.62 -38.74 29.90
N LEU F 140 -69.63 -38.04 30.45
CA LEU F 140 -69.84 -36.69 30.95
C LEU F 140 -69.30 -35.62 30.00
N HIS F 141 -67.99 -35.66 29.76
CA HIS F 141 -67.32 -34.63 28.98
C HIS F 141 -66.23 -35.25 28.09
N PRO F 142 -65.94 -34.60 26.95
CA PRO F 142 -64.96 -35.15 26.00
C PRO F 142 -63.49 -34.96 26.41
N LEU F 143 -63.20 -35.04 27.71
CA LEU F 143 -61.82 -34.94 28.16
C LEU F 143 -61.43 -36.04 29.17
N PRO F 144 -61.48 -37.32 28.75
CA PRO F 144 -61.09 -38.39 29.66
C PRO F 144 -59.57 -38.44 29.84
N HIS F 145 -58.86 -37.98 28.81
CA HIS F 145 -57.41 -37.98 28.79
C HIS F 145 -56.86 -37.15 29.94
N LEU F 146 -57.44 -35.97 30.16
CA LEU F 146 -57.09 -35.15 31.31
C LEU F 146 -57.30 -35.91 32.61
N HIS F 147 -58.37 -36.71 32.66
CA HIS F 147 -58.69 -37.48 33.86
C HIS F 147 -57.61 -38.52 34.13
N LEU F 148 -57.18 -39.24 33.08
CA LEU F 148 -56.05 -40.16 33.22
C LEU F 148 -54.80 -39.43 33.69
N GLY F 149 -54.63 -38.21 33.18
CA GLY F 149 -53.51 -37.38 33.59
C GLY F 149 -53.53 -37.13 35.08
N ILE F 150 -54.71 -36.76 35.60
CA ILE F 150 -54.88 -36.55 37.03
C ILE F 150 -54.65 -37.86 37.80
N VAL F 151 -55.02 -38.99 37.18
CA VAL F 151 -54.87 -40.29 37.82
C VAL F 151 -53.41 -40.65 38.03
N LEU F 152 -52.60 -40.59 36.97
CA LEU F 152 -51.17 -40.86 37.11
C LEU F 152 -50.47 -39.65 37.72
N GLY F 153 -51.25 -38.61 38.01
CA GLY F 153 -50.73 -37.50 38.77
C GLY F 153 -50.86 -37.79 40.25
N SER F 154 -51.89 -38.57 40.59
CA SER F 154 -52.21 -38.87 41.98
C SER F 154 -51.24 -39.87 42.60
N VAL F 155 -50.50 -40.59 41.75
CA VAL F 155 -49.49 -41.51 42.25
C VAL F 155 -48.22 -40.74 42.60
N VAL F 156 -47.91 -39.71 41.82
CA VAL F 156 -46.83 -38.79 42.15
C VAL F 156 -47.16 -38.03 43.43
N PHE F 157 -48.35 -37.43 43.44
CA PHE F 157 -48.87 -36.72 44.60
C PHE F 157 -48.86 -37.59 45.84
N GLY F 158 -49.28 -38.84 45.67
CA GLY F 158 -49.30 -39.81 46.75
C GLY F 158 -47.91 -40.12 47.26
N GLY F 159 -46.96 -40.30 46.34
CA GLY F 159 -45.58 -40.55 46.71
C GLY F 159 -45.01 -39.40 47.52
N ALA F 160 -45.35 -38.19 47.11
CA ALA F 160 -44.91 -36.99 47.82
C ALA F 160 -45.50 -36.92 49.22
N VAL F 161 -46.82 -37.07 49.32
CA VAL F 161 -47.50 -36.95 50.60
C VAL F 161 -47.15 -38.12 51.53
N ALA F 162 -46.60 -39.19 50.96
CA ALA F 162 -46.21 -40.36 51.74
C ALA F 162 -44.72 -40.35 52.02
N ALA F 163 -44.00 -39.42 51.40
CA ALA F 163 -42.55 -39.34 51.56
C ALA F 163 -42.14 -38.80 52.92
N SER F 164 -42.98 -37.93 53.48
CA SER F 164 -42.69 -37.24 54.72
C SER F 164 -42.31 -38.17 55.88
N GLY F 165 -43.05 -39.27 56.00
CA GLY F 165 -42.92 -40.10 57.18
C GLY F 165 -43.65 -39.38 58.29
N ASP F 166 -44.65 -38.59 57.89
CA ASP F 166 -45.40 -37.70 58.78
C ASP F 166 -44.47 -36.77 59.53
N GLU F 167 -43.36 -36.40 58.89
CA GLU F 167 -42.45 -35.41 59.45
C GLU F 167 -43.11 -34.04 59.40
N ALA F 168 -44.13 -33.93 58.56
CA ALA F 168 -44.87 -32.68 58.39
C ALA F 168 -45.60 -32.27 59.66
N SER F 169 -45.87 -30.98 59.78
CA SER F 169 -46.55 -30.43 60.95
C SER F 169 -48.03 -30.18 60.67
N SER F 170 -48.35 -29.78 59.45
CA SER F 170 -49.74 -29.53 59.06
C SER F 170 -49.97 -29.83 57.58
N LEU F 171 -51.23 -29.88 57.19
CA LEU F 171 -51.61 -30.18 55.81
C LEU F 171 -51.14 -29.09 54.85
N GLY F 172 -50.96 -27.88 55.36
CA GLY F 172 -50.45 -26.78 54.56
C GLY F 172 -49.00 -26.99 54.17
N GLU F 173 -48.38 -28.02 54.72
CA GLU F 173 -46.99 -28.33 54.44
C GLU F 173 -46.84 -29.46 53.42
N VAL F 174 -47.73 -30.45 53.49
CA VAL F 174 -47.68 -31.57 52.56
C VAL F 174 -48.12 -31.13 51.17
N LEU F 175 -49.03 -30.16 51.10
CA LEU F 175 -49.48 -29.62 49.84
C LEU F 175 -48.43 -28.69 49.25
N ARG F 176 -47.47 -28.29 50.08
CA ARG F 176 -46.34 -27.49 49.63
C ARG F 176 -45.12 -28.39 49.44
N SER F 177 -45.26 -29.65 49.81
CA SER F 177 -44.19 -30.64 49.68
C SER F 177 -44.21 -31.29 48.31
N VAL F 178 -45.36 -31.22 47.64
CA VAL F 178 -45.56 -31.87 46.35
C VAL F 178 -44.84 -31.17 45.21
N PRO F 179 -44.06 -31.93 44.42
CA PRO F 179 -43.47 -31.41 43.18
C PRO F 179 -44.54 -31.19 42.12
N TRP F 180 -45.21 -30.03 42.18
CA TRP F 180 -46.39 -29.79 41.36
C TRP F 180 -46.09 -29.72 39.86
N LEU F 181 -44.88 -29.28 39.53
CA LEU F 181 -44.44 -29.25 38.14
C LEU F 181 -44.52 -30.63 37.52
N TYR F 182 -43.94 -31.62 38.20
CA TYR F 182 -43.82 -32.97 37.65
C TYR F 182 -45.15 -33.72 37.60
N VAL F 183 -46.03 -33.50 38.56
CA VAL F 183 -47.35 -34.11 38.50
C VAL F 183 -48.17 -33.46 37.38
N ALA F 184 -48.11 -32.13 37.29
CA ALA F 184 -48.82 -31.42 36.24
C ALA F 184 -48.22 -31.70 34.86
N ALA F 185 -47.02 -32.28 34.85
CA ALA F 185 -46.34 -32.61 33.60
C ALA F 185 -46.66 -34.04 33.15
N VAL F 186 -46.48 -35.00 34.05
CA VAL F 186 -46.81 -36.39 33.76
C VAL F 186 -48.30 -36.49 33.43
N SER F 187 -49.09 -35.63 34.06
CA SER F 187 -50.53 -35.55 33.77
C SER F 187 -50.75 -35.23 32.29
N LEU F 188 -50.14 -34.14 31.84
CA LEU F 188 -50.28 -33.69 30.46
C LEU F 188 -49.71 -34.69 29.45
N TRP F 189 -48.65 -35.39 29.86
CA TRP F 189 -48.07 -36.44 29.01
C TRP F 189 -49.05 -37.58 28.81
N VAL F 190 -49.58 -38.10 29.92
CA VAL F 190 -50.55 -39.18 29.87
C VAL F 190 -51.78 -38.78 29.06
N ALA F 191 -52.33 -37.62 29.37
CA ALA F 191 -53.44 -37.06 28.61
C ALA F 191 -53.10 -36.99 27.13
N GLY F 192 -51.84 -36.67 26.83
CA GLY F 192 -51.38 -36.59 25.46
C GLY F 192 -51.43 -37.92 24.73
N PHE F 193 -50.66 -38.90 25.20
CA PHE F 193 -50.57 -40.16 24.45
C PHE F 193 -51.87 -40.95 24.53
N ASP F 194 -52.73 -40.63 25.51
CA ASP F 194 -54.07 -41.21 25.52
C ASP F 194 -54.94 -40.54 24.46
N THR F 195 -54.77 -39.22 24.31
CA THR F 195 -55.49 -38.49 23.27
C THR F 195 -55.11 -39.05 21.90
N ILE F 196 -53.85 -39.42 21.76
CA ILE F 196 -53.39 -40.09 20.54
C ILE F 196 -54.00 -41.47 20.40
N TYR F 197 -53.96 -42.25 21.49
CA TYR F 197 -54.45 -43.62 21.47
C TYR F 197 -55.95 -43.72 21.16
N SER F 198 -56.69 -42.66 21.46
CA SER F 198 -58.14 -42.66 21.28
C SER F 198 -58.56 -42.34 19.85
N ILE F 199 -57.59 -42.26 18.94
CA ILE F 199 -57.87 -41.95 17.54
C ILE F 199 -58.51 -43.15 16.82
N MET F 200 -58.05 -44.35 17.15
CA MET F 200 -58.62 -45.56 16.55
C MET F 200 -60.06 -45.78 16.97
N ASP F 201 -60.48 -45.08 18.03
CA ASP F 201 -61.83 -45.20 18.56
C ASP F 201 -62.75 -44.07 18.13
N ILE F 202 -62.26 -43.19 17.25
CA ILE F 202 -63.03 -42.04 16.78
C ILE F 202 -64.41 -42.44 16.27
N ASP F 203 -64.43 -43.49 15.46
CA ASP F 203 -65.65 -44.01 14.90
C ASP F 203 -66.60 -44.51 15.99
N PHE F 204 -66.12 -45.51 16.74
CA PHE F 204 -66.92 -46.15 17.78
C PHE F 204 -67.40 -45.18 18.86
N ASP F 205 -66.51 -44.31 19.32
CA ASP F 205 -66.81 -43.42 20.45
C ASP F 205 -67.76 -42.28 20.09
N ARG F 206 -68.28 -42.26 18.87
CA ARG F 206 -69.23 -41.22 18.49
C ARG F 206 -70.52 -41.83 17.94
N SER F 207 -70.48 -43.11 17.61
CA SER F 207 -71.70 -43.86 17.34
C SER F 207 -72.57 -43.81 18.57
N HIS F 208 -71.94 -44.10 19.71
CA HIS F 208 -72.59 -44.05 21.00
C HIS F 208 -72.29 -42.70 21.65
N GLY F 209 -72.94 -42.43 22.78
CA GLY F 209 -72.82 -41.14 23.44
C GLY F 209 -71.46 -40.85 24.05
N LEU F 210 -70.50 -41.73 23.81
CA LEU F 210 -69.17 -41.59 24.36
C LEU F 210 -68.50 -40.30 23.91
N GLY F 211 -67.51 -39.84 24.68
CA GLY F 211 -66.83 -38.60 24.38
C GLY F 211 -65.33 -38.71 24.43
N SER F 212 -64.67 -37.95 23.57
CA SER F 212 -63.21 -37.88 23.55
C SER F 212 -62.78 -36.68 22.71
N ILE F 213 -61.51 -36.31 22.81
CA ILE F 213 -60.97 -35.22 21.99
C ILE F 213 -60.91 -35.58 20.49
N PRO F 214 -60.39 -36.78 20.14
CA PRO F 214 -60.36 -37.08 18.70
C PRO F 214 -61.75 -37.32 18.10
N ALA F 215 -62.79 -37.38 18.93
CA ALA F 215 -64.15 -37.51 18.45
C ALA F 215 -64.79 -36.13 18.26
N LEU F 216 -64.45 -35.20 19.14
CA LEU F 216 -64.93 -33.83 19.05
C LEU F 216 -64.39 -33.20 17.77
N LEU F 217 -63.07 -33.12 17.68
CA LEU F 217 -62.40 -32.63 16.48
C LEU F 217 -61.67 -33.79 15.80
N GLY F 218 -61.48 -33.67 14.49
CA GLY F 218 -60.93 -34.77 13.70
C GLY F 218 -59.58 -35.30 14.15
N PRO F 219 -59.17 -36.46 13.63
CA PRO F 219 -57.90 -37.11 13.95
C PRO F 219 -56.70 -36.19 13.76
N LYS F 220 -56.76 -35.33 12.73
CA LYS F 220 -55.73 -34.34 12.51
C LYS F 220 -55.71 -33.33 13.65
N GLY F 221 -56.88 -32.77 13.96
CA GLY F 221 -57.02 -31.82 15.06
C GLY F 221 -56.67 -32.44 16.40
N ALA F 222 -56.88 -33.75 16.52
CA ALA F 222 -56.51 -34.48 17.72
C ALA F 222 -55.00 -34.46 17.91
N LEU F 223 -54.28 -34.82 16.86
CA LEU F 223 -52.82 -34.79 16.87
C LEU F 223 -52.30 -33.39 17.19
N ALA F 224 -53.03 -32.38 16.73
CA ALA F 224 -52.70 -30.99 17.03
C ALA F 224 -52.84 -30.71 18.52
N ALA F 225 -53.97 -31.12 19.09
CA ALA F 225 -54.20 -30.97 20.52
C ALA F 225 -53.21 -31.82 21.31
N SER F 226 -52.87 -32.98 20.76
CA SER F 226 -51.86 -33.85 21.35
C SER F 226 -50.50 -33.16 21.37
N LEU F 227 -50.21 -32.43 20.31
CA LEU F 227 -48.97 -31.68 20.21
C LEU F 227 -48.91 -30.62 21.31
N ALA F 228 -50.02 -29.92 21.52
CA ALA F 228 -50.10 -28.86 22.52
C ALA F 228 -49.89 -29.42 23.93
N MET F 229 -50.40 -30.62 24.16
CA MET F 229 -50.25 -31.28 25.45
C MET F 229 -48.79 -31.67 25.71
N HIS F 230 -48.24 -32.51 24.84
CA HIS F 230 -46.87 -32.98 25.00
C HIS F 230 -45.84 -31.85 24.95
N ALA F 231 -46.20 -30.74 24.30
CA ALA F 231 -45.35 -29.56 24.31
C ALA F 231 -45.24 -29.02 25.72
N ALA F 232 -46.39 -28.76 26.33
CA ALA F 232 -46.46 -28.28 27.70
C ALA F 232 -45.91 -29.32 28.67
N ALA F 233 -45.95 -30.59 28.27
CA ALA F 233 -45.39 -31.66 29.08
C ALA F 233 -43.87 -31.54 29.15
N VAL F 234 -43.24 -31.45 27.98
CA VAL F 234 -41.79 -31.28 27.89
C VAL F 234 -41.37 -29.96 28.52
N ALA F 235 -42.19 -28.94 28.35
CA ALA F 235 -41.93 -27.62 28.92
C ALA F 235 -41.76 -27.68 30.44
N LEU F 236 -42.62 -28.45 31.09
CA LEU F 236 -42.58 -28.55 32.55
C LEU F 236 -41.45 -29.46 33.04
N PHE F 237 -41.21 -30.55 32.32
CA PHE F 237 -40.12 -31.46 32.66
C PHE F 237 -38.79 -30.73 32.67
N ILE F 238 -38.65 -29.76 31.77
CA ILE F 238 -37.46 -28.94 31.66
C ILE F 238 -37.42 -27.90 32.76
N ALA F 239 -38.57 -27.26 33.01
CA ALA F 239 -38.68 -26.24 34.04
C ALA F 239 -38.29 -26.78 35.41
N GLY F 240 -38.54 -28.08 35.62
CA GLY F 240 -38.19 -28.73 36.87
C GLY F 240 -36.69 -28.84 37.08
N VAL F 241 -35.95 -28.96 35.98
CA VAL F 241 -34.49 -29.06 36.05
C VAL F 241 -33.89 -27.82 36.70
N GLU F 242 -34.51 -26.67 36.47
CA GLU F 242 -34.06 -25.42 37.07
C GLU F 242 -34.70 -25.21 38.43
N ALA F 243 -35.97 -25.56 38.55
CA ALA F 243 -36.73 -25.38 39.80
C ALA F 243 -36.12 -26.19 40.94
N TYR F 244 -35.59 -27.36 40.62
CA TYR F 244 -34.90 -28.20 41.59
C TYR F 244 -33.44 -28.32 41.20
N GLY F 245 -32.61 -28.86 42.08
CA GLY F 245 -31.22 -29.10 41.74
C GLY F 245 -31.14 -30.16 40.66
N LEU F 246 -31.75 -31.31 40.95
CA LEU F 246 -31.90 -32.41 40.00
C LEU F 246 -30.58 -32.96 39.48
N GLY F 247 -29.48 -32.58 40.11
CA GLY F 247 -28.16 -33.09 39.78
C GLY F 247 -27.81 -33.03 38.30
N ALA F 248 -27.07 -34.04 37.84
CA ALA F 248 -26.64 -34.09 36.45
C ALA F 248 -26.86 -35.48 35.84
N ILE F 249 -27.44 -36.38 36.62
CA ILE F 249 -27.76 -37.72 36.13
C ILE F 249 -29.27 -37.82 35.89
N ALA F 250 -30.00 -36.87 36.46
CA ALA F 250 -31.45 -36.78 36.26
C ALA F 250 -31.76 -35.80 35.14
N THR F 251 -30.76 -35.01 34.76
CA THR F 251 -30.89 -34.07 33.66
C THR F 251 -30.69 -34.76 32.33
N VAL F 252 -30.11 -35.96 32.37
CA VAL F 252 -30.00 -36.79 31.18
C VAL F 252 -31.28 -37.62 31.06
N SER F 253 -31.92 -37.84 32.22
CA SER F 253 -33.19 -38.57 32.25
C SER F 253 -34.29 -37.66 31.73
N THR F 254 -34.19 -36.37 32.05
CA THR F 254 -35.14 -35.38 31.55
C THR F 254 -34.97 -35.23 30.05
N ALA F 255 -33.72 -35.26 29.60
CA ALA F 255 -33.40 -35.15 28.18
C ALA F 255 -33.89 -36.38 27.40
N LEU F 256 -33.49 -37.56 27.88
CA LEU F 256 -33.90 -38.82 27.26
C LEU F 256 -35.42 -38.95 27.23
N THR F 257 -36.08 -38.44 28.27
CA THR F 257 -37.54 -38.46 28.33
C THR F 257 -38.15 -37.52 27.30
N ALA F 258 -37.75 -36.25 27.35
CA ALA F 258 -38.23 -35.24 26.42
C ALA F 258 -37.99 -35.67 24.97
N LEU F 259 -36.91 -36.42 24.77
CA LEU F 259 -36.60 -37.00 23.47
C LEU F 259 -37.63 -38.05 23.08
N VAL F 260 -37.91 -38.98 23.99
CA VAL F 260 -38.89 -40.04 23.74
C VAL F 260 -40.28 -39.48 23.45
N ILE F 261 -40.67 -38.46 24.22
CA ILE F 261 -41.96 -37.79 24.04
C ILE F 261 -42.10 -37.25 22.61
N ILE F 262 -40.97 -36.89 22.02
CA ILE F 262 -40.94 -36.42 20.65
C ILE F 262 -41.22 -37.53 19.64
N LEU F 263 -40.56 -38.68 19.79
CA LEU F 263 -40.77 -39.81 18.90
C LEU F 263 -42.23 -40.27 18.89
N VAL F 264 -42.83 -40.37 20.07
CA VAL F 264 -44.22 -40.81 20.18
C VAL F 264 -45.14 -39.78 19.51
N GLN F 265 -44.66 -38.54 19.41
CA GLN F 265 -45.36 -37.51 18.68
C GLN F 265 -45.01 -37.63 17.19
N ALA F 266 -43.75 -37.97 16.92
CA ALA F 266 -43.26 -38.14 15.56
C ALA F 266 -43.93 -39.30 14.85
N MET F 267 -43.84 -40.48 15.45
CA MET F 267 -44.46 -41.69 14.90
C MET F 267 -45.97 -41.53 14.73
N ALA F 268 -46.57 -40.69 15.56
CA ALA F 268 -48.01 -40.43 15.52
C ALA F 268 -48.40 -39.71 14.24
N TRP F 269 -47.77 -38.56 13.99
CA TRP F 269 -48.03 -37.78 12.79
C TRP F 269 -47.68 -38.55 11.51
N LEU F 270 -46.79 -39.52 11.64
CA LEU F 270 -46.40 -40.36 10.51
C LEU F 270 -47.38 -41.51 10.29
N GLY F 271 -48.50 -41.49 11.01
CA GLY F 271 -49.53 -42.49 10.85
C GLY F 271 -49.29 -43.75 11.67
N ARG F 272 -48.03 -44.14 11.79
CA ARG F 272 -47.66 -45.30 12.58
C ARG F 272 -47.95 -45.07 14.06
N VAL F 273 -49.23 -45.21 14.41
CA VAL F 273 -49.71 -44.85 15.74
C VAL F 273 -49.52 -45.98 16.76
N LYS F 274 -49.45 -47.22 16.27
CA LYS F 274 -49.29 -48.36 17.17
C LYS F 274 -47.93 -48.35 17.84
N GLU F 275 -46.90 -47.94 17.08
CA GLU F 275 -45.55 -47.82 17.62
C GLU F 275 -45.42 -46.57 18.48
N SER F 276 -46.27 -45.59 18.21
CA SER F 276 -46.28 -44.34 18.98
C SER F 276 -46.78 -44.56 20.41
N PHE F 277 -47.39 -45.72 20.65
CA PHE F 277 -47.90 -46.05 21.96
C PHE F 277 -46.84 -46.75 22.80
N ASN F 278 -46.27 -47.82 22.25
CA ASN F 278 -45.30 -48.63 22.97
C ASN F 278 -44.02 -47.88 23.33
N LEU F 279 -43.78 -46.76 22.65
CA LEU F 279 -42.62 -45.94 22.94
C LEU F 279 -42.79 -45.17 24.25
N ASN F 280 -44.04 -44.99 24.65
CA ASN F 280 -44.34 -44.33 25.93
C ASN F 280 -43.97 -45.24 27.11
N LEU F 281 -43.66 -46.50 26.82
CA LEU F 281 -43.28 -47.46 27.84
C LEU F 281 -41.81 -47.27 28.21
N ALA F 282 -41.10 -46.48 27.42
CA ALA F 282 -39.68 -46.25 27.63
C ALA F 282 -39.40 -45.30 28.78
N VAL F 283 -40.15 -44.20 28.85
CA VAL F 283 -39.90 -43.16 29.84
C VAL F 283 -40.00 -43.65 31.31
N PRO F 284 -40.92 -44.58 31.62
CA PRO F 284 -40.81 -45.11 33.00
C PRO F 284 -39.50 -45.85 33.20
N ILE F 285 -39.08 -46.65 32.22
CA ILE F 285 -37.80 -47.34 32.28
C ILE F 285 -36.64 -46.33 32.33
N ILE F 286 -36.81 -45.24 31.58
CA ILE F 286 -35.80 -44.17 31.56
C ILE F 286 -35.62 -43.53 32.94
N ILE F 287 -36.71 -42.97 33.47
CA ILE F 287 -36.65 -42.31 34.77
C ILE F 287 -36.57 -43.33 35.91
N GLY F 288 -36.95 -44.57 35.61
CA GLY F 288 -36.85 -45.64 36.60
C GLY F 288 -35.40 -45.99 36.86
N ALA F 289 -34.65 -46.23 35.79
CA ALA F 289 -33.21 -46.48 35.90
C ALA F 289 -32.49 -45.21 36.32
N GLY F 290 -33.15 -44.07 36.11
CA GLY F 290 -32.61 -42.78 36.53
C GLY F 290 -32.68 -42.59 38.02
N ILE F 291 -33.72 -43.15 38.63
CA ILE F 291 -33.86 -43.14 40.09
C ILE F 291 -32.85 -44.12 40.70
N ILE F 292 -32.68 -45.27 40.05
CA ILE F 292 -31.55 -46.15 40.33
C ILE F 292 -30.30 -45.40 39.86
N VAL F 293 -29.11 -45.96 40.10
CA VAL F 293 -27.84 -45.22 40.04
C VAL F 293 -28.06 -43.78 40.51
N ASP F 294 -28.29 -43.66 41.81
CA ASP F 294 -28.71 -42.41 42.46
C ASP F 294 -27.88 -41.20 42.05
PA GST G . 41.79 37.18 -45.65
O1A GST G . 40.53 37.92 -45.24
O2A GST G . 41.42 35.85 -46.29
O3A GST G . 42.54 38.01 -46.67
O1B GST G . 42.76 36.90 -44.41
PB GST G . 44.21 36.26 -44.49
O2B GST G . 45.11 36.93 -43.48
O3B GST G . 44.78 36.49 -45.88
S1 GST G . 44.18 34.23 -44.11
C1 GST G . 45.69 33.50 -44.69
C2 GST G . 46.42 32.78 -43.57
C3 GST G . 46.49 31.43 -43.55
C10 GST G . 45.61 30.59 -44.44
C4 GST G . 47.41 30.75 -42.55
C5 GST G . 48.66 31.58 -42.36
C6 GST G . 49.53 30.92 -41.33
C7 GST G . 49.48 31.37 -40.05
C9 GST G . 49.69 32.84 -39.79
C8 GST G . 48.88 30.48 -38.98
C1' PHB H . 47.43 34.01 -36.01
O1' PHB H . 46.83 34.43 -34.98
O2' PHB H . 48.66 33.74 -35.96
C1 PHB H . 46.71 33.83 -37.32
C2 PHB H . 46.51 34.91 -38.15
C3 PHB H . 45.84 34.72 -39.35
C4 PHB H . 45.41 33.47 -39.72
C5 PHB H . 45.61 32.38 -38.89
C6 PHB H . 46.27 32.56 -37.68
O4 PHB H . 44.74 33.28 -40.94
MG MG I . 39.41 39.55 -46.51
MG MG J . 44.11 38.72 -47.82
PA GST K . 44.34 30.81 6.58
O1A GST K . 45.57 31.66 6.35
O2A GST K . 44.76 29.38 6.85
O3A GST K . 43.59 31.34 7.79
O1B GST K . 43.38 30.85 5.32
PB GST K . 41.96 30.18 5.24
O2B GST K . 41.06 30.98 4.32
O3B GST K . 41.33 30.12 6.62
S1 GST K . 42.07 28.24 4.51
C1 GST K . 40.50 27.44 4.75
C2 GST K . 39.97 26.90 3.43
C3 GST K . 40.01 25.57 3.17
C10 GST K . 40.97 24.68 3.94
C4 GST K . 39.06 24.96 2.17
C5 GST K . 37.77 25.76 2.12
C6 GST K . 36.95 25.32 0.94
C7 GST K . 36.43 26.24 0.08
C9 GST K . 36.08 27.62 0.58
C8 GST K . 36.58 26.01 -1.41
C1' PHB L . 38.17 29.13 -3.36
O1' PHB L . 38.46 29.83 -4.36
O2' PHB L . 37.06 28.54 -3.29
C1 PHB L . 39.15 28.98 -2.21
C2 PHB L . 39.37 30.03 -1.34
C3 PHB L . 40.26 29.88 -0.29
C4 PHB L . 40.91 28.67 -0.10
C5 PHB L . 40.68 27.61 -0.96
C6 PHB L . 39.80 27.76 -2.01
O4 PHB L . 41.81 28.52 0.98
MG MG M . 45.84 33.58 7.42
MG MG N . 41.72 31.64 8.71
PA GST O . 1.37 2.64 21.31
O1A GST O . 0.42 1.47 21.47
O2A GST O . 2.56 2.21 20.50
O3A GST O . 0.66 3.76 20.60
O1B GST O . 1.86 3.15 22.73
PB GST O . 2.87 4.36 22.96
O2B GST O . 2.66 4.91 24.35
O3B GST O . 2.61 5.44 21.94
S1 GST O . 4.84 3.71 22.78
C1 GST O . 5.92 5.11 22.78
C2 GST O . 6.51 5.35 24.15
C3 GST O . 7.76 4.90 24.45
C10 GST O . 8.44 3.89 23.56
C4 GST O . 8.48 5.45 25.66
C5 GST O . 7.96 6.82 26.04
C6 GST O . 8.84 7.42 27.11
C7 GST O . 8.29 7.92 28.24
C9 GST O . 7.25 9.02 28.16
C8 GST O . 8.65 7.31 29.59
C1' PHB P . 5.89 5.54 32.17
O1' PHB P . 5.52 4.98 33.24
O2' PHB P . 6.59 6.58 32.21
C1 PHB P . 5.53 4.98 30.82
C2 PHB P . 4.34 5.35 30.22
C3 PHB P . 4.00 4.83 28.98
C4 PHB P . 4.86 3.95 28.35
C5 PHB P . 6.06 3.57 28.95
C6 PHB P . 6.38 4.09 30.19
O4 PHB P . 4.52 3.42 27.08
MG MG Q . -1.52 1.20 20.47
MG MG R . 0.35 5.79 20.16
PA GST S . -22.72 -3.47 -37.65
O1A GST S . -23.92 -2.72 -37.09
O2A GST S . -23.19 -4.57 -38.58
O3A GST S . -21.85 -2.51 -38.41
O1B GST S . -21.86 -4.11 -36.47
PB GST S . -20.58 -5.02 -36.68
O2B GST S . -19.65 -4.89 -35.50
O3B GST S . -19.85 -4.59 -37.94
S1 GST S . -21.13 -7.02 -36.89
C1 GST S . -19.76 -7.91 -37.60
C2 GST S . -19.18 -8.87 -36.59
C3 GST S . -19.45 -10.19 -36.67
C10 GST S . -20.55 -10.69 -37.60
C4 GST S . -18.66 -11.19 -35.86
C5 GST S . -17.31 -10.60 -35.47
C6 GST S . -16.41 -11.71 -34.98
C7 GST S . -15.62 -11.53 -33.91
C9 GST S . -15.20 -10.12 -33.52
C8 GST S . -15.49 -12.64 -32.89
C1' PHB T . -17.23 -9.72 -29.45
O1' PHB T . -17.46 -9.41 -28.24
O2' PHB T . -16.14 -10.25 -29.78
C1 PHB T . -18.27 -9.46 -30.52
C2 PHB T . -18.56 -8.15 -30.90
C3 PHB T . -19.50 -7.91 -31.88
C4 PHB T . -20.15 -8.98 -32.50
C5 PHB T . -19.85 -10.28 -32.12
C6 PHB T . -18.91 -10.52 -31.13
O4 PHB T . -21.10 -8.74 -33.50
MG MG U . -24.72 -0.71 -37.60
MG MG V . -20.09 -1.84 -39.38
PA GST W . -20.77 -14.48 13.56
O1A GST W . -19.35 -13.96 13.60
O2A GST W . -20.87 -15.77 14.35
O3A GST W . -21.68 -13.46 14.21
O1B GST W . -21.25 -14.72 12.07
PB GST W . -22.70 -15.19 11.63
O2B GST W . -22.99 -14.76 10.21
O3B GST W . -23.73 -14.56 12.54
S1 GST W . -22.89 -17.26 11.75
C1 GST W . -24.59 -17.68 12.05
C2 GST W . -25.32 -17.87 10.73
C3 GST W . -25.47 -19.10 10.21
C10 GST W . -24.78 -20.28 10.84
C4 GST W . -26.38 -19.31 9.01
C5 GST W . -27.63 -18.48 9.15
C6 GST W . -28.65 -18.96 8.15
C7 GST W . -28.57 -18.60 6.85
C9 GST W . -28.91 -17.17 6.45
C8 GST W . -28.47 -19.67 5.78
C1' PHB X . -26.49 -14.56 3.09
O1' PHB X . -25.87 -13.82 2.29
O2' PHB X . -27.71 -14.84 2.89
C1 PHB X . -25.79 -15.14 4.30
C2 PHB X . -25.55 -14.34 5.41
C3 PHB X . -24.91 -14.88 6.51
C4 PHB X . -24.50 -16.21 6.50
C5 PHB X . -24.74 -17.00 5.39
C6 PHB X . -25.39 -16.47 4.29
O4 PHB X . -23.84 -16.76 7.62
MG MG Y . -18.35 -12.44 14.98
MG MG Z . -23.01 -13.71 15.76
PA GST AA . -60.47 -48.64 26.28
O1A GST AA . -61.85 -49.26 26.45
O2A GST AA . -59.51 -49.69 25.80
O3A GST AA . -60.57 -47.52 25.27
O1B GST AA . -59.97 -48.04 27.66
PB GST AA . -58.58 -47.31 27.86
O2B GST AA . -58.57 -46.56 29.17
O3B GST AA . -58.38 -46.32 26.73
S1 GST AA . -57.03 -48.68 27.84
C1 GST AA . -55.52 -47.82 27.42
C2 GST AA . -54.61 -47.71 28.61
C3 GST AA . -53.58 -48.58 28.76
C10 GST AA . -53.46 -49.78 27.83
C4 GST AA . -52.58 -48.38 29.87
C5 GST AA . -52.46 -46.91 30.21
C6 GST AA . -51.65 -46.74 31.48
C7 GST AA . -51.75 -45.61 32.23
C9 GST AA . -52.38 -44.36 31.63
C8 GST AA . -51.57 -45.69 33.72
C1' PHB BA . -55.27 -46.84 36.57
O1' PHB BA . -56.25 -46.83 37.36
O2' PHB BA . -54.15 -46.39 36.96
C1 PHB BA . -55.43 -47.39 35.17
C2 PHB BA . -56.37 -46.83 34.31
C3 PHB BA . -56.52 -47.32 33.03
C4 PHB BA . -55.74 -48.38 32.59
C5 PHB BA . -54.80 -48.95 33.44
C6 PHB BA . -54.64 -48.45 34.73
O4 PHB BA . -55.90 -48.88 31.28
MG MG CA . -63.88 -49.00 25.80
MG MG DA . -60.29 -45.44 25.23
#